data_5ML8
# 
_entry.id   5ML8 
# 
_audit_conform.dict_name       mmcif_pdbx.dic 
_audit_conform.dict_version    5.383 
_audit_conform.dict_location   http://mmcif.pdb.org/dictionaries/ascii/mmcif_pdbx.dic 
# 
loop_
_database_2.database_id 
_database_2.database_code 
_database_2.pdbx_database_accession 
_database_2.pdbx_DOI 
PDB   5ML8         pdb_00005ml8 10.2210/pdb5ml8/pdb 
WWPDB D_1200002638 ?            ?                   
# 
loop_
_pdbx_audit_revision_history.ordinal 
_pdbx_audit_revision_history.data_content_type 
_pdbx_audit_revision_history.major_revision 
_pdbx_audit_revision_history.minor_revision 
_pdbx_audit_revision_history.revision_date 
1 'Structure model' 1 0 2017-02-01 
2 'Structure model' 1 1 2017-02-22 
3 'Structure model' 1 2 2024-01-17 
# 
_pdbx_audit_revision_details.ordinal             1 
_pdbx_audit_revision_details.revision_ordinal    1 
_pdbx_audit_revision_details.data_content_type   'Structure model' 
_pdbx_audit_revision_details.provider            repository 
_pdbx_audit_revision_details.type                'Initial release' 
_pdbx_audit_revision_details.description         ? 
_pdbx_audit_revision_details.details             ? 
# 
loop_
_pdbx_audit_revision_group.ordinal 
_pdbx_audit_revision_group.revision_ordinal 
_pdbx_audit_revision_group.data_content_type 
_pdbx_audit_revision_group.group 
1 2 'Structure model' 'Database references'        
2 3 'Structure model' 'Author supporting evidence' 
3 3 'Structure model' 'Data collection'            
4 3 'Structure model' 'Database references'        
5 3 'Structure model' 'Refinement description'     
# 
loop_
_pdbx_audit_revision_category.ordinal 
_pdbx_audit_revision_category.revision_ordinal 
_pdbx_audit_revision_category.data_content_type 
_pdbx_audit_revision_category.category 
1 3 'Structure model' chem_comp_atom                
2 3 'Structure model' chem_comp_bond                
3 3 'Structure model' database_2                    
4 3 'Structure model' pdbx_audit_support            
5 3 'Structure model' pdbx_initial_refinement_model 
# 
loop_
_pdbx_audit_revision_item.ordinal 
_pdbx_audit_revision_item.revision_ordinal 
_pdbx_audit_revision_item.data_content_type 
_pdbx_audit_revision_item.item 
1 3 'Structure model' '_database_2.pdbx_DOI'                     
2 3 'Structure model' '_database_2.pdbx_database_accession'      
3 3 'Structure model' '_pdbx_audit_support.funding_organization' 
# 
_pdbx_database_status.status_code                     REL 
_pdbx_database_status.status_code_sf                  REL 
_pdbx_database_status.status_code_mr                  ? 
_pdbx_database_status.entry_id                        5ML8 
_pdbx_database_status.recvd_initial_deposition_date   2016-12-06 
_pdbx_database_status.SG_entry                        N 
_pdbx_database_status.deposit_site                    PDBE 
_pdbx_database_status.process_site                    PDBE 
_pdbx_database_status.status_code_cs                  ? 
_pdbx_database_status.methods_development_category    ? 
_pdbx_database_status.pdb_format_compatible           Y 
_pdbx_database_status.status_code_nmr_data            ? 
# 
loop_
_audit_author.name 
_audit_author.pdbx_ordinal 
_audit_author.identifier_ORCID 
'Fansa, E.K.'      1 ? 
'Martin-Gago, P.'  2 ? 
'Waldmann, H.'     3 ? 
'Wittinghofer, A.' 4 ? 
# 
_citation.abstract                  ? 
_citation.abstract_id_CAS           ? 
_citation.book_id_ISBN              ? 
_citation.book_publisher            ? 
_citation.book_publisher_city       ? 
_citation.book_title                ? 
_citation.coordinate_linkage        ? 
_citation.country                   GE 
_citation.database_id_Medline       ? 
_citation.details                   ? 
_citation.id                        primary 
_citation.journal_abbrev            'Angew. Chem. Int. Ed. Engl.' 
_citation.journal_id_ASTM           ACIEAY 
_citation.journal_id_CSD            0179 
_citation.journal_id_ISSN           1521-3773 
_citation.journal_full              ? 
_citation.journal_issue             ? 
_citation.journal_volume            56 
_citation.language                  ? 
_citation.page_first                2423 
_citation.page_last                 2428 
_citation.title                     
;A PDE6 delta-KRas Inhibitor Chemotype with up to Seven H-Bonds and Picomolar Affinity that Prevents Efficient Inhibitor Release by Arl2.
;
_citation.year                      2017 
_citation.database_id_CSD           ? 
_citation.pdbx_database_id_DOI      10.1002/anie.201610957 
_citation.pdbx_database_id_PubMed   28106325 
_citation.unpublished_flag          ? 
# 
loop_
_citation_author.citation_id 
_citation_author.name 
_citation_author.ordinal 
_citation_author.identifier_ORCID 
primary 'Martin-Gago, P.'        1  ? 
primary 'Fansa, E.K.'            2  ? 
primary 'Klein, C.H.'            3  ? 
primary 'Murarka, S.'            4  ? 
primary 'Janning, P.'            5  ? 
primary 'Schurmann, M.'          6  ? 
primary 'Metz, M.'               7  ? 
primary 'Ismail, S.'             8  ? 
primary 'Schultz-Fademrecht, C.' 9  ? 
primary 'Baumann, M.'            10 ? 
primary 'Bastiaens, P.I.'        11 ? 
primary 'Wittinghofer, A.'       12 ? 
primary 'Waldmann, H.'           13 ? 
# 
loop_
_entity.id 
_entity.type 
_entity.src_method 
_entity.pdbx_description 
_entity.formula_weight 
_entity.pdbx_number_of_molecules 
_entity.pdbx_ec 
_entity.pdbx_mutation 
_entity.pdbx_fragment 
_entity.details 
1 polymer     man 
;Retinal rod rhodopsin-sensitive cGMP 3',5'-cyclic phosphodiesterase subunit delta
;
17309.793 1  ? ? ? ? 
2 non-polymer syn 
'~{N}4-[(4-chlorophenyl)methyl]-~{N}4-cyclopentyl-~{N}1-(phenylmethyl)-~{N}1-(piperidin-4-ylmethyl)benzene-1,4-disulfonamide' 
616.234   1  ? ? ? ? 
3 water       nat water 18.015    22 ? ? ? ? 
# 
_entity_name_com.entity_id   1 
_entity_name_com.name        'GMP-PDE delta,Protein p17' 
# 
_entity_poly.entity_id                      1 
_entity_poly.type                           'polypeptide(L)' 
_entity_poly.nstd_linkage                   no 
_entity_poly.nstd_monomer                   no 
_entity_poly.pdbx_seq_one_letter_code       
;SAKDERAREILRGFKLNWMNLRDAETGKILWQGTEDLSVPGVEHEARVPKKILKCKAVSRELNFSSTEQMEKFRLEQKVY
FKGQCLEEWFFEFGFVIPNSTNTWQSLIEAAPESQMMPASVLTGNVIIETKFFDDDLLVSTSRVRLFYV
;
_entity_poly.pdbx_seq_one_letter_code_can   
;SAKDERAREILRGFKLNWMNLRDAETGKILWQGTEDLSVPGVEHEARVPKKILKCKAVSRELNFSSTEQMEKFRLEQKVY
FKGQCLEEWFFEFGFVIPNSTNTWQSLIEAAPESQMMPASVLTGNVIIETKFFDDDLLVSTSRVRLFYV
;
_entity_poly.pdbx_strand_id                 B 
_entity_poly.pdbx_target_identifier         ? 
# 
loop_
_pdbx_entity_nonpoly.entity_id 
_pdbx_entity_nonpoly.name 
_pdbx_entity_nonpoly.comp_id 
2 '~{N}4-[(4-chlorophenyl)methyl]-~{N}4-cyclopentyl-~{N}1-(phenylmethyl)-~{N}1-(piperidin-4-ylmethyl)benzene-1,4-disulfonamide' 
V98 
3 water                                                                                                                         
HOH 
# 
loop_
_entity_poly_seq.entity_id 
_entity_poly_seq.num 
_entity_poly_seq.mon_id 
_entity_poly_seq.hetero 
1 1   SER n 
1 2   ALA n 
1 3   LYS n 
1 4   ASP n 
1 5   GLU n 
1 6   ARG n 
1 7   ALA n 
1 8   ARG n 
1 9   GLU n 
1 10  ILE n 
1 11  LEU n 
1 12  ARG n 
1 13  GLY n 
1 14  PHE n 
1 15  LYS n 
1 16  LEU n 
1 17  ASN n 
1 18  TRP n 
1 19  MET n 
1 20  ASN n 
1 21  LEU n 
1 22  ARG n 
1 23  ASP n 
1 24  ALA n 
1 25  GLU n 
1 26  THR n 
1 27  GLY n 
1 28  LYS n 
1 29  ILE n 
1 30  LEU n 
1 31  TRP n 
1 32  GLN n 
1 33  GLY n 
1 34  THR n 
1 35  GLU n 
1 36  ASP n 
1 37  LEU n 
1 38  SER n 
1 39  VAL n 
1 40  PRO n 
1 41  GLY n 
1 42  VAL n 
1 43  GLU n 
1 44  HIS n 
1 45  GLU n 
1 46  ALA n 
1 47  ARG n 
1 48  VAL n 
1 49  PRO n 
1 50  LYS n 
1 51  LYS n 
1 52  ILE n 
1 53  LEU n 
1 54  LYS n 
1 55  CYS n 
1 56  LYS n 
1 57  ALA n 
1 58  VAL n 
1 59  SER n 
1 60  ARG n 
1 61  GLU n 
1 62  LEU n 
1 63  ASN n 
1 64  PHE n 
1 65  SER n 
1 66  SER n 
1 67  THR n 
1 68  GLU n 
1 69  GLN n 
1 70  MET n 
1 71  GLU n 
1 72  LYS n 
1 73  PHE n 
1 74  ARG n 
1 75  LEU n 
1 76  GLU n 
1 77  GLN n 
1 78  LYS n 
1 79  VAL n 
1 80  TYR n 
1 81  PHE n 
1 82  LYS n 
1 83  GLY n 
1 84  GLN n 
1 85  CYS n 
1 86  LEU n 
1 87  GLU n 
1 88  GLU n 
1 89  TRP n 
1 90  PHE n 
1 91  PHE n 
1 92  GLU n 
1 93  PHE n 
1 94  GLY n 
1 95  PHE n 
1 96  VAL n 
1 97  ILE n 
1 98  PRO n 
1 99  ASN n 
1 100 SER n 
1 101 THR n 
1 102 ASN n 
1 103 THR n 
1 104 TRP n 
1 105 GLN n 
1 106 SER n 
1 107 LEU n 
1 108 ILE n 
1 109 GLU n 
1 110 ALA n 
1 111 ALA n 
1 112 PRO n 
1 113 GLU n 
1 114 SER n 
1 115 GLN n 
1 116 MET n 
1 117 MET n 
1 118 PRO n 
1 119 ALA n 
1 120 SER n 
1 121 VAL n 
1 122 LEU n 
1 123 THR n 
1 124 GLY n 
1 125 ASN n 
1 126 VAL n 
1 127 ILE n 
1 128 ILE n 
1 129 GLU n 
1 130 THR n 
1 131 LYS n 
1 132 PHE n 
1 133 PHE n 
1 134 ASP n 
1 135 ASP n 
1 136 ASP n 
1 137 LEU n 
1 138 LEU n 
1 139 VAL n 
1 140 SER n 
1 141 THR n 
1 142 SER n 
1 143 ARG n 
1 144 VAL n 
1 145 ARG n 
1 146 LEU n 
1 147 PHE n 
1 148 TYR n 
1 149 VAL n 
# 
_entity_src_gen.entity_id                          1 
_entity_src_gen.pdbx_src_id                        1 
_entity_src_gen.pdbx_alt_source_flag               sample 
_entity_src_gen.pdbx_seq_type                      'Biological sequence' 
_entity_src_gen.pdbx_beg_seq_num                   1 
_entity_src_gen.pdbx_end_seq_num                   149 
_entity_src_gen.gene_src_common_name               Human 
_entity_src_gen.gene_src_genus                     ? 
_entity_src_gen.pdbx_gene_src_gene                 'PDE6D, PDED' 
_entity_src_gen.gene_src_species                   ? 
_entity_src_gen.gene_src_strain                    ? 
_entity_src_gen.gene_src_tissue                    ? 
_entity_src_gen.gene_src_tissue_fraction           ? 
_entity_src_gen.gene_src_details                   ? 
_entity_src_gen.pdbx_gene_src_fragment             ? 
_entity_src_gen.pdbx_gene_src_scientific_name      'Homo sapiens' 
_entity_src_gen.pdbx_gene_src_ncbi_taxonomy_id     9606 
_entity_src_gen.pdbx_gene_src_variant              ? 
_entity_src_gen.pdbx_gene_src_cell_line            ? 
_entity_src_gen.pdbx_gene_src_atcc                 ? 
_entity_src_gen.pdbx_gene_src_organ                ? 
_entity_src_gen.pdbx_gene_src_organelle            ? 
_entity_src_gen.pdbx_gene_src_cell                 ? 
_entity_src_gen.pdbx_gene_src_cellular_location    ? 
_entity_src_gen.host_org_common_name               ? 
_entity_src_gen.pdbx_host_org_scientific_name      'Escherichia coli' 
_entity_src_gen.pdbx_host_org_ncbi_taxonomy_id     562 
_entity_src_gen.host_org_genus                     ? 
_entity_src_gen.pdbx_host_org_gene                 ? 
_entity_src_gen.pdbx_host_org_organ                ? 
_entity_src_gen.host_org_species                   ? 
_entity_src_gen.pdbx_host_org_tissue               ? 
_entity_src_gen.pdbx_host_org_tissue_fraction      ? 
_entity_src_gen.pdbx_host_org_strain               ? 
_entity_src_gen.pdbx_host_org_variant              ? 
_entity_src_gen.pdbx_host_org_cell_line            ? 
_entity_src_gen.pdbx_host_org_atcc                 ? 
_entity_src_gen.pdbx_host_org_culture_collection   ? 
_entity_src_gen.pdbx_host_org_cell                 ? 
_entity_src_gen.pdbx_host_org_organelle            ? 
_entity_src_gen.pdbx_host_org_cellular_location    ? 
_entity_src_gen.pdbx_host_org_vector_type          ? 
_entity_src_gen.pdbx_host_org_vector               ? 
_entity_src_gen.host_org_details                   ? 
_entity_src_gen.expression_system_id               ? 
_entity_src_gen.plasmid_name                       ? 
_entity_src_gen.plasmid_details                    ? 
_entity_src_gen.pdbx_description                   ? 
# 
loop_
_chem_comp.id 
_chem_comp.type 
_chem_comp.mon_nstd_flag 
_chem_comp.name 
_chem_comp.pdbx_synonyms 
_chem_comp.formula 
_chem_comp.formula_weight 
ALA 'L-peptide linking' y ALANINE ? 'C3 H7 N O2'          89.093  
ARG 'L-peptide linking' y ARGININE ? 'C6 H15 N4 O2 1'      175.209 
ASN 'L-peptide linking' y ASPARAGINE ? 'C4 H8 N2 O3'         132.118 
ASP 'L-peptide linking' y 'ASPARTIC ACID' ? 'C4 H7 N O4'          133.103 
CYS 'L-peptide linking' y CYSTEINE ? 'C3 H7 N O2 S'        121.158 
GLN 'L-peptide linking' y GLUTAMINE ? 'C5 H10 N2 O3'        146.144 
GLU 'L-peptide linking' y 'GLUTAMIC ACID' ? 'C5 H9 N O4'          147.129 
GLY 'peptide linking'   y GLYCINE ? 'C2 H5 N O2'          75.067  
HIS 'L-peptide linking' y HISTIDINE ? 'C6 H10 N3 O2 1'      156.162 
HOH non-polymer         . WATER ? 'H2 O'                18.015  
ILE 'L-peptide linking' y ISOLEUCINE ? 'C6 H13 N O2'         131.173 
LEU 'L-peptide linking' y LEUCINE ? 'C6 H13 N O2'         131.173 
LYS 'L-peptide linking' y LYSINE ? 'C6 H15 N2 O2 1'      147.195 
MET 'L-peptide linking' y METHIONINE ? 'C5 H11 N O2 S'       149.211 
PHE 'L-peptide linking' y PHENYLALANINE ? 'C9 H11 N O2'         165.189 
PRO 'L-peptide linking' y PROLINE ? 'C5 H9 N O2'          115.130 
SER 'L-peptide linking' y SERINE ? 'C3 H7 N O3'          105.093 
THR 'L-peptide linking' y THREONINE ? 'C4 H9 N O3'          119.119 
TRP 'L-peptide linking' y TRYPTOPHAN ? 'C11 H12 N2 O2'       204.225 
TYR 'L-peptide linking' y TYROSINE ? 'C9 H11 N O3'         181.189 
V98 non-polymer         . 
'~{N}4-[(4-chlorophenyl)methyl]-~{N}4-cyclopentyl-~{N}1-(phenylmethyl)-~{N}1-(piperidin-4-ylmethyl)benzene-1,4-disulfonamide' ? 
'C31 H38 Cl N3 O4 S2' 616.234 
VAL 'L-peptide linking' y VALINE ? 'C5 H11 N O2'         117.146 
# 
loop_
_pdbx_poly_seq_scheme.asym_id 
_pdbx_poly_seq_scheme.entity_id 
_pdbx_poly_seq_scheme.seq_id 
_pdbx_poly_seq_scheme.mon_id 
_pdbx_poly_seq_scheme.ndb_seq_num 
_pdbx_poly_seq_scheme.pdb_seq_num 
_pdbx_poly_seq_scheme.auth_seq_num 
_pdbx_poly_seq_scheme.pdb_mon_id 
_pdbx_poly_seq_scheme.auth_mon_id 
_pdbx_poly_seq_scheme.pdb_strand_id 
_pdbx_poly_seq_scheme.pdb_ins_code 
_pdbx_poly_seq_scheme.hetero 
A 1 1   SER 1   2   2   SER SER B . n 
A 1 2   ALA 2   3   3   ALA ALA B . n 
A 1 3   LYS 3   4   4   LYS LYS B . n 
A 1 4   ASP 4   5   5   ASP ASP B . n 
A 1 5   GLU 5   6   6   GLU GLU B . n 
A 1 6   ARG 6   7   7   ARG ARG B . n 
A 1 7   ALA 7   8   8   ALA ALA B . n 
A 1 8   ARG 8   9   9   ARG ARG B . n 
A 1 9   GLU 9   10  10  GLU GLU B . n 
A 1 10  ILE 10  11  11  ILE ILE B . n 
A 1 11  LEU 11  12  12  LEU LEU B . n 
A 1 12  ARG 12  13  13  ARG ARG B . n 
A 1 13  GLY 13  14  14  GLY GLY B . n 
A 1 14  PHE 14  15  15  PHE PHE B . n 
A 1 15  LYS 15  16  16  LYS LYS B . n 
A 1 16  LEU 16  17  17  LEU LEU B . n 
A 1 17  ASN 17  18  18  ASN ASN B . n 
A 1 18  TRP 18  19  19  TRP TRP B . n 
A 1 19  MET 19  20  20  MET MET B . n 
A 1 20  ASN 20  21  21  ASN ASN B . n 
A 1 21  LEU 21  22  22  LEU LEU B . n 
A 1 22  ARG 22  23  23  ARG ARG B . n 
A 1 23  ASP 23  24  24  ASP ASP B . n 
A 1 24  ALA 24  25  25  ALA ALA B . n 
A 1 25  GLU 25  26  26  GLU ALA B . n 
A 1 26  THR 26  27  27  THR THR B . n 
A 1 27  GLY 27  28  28  GLY GLY B . n 
A 1 28  LYS 28  29  29  LYS LYS B . n 
A 1 29  ILE 29  30  30  ILE ILE B . n 
A 1 30  LEU 30  31  31  LEU LEU B . n 
A 1 31  TRP 31  32  32  TRP TRP B . n 
A 1 32  GLN 32  33  33  GLN GLN B . n 
A 1 33  GLY 33  34  34  GLY GLY B . n 
A 1 34  THR 34  35  35  THR THR B . n 
A 1 35  GLU 35  36  36  GLU GLU B . n 
A 1 36  ASP 36  37  37  ASP ASP B . n 
A 1 37  LEU 37  38  38  LEU LEU B . n 
A 1 38  SER 38  39  39  SER SER B . n 
A 1 39  VAL 39  40  40  VAL VAL B . n 
A 1 40  PRO 40  41  41  PRO PRO B . n 
A 1 41  GLY 41  42  42  GLY GLY B . n 
A 1 42  VAL 42  43  43  VAL VAL B . n 
A 1 43  GLU 43  44  44  GLU GLU B . n 
A 1 44  HIS 44  45  45  HIS HIS B . n 
A 1 45  GLU 45  46  46  GLU GLU B . n 
A 1 46  ALA 46  47  47  ALA ALA B . n 
A 1 47  ARG 47  48  48  ARG ARG B . n 
A 1 48  VAL 48  49  49  VAL VAL B . n 
A 1 49  PRO 49  50  50  PRO PRO B . n 
A 1 50  LYS 50  51  51  LYS LYS B . n 
A 1 51  LYS 51  52  52  LYS LYS B . n 
A 1 52  ILE 52  53  53  ILE ILE B . n 
A 1 53  LEU 53  54  54  LEU LEU B . n 
A 1 54  LYS 54  55  55  LYS LYS B . n 
A 1 55  CYS 55  56  56  CYS CYS B . n 
A 1 56  LYS 56  57  57  LYS LYS B . n 
A 1 57  ALA 57  58  58  ALA ALA B . n 
A 1 58  VAL 58  59  59  VAL VAL B . n 
A 1 59  SER 59  60  60  SER SER B . n 
A 1 60  ARG 60  61  61  ARG ARG B . n 
A 1 61  GLU 61  62  62  GLU GLU B . n 
A 1 62  LEU 62  63  63  LEU LEU B . n 
A 1 63  ASN 63  64  64  ASN ASN B . n 
A 1 64  PHE 64  65  65  PHE PHE B . n 
A 1 65  SER 65  66  66  SER SER B . n 
A 1 66  SER 66  67  67  SER SER B . n 
A 1 67  THR 67  68  68  THR THR B . n 
A 1 68  GLU 68  69  69  GLU GLU B . n 
A 1 69  GLN 69  70  70  GLN GLN B . n 
A 1 70  MET 70  71  71  MET MET B . n 
A 1 71  GLU 71  72  72  GLU GLU B . n 
A 1 72  LYS 72  73  73  LYS LYS B . n 
A 1 73  PHE 73  74  74  PHE PHE B . n 
A 1 74  ARG 74  75  75  ARG ARG B . n 
A 1 75  LEU 75  76  76  LEU LEU B . n 
A 1 76  GLU 76  77  77  GLU GLU B . n 
A 1 77  GLN 77  78  78  GLN GLN B . n 
A 1 78  LYS 78  79  79  LYS LYS B . n 
A 1 79  VAL 79  80  80  VAL VAL B . n 
A 1 80  TYR 80  81  81  TYR TYR B . n 
A 1 81  PHE 81  82  82  PHE PHE B . n 
A 1 82  LYS 82  83  83  LYS LYS B . n 
A 1 83  GLY 83  84  84  GLY GLY B . n 
A 1 84  GLN 84  85  85  GLN GLN B . n 
A 1 85  CYS 85  86  86  CYS CYS B . n 
A 1 86  LEU 86  87  87  LEU LEU B . n 
A 1 87  GLU 87  88  88  GLU GLU B . n 
A 1 88  GLU 88  89  89  GLU GLU B . n 
A 1 89  TRP 89  90  90  TRP TRP B . n 
A 1 90  PHE 90  91  91  PHE PHE B . n 
A 1 91  PHE 91  92  92  PHE PHE B . n 
A 1 92  GLU 92  93  93  GLU GLU B . n 
A 1 93  PHE 93  94  94  PHE PHE B . n 
A 1 94  GLY 94  95  95  GLY GLY B . n 
A 1 95  PHE 95  96  96  PHE PHE B . n 
A 1 96  VAL 96  97  97  VAL VAL B . n 
A 1 97  ILE 97  98  98  ILE ILE B . n 
A 1 98  PRO 98  99  99  PRO PRO B . n 
A 1 99  ASN 99  100 100 ASN ASN B . n 
A 1 100 SER 100 101 101 SER SER B . n 
A 1 101 THR 101 102 102 THR THR B . n 
A 1 102 ASN 102 103 103 ASN ASN B . n 
A 1 103 THR 103 104 104 THR THR B . n 
A 1 104 TRP 104 105 105 TRP TRP B . n 
A 1 105 GLN 105 106 106 GLN GLN B . n 
A 1 106 SER 106 107 107 SER SER B . n 
A 1 107 LEU 107 108 108 LEU LEU B . n 
A 1 108 ILE 108 109 109 ILE ILE B . n 
A 1 109 GLU 109 110 110 GLU GLU B . n 
A 1 110 ALA 110 111 ?   ?   ?   B . n 
A 1 111 ALA 111 112 ?   ?   ?   B . n 
A 1 112 PRO 112 113 ?   ?   ?   B . n 
A 1 113 GLU 113 114 ?   ?   ?   B . n 
A 1 114 SER 114 115 ?   ?   ?   B . n 
A 1 115 GLN 115 116 ?   ?   ?   B . n 
A 1 116 MET 116 117 117 MET MET B . n 
A 1 117 MET 117 118 118 MET MET B . n 
A 1 118 PRO 118 119 119 PRO PRO B . n 
A 1 119 ALA 119 120 120 ALA ALA B . n 
A 1 120 SER 120 121 121 SER SER B . n 
A 1 121 VAL 121 122 122 VAL VAL B . n 
A 1 122 LEU 122 123 123 LEU LEU B . n 
A 1 123 THR 123 124 124 THR THR B . n 
A 1 124 GLY 124 125 125 GLY GLY B . n 
A 1 125 ASN 125 126 126 ASN ASN B . n 
A 1 126 VAL 126 127 127 VAL VAL B . n 
A 1 127 ILE 127 128 128 ILE ILE B . n 
A 1 128 ILE 128 129 129 ILE ILE B . n 
A 1 129 GLU 129 130 130 GLU GLU B . n 
A 1 130 THR 130 131 131 THR THR B . n 
A 1 131 LYS 131 132 132 LYS LYS B . n 
A 1 132 PHE 132 133 133 PHE PHE B . n 
A 1 133 PHE 133 134 134 PHE PHE B . n 
A 1 134 ASP 134 135 135 ASP ASP B . n 
A 1 135 ASP 135 136 136 ASP ASP B . n 
A 1 136 ASP 136 137 137 ASP ASP B . n 
A 1 137 LEU 137 138 138 LEU LEU B . n 
A 1 138 LEU 138 139 139 LEU LEU B . n 
A 1 139 VAL 139 140 140 VAL VAL B . n 
A 1 140 SER 140 141 141 SER SER B . n 
A 1 141 THR 141 142 142 THR THR B . n 
A 1 142 SER 142 143 143 SER SER B . n 
A 1 143 ARG 143 144 144 ARG ARG B . n 
A 1 144 VAL 144 145 145 VAL VAL B . n 
A 1 145 ARG 145 146 146 ARG ARG B . n 
A 1 146 LEU 146 147 147 LEU LEU B . n 
A 1 147 PHE 147 148 148 PHE PHE B . n 
A 1 148 TYR 148 149 149 TYR TYR B . n 
A 1 149 VAL 149 150 150 VAL VAL B . n 
# 
loop_
_pdbx_nonpoly_scheme.asym_id 
_pdbx_nonpoly_scheme.entity_id 
_pdbx_nonpoly_scheme.mon_id 
_pdbx_nonpoly_scheme.ndb_seq_num 
_pdbx_nonpoly_scheme.pdb_seq_num 
_pdbx_nonpoly_scheme.auth_seq_num 
_pdbx_nonpoly_scheme.pdb_mon_id 
_pdbx_nonpoly_scheme.auth_mon_id 
_pdbx_nonpoly_scheme.pdb_strand_id 
_pdbx_nonpoly_scheme.pdb_ins_code 
B 2 V98 1  201 1  V98 DRG B . 
C 3 HOH 1  301 16 HOH HOH B . 
C 3 HOH 2  302 25 HOH HOH B . 
C 3 HOH 3  303 33 HOH HOH B . 
C 3 HOH 4  304 3  HOH HOH B . 
C 3 HOH 5  305 1  HOH HOH B . 
C 3 HOH 6  306 35 HOH HOH B . 
C 3 HOH 7  307 27 HOH HOH B . 
C 3 HOH 8  308 34 HOH HOH B . 
C 3 HOH 9  309 29 HOH HOH B . 
C 3 HOH 10 310 31 HOH HOH B . 
C 3 HOH 11 311 14 HOH HOH B . 
C 3 HOH 12 312 15 HOH HOH B . 
C 3 HOH 13 313 2  HOH HOH B . 
C 3 HOH 14 314 30 HOH HOH B . 
C 3 HOH 15 315 7  HOH HOH B . 
C 3 HOH 16 316 9  HOH HOH B . 
C 3 HOH 17 317 12 HOH HOH B . 
C 3 HOH 18 318 18 HOH HOH B . 
C 3 HOH 19 319 28 HOH HOH B . 
C 3 HOH 20 320 26 HOH HOH B . 
C 3 HOH 21 321 23 HOH HOH B . 
C 3 HOH 22 322 32 HOH HOH B . 
# 
loop_
_pdbx_unobs_or_zero_occ_atoms.id 
_pdbx_unobs_or_zero_occ_atoms.PDB_model_num 
_pdbx_unobs_or_zero_occ_atoms.polymer_flag 
_pdbx_unobs_or_zero_occ_atoms.occupancy_flag 
_pdbx_unobs_or_zero_occ_atoms.auth_asym_id 
_pdbx_unobs_or_zero_occ_atoms.auth_comp_id 
_pdbx_unobs_or_zero_occ_atoms.auth_seq_id 
_pdbx_unobs_or_zero_occ_atoms.PDB_ins_code 
_pdbx_unobs_or_zero_occ_atoms.auth_atom_id 
_pdbx_unobs_or_zero_occ_atoms.label_alt_id 
_pdbx_unobs_or_zero_occ_atoms.label_asym_id 
_pdbx_unobs_or_zero_occ_atoms.label_comp_id 
_pdbx_unobs_or_zero_occ_atoms.label_seq_id 
_pdbx_unobs_or_zero_occ_atoms.label_atom_id 
1 1 Y 1 B GLU 10 ? CG  ? A GLU 9  CG  
2 1 Y 1 B GLU 10 ? CD  ? A GLU 9  CD  
3 1 Y 1 B GLU 10 ? OE1 ? A GLU 9  OE1 
4 1 Y 1 B GLU 10 ? OE2 ? A GLU 9  OE2 
5 1 Y 1 B GLU 26 ? CG  ? A GLU 25 CG  
6 1 Y 1 B GLU 26 ? CD  ? A GLU 25 CD  
7 1 Y 1 B GLU 26 ? OE1 ? A GLU 25 OE1 
8 1 Y 1 B GLU 26 ? OE2 ? A GLU 25 OE2 
# 
loop_
_software.citation_id 
_software.classification 
_software.compiler_name 
_software.compiler_version 
_software.contact_author 
_software.contact_author_email 
_software.date 
_software.description 
_software.dependencies 
_software.hardware 
_software.language 
_software.location 
_software.mods 
_software.name 
_software.os 
_software.os_version 
_software.type 
_software.version 
_software.pdbx_ordinal 
? 'data scaling'    ? ? ? ? ? ? ? ? ? ? ? XSCALE      ? ? ? .        1 
? refinement        ? ? ? ? ? ? ? ? ? ? ? REFMAC      ? ? ? 5.7.0032 2 
? 'data extraction' ? ? ? ? ? ? ? ? ? ? ? PDB_EXTRACT ? ? ? 3.22     3 
? 'data reduction'  ? ? ? ? ? ? ? ? ? ? ? XDS         ? ? ? .        4 
? phasing           ? ? ? ? ? ? ? ? ? ? ? MOLREP      ? ? ? .        5 
# 
_cell.angle_alpha                  90.000 
_cell.angle_alpha_esd              ? 
_cell.angle_beta                   90.000 
_cell.angle_beta_esd               ? 
_cell.angle_gamma                  120.000 
_cell.angle_gamma_esd              ? 
_cell.entry_id                     5ML8 
_cell.details                      ? 
_cell.formula_units_Z              ? 
_cell.length_a                     56.150 
_cell.length_a_esd                 ? 
_cell.length_b                     56.150 
_cell.length_b_esd                 ? 
_cell.length_c                     115.150 
_cell.length_c_esd                 ? 
_cell.volume                       ? 
_cell.volume_esd                   ? 
_cell.Z_PDB                        6 
_cell.reciprocal_angle_alpha       ? 
_cell.reciprocal_angle_beta        ? 
_cell.reciprocal_angle_gamma       ? 
_cell.reciprocal_angle_alpha_esd   ? 
_cell.reciprocal_angle_beta_esd    ? 
_cell.reciprocal_angle_gamma_esd   ? 
_cell.reciprocal_length_a          ? 
_cell.reciprocal_length_b          ? 
_cell.reciprocal_length_c          ? 
_cell.reciprocal_length_a_esd      ? 
_cell.reciprocal_length_b_esd      ? 
_cell.reciprocal_length_c_esd      ? 
_cell.pdbx_unique_axis             ? 
# 
_symmetry.entry_id                         5ML8 
_symmetry.cell_setting                     ? 
_symmetry.Int_Tables_number                154 
_symmetry.space_group_name_Hall            ? 
_symmetry.space_group_name_H-M             'P 32 2 1' 
_symmetry.pdbx_full_space_group_name_H-M   ? 
# 
_exptl.absorpt_coefficient_mu     ? 
_exptl.absorpt_correction_T_max   ? 
_exptl.absorpt_correction_T_min   ? 
_exptl.absorpt_correction_type    ? 
_exptl.absorpt_process_details    ? 
_exptl.entry_id                   5ML8 
_exptl.crystals_number            1 
_exptl.details                    ? 
_exptl.method                     'X-RAY DIFFRACTION' 
_exptl.method_details             ? 
# 
_exptl_crystal.colour                      ? 
_exptl_crystal.density_diffrn              ? 
_exptl_crystal.density_Matthews            3.14 
_exptl_crystal.density_method              ? 
_exptl_crystal.density_percent_sol         60.88 
_exptl_crystal.description                 ? 
_exptl_crystal.F_000                       ? 
_exptl_crystal.id                          1 
_exptl_crystal.preparation                 ? 
_exptl_crystal.size_max                    ? 
_exptl_crystal.size_mid                    ? 
_exptl_crystal.size_min                    ? 
_exptl_crystal.size_rad                    ? 
_exptl_crystal.colour_lustre               ? 
_exptl_crystal.colour_modifier             ? 
_exptl_crystal.colour_primary              ? 
_exptl_crystal.density_meas                ? 
_exptl_crystal.density_meas_esd            ? 
_exptl_crystal.density_meas_gt             ? 
_exptl_crystal.density_meas_lt             ? 
_exptl_crystal.density_meas_temp           ? 
_exptl_crystal.density_meas_temp_esd       ? 
_exptl_crystal.density_meas_temp_gt        ? 
_exptl_crystal.density_meas_temp_lt        ? 
_exptl_crystal.pdbx_crystal_image_url      ? 
_exptl_crystal.pdbx_crystal_image_format   ? 
_exptl_crystal.pdbx_mosaicity              ? 
_exptl_crystal.pdbx_mosaicity_esd          ? 
# 
_exptl_crystal_grow.apparatus       ? 
_exptl_crystal_grow.atmosphere      ? 
_exptl_crystal_grow.crystal_id      1 
_exptl_crystal_grow.details         ? 
_exptl_crystal_grow.method          'VAPOR DIFFUSION' 
_exptl_crystal_grow.method_ref      ? 
_exptl_crystal_grow.pH              ? 
_exptl_crystal_grow.pressure        ? 
_exptl_crystal_grow.pressure_esd    ? 
_exptl_crystal_grow.seeding         ? 
_exptl_crystal_grow.seeding_ref     ? 
_exptl_crystal_grow.temp            293 
_exptl_crystal_grow.temp_details    ? 
_exptl_crystal_grow.temp_esd        ? 
_exptl_crystal_grow.time            ? 
_exptl_crystal_grow.pdbx_details    '20 % PEG 3350, 0.2 M Na2SO4' 
_exptl_crystal_grow.pdbx_pH_range   ? 
# 
_diffrn.ambient_environment    ? 
_diffrn.ambient_temp           100 
_diffrn.ambient_temp_details   ? 
_diffrn.ambient_temp_esd       ? 
_diffrn.crystal_id             1 
_diffrn.crystal_support        ? 
_diffrn.crystal_treatment      ? 
_diffrn.details                ? 
_diffrn.id                     1 
_diffrn.ambient_pressure       ? 
_diffrn.ambient_pressure_esd   ? 
_diffrn.ambient_pressure_gt    ? 
_diffrn.ambient_pressure_lt    ? 
_diffrn.ambient_temp_gt        ? 
_diffrn.ambient_temp_lt        ? 
# 
_diffrn_detector.details                      ? 
_diffrn_detector.detector                     PIXEL 
_diffrn_detector.diffrn_id                    1 
_diffrn_detector.type                         'DECTRIS PILATUS3 6M' 
_diffrn_detector.area_resol_mean              ? 
_diffrn_detector.dtime                        ? 
_diffrn_detector.pdbx_frames_total            ? 
_diffrn_detector.pdbx_collection_time_total   ? 
_diffrn_detector.pdbx_collection_date         2014-07-17 
# 
_diffrn_radiation.collimation                      ? 
_diffrn_radiation.diffrn_id                        1 
_diffrn_radiation.filter_edge                      ? 
_diffrn_radiation.inhomogeneity                    ? 
_diffrn_radiation.monochromator                    ? 
_diffrn_radiation.polarisn_norm                    ? 
_diffrn_radiation.polarisn_ratio                   ? 
_diffrn_radiation.probe                            ? 
_diffrn_radiation.type                             ? 
_diffrn_radiation.xray_symbol                      ? 
_diffrn_radiation.wavelength_id                    1 
_diffrn_radiation.pdbx_monochromatic_or_laue_m_l   M 
_diffrn_radiation.pdbx_wavelength_list             ? 
_diffrn_radiation.pdbx_wavelength                  ? 
_diffrn_radiation.pdbx_diffrn_protocol             'SINGLE WAVELENGTH' 
_diffrn_radiation.pdbx_analyzer                    ? 
_diffrn_radiation.pdbx_scattering_type             x-ray 
# 
_diffrn_radiation_wavelength.id           1 
_diffrn_radiation_wavelength.wavelength   1.0 
_diffrn_radiation_wavelength.wt           1.0 
# 
_diffrn_source.current                     ? 
_diffrn_source.details                     ? 
_diffrn_source.diffrn_id                   1 
_diffrn_source.power                       ? 
_diffrn_source.size                        ? 
_diffrn_source.source                      SYNCHROTRON 
_diffrn_source.target                      ? 
_diffrn_source.type                        'SLS BEAMLINE X10SA' 
_diffrn_source.voltage                     ? 
_diffrn_source.take-off_angle              ? 
_diffrn_source.pdbx_wavelength_list        1.0 
_diffrn_source.pdbx_wavelength             ? 
_diffrn_source.pdbx_synchrotron_beamline   X10SA 
_diffrn_source.pdbx_synchrotron_site       SLS 
# 
_reflns.B_iso_Wilson_estimate            ? 
_reflns.entry_id                         5ML8 
_reflns.data_reduction_details           ? 
_reflns.data_reduction_method            ? 
_reflns.d_resolution_high                2.60 
_reflns.d_resolution_low                 28.070 
_reflns.details                          ? 
_reflns.limit_h_max                      ? 
_reflns.limit_h_min                      ? 
_reflns.limit_k_max                      ? 
_reflns.limit_k_min                      ? 
_reflns.limit_l_max                      ? 
_reflns.limit_l_min                      ? 
_reflns.number_all                       ? 
_reflns.number_obs                       6541 
_reflns.observed_criterion               ? 
_reflns.observed_criterion_F_max         ? 
_reflns.observed_criterion_F_min         ? 
_reflns.observed_criterion_I_max         ? 
_reflns.observed_criterion_I_min         ? 
_reflns.observed_criterion_sigma_F       ? 
_reflns.observed_criterion_sigma_I       ? 
_reflns.percent_possible_obs             99.9 
_reflns.R_free_details                   ? 
_reflns.Rmerge_F_all                     ? 
_reflns.Rmerge_F_obs                     ? 
_reflns.Friedel_coverage                 ? 
_reflns.number_gt                        ? 
_reflns.threshold_expression             ? 
_reflns.pdbx_redundancy                  19.0 
_reflns.pdbx_Rmerge_I_obs                0.14 
_reflns.pdbx_Rmerge_I_all                ? 
_reflns.pdbx_Rsym_value                  ? 
_reflns.pdbx_netI_over_av_sigmaI         ? 
_reflns.pdbx_netI_over_sigmaI            20.04 
_reflns.pdbx_res_netI_over_av_sigmaI_2   ? 
_reflns.pdbx_res_netI_over_sigmaI_2      ? 
_reflns.pdbx_chi_squared                 ? 
_reflns.pdbx_scaling_rejects             ? 
_reflns.pdbx_d_res_high_opt              ? 
_reflns.pdbx_d_res_low_opt               ? 
_reflns.pdbx_d_res_opt_method            ? 
_reflns.phase_calculation_details        ? 
_reflns.pdbx_Rrim_I_all                  ? 
_reflns.pdbx_Rpim_I_all                  ? 
_reflns.pdbx_d_opt                       ? 
_reflns.pdbx_number_measured_all         ? 
_reflns.pdbx_diffrn_id                   1 
_reflns.pdbx_ordinal                     1 
_reflns.pdbx_CC_half                     ? 
_reflns.pdbx_R_split                     ? 
# 
_reflns_shell.d_res_high                  2.6 
_reflns_shell.d_res_low                   2.7 
_reflns_shell.meanI_over_sigI_all         ? 
_reflns_shell.meanI_over_sigI_obs         4.8 
_reflns_shell.number_measured_all         ? 
_reflns_shell.number_measured_obs         ? 
_reflns_shell.number_possible             ? 
_reflns_shell.number_unique_all           ? 
_reflns_shell.number_unique_obs           ? 
_reflns_shell.percent_possible_all        100 
_reflns_shell.percent_possible_obs        ? 
_reflns_shell.Rmerge_F_all                ? 
_reflns_shell.Rmerge_F_obs                ? 
_reflns_shell.Rmerge_I_all                ? 
_reflns_shell.Rmerge_I_obs                0.76 
_reflns_shell.meanI_over_sigI_gt          ? 
_reflns_shell.meanI_over_uI_all           ? 
_reflns_shell.meanI_over_uI_gt            ? 
_reflns_shell.number_measured_gt          ? 
_reflns_shell.number_unique_gt            ? 
_reflns_shell.percent_possible_gt         ? 
_reflns_shell.Rmerge_F_gt                 ? 
_reflns_shell.Rmerge_I_gt                 ? 
_reflns_shell.pdbx_redundancy             20.3 
_reflns_shell.pdbx_Rsym_value             ? 
_reflns_shell.pdbx_chi_squared            ? 
_reflns_shell.pdbx_netI_over_sigmaI_all   ? 
_reflns_shell.pdbx_netI_over_sigmaI_obs   ? 
_reflns_shell.pdbx_Rrim_I_all             ? 
_reflns_shell.pdbx_Rpim_I_all             ? 
_reflns_shell.pdbx_rejects                ? 
_reflns_shell.pdbx_ordinal                1 
_reflns_shell.pdbx_diffrn_id              1 
_reflns_shell.pdbx_CC_half                ? 
_reflns_shell.pdbx_R_split                ? 
# 
_refine.aniso_B[1][1]                            0.8600 
_refine.aniso_B[1][2]                            0.8600 
_refine.aniso_B[1][3]                            -0.0000 
_refine.aniso_B[2][2]                            0.8600 
_refine.aniso_B[2][3]                            -0.0000 
_refine.aniso_B[3][3]                            -2.8100 
_refine.B_iso_max                                78.930 
_refine.B_iso_mean                               40.6780 
_refine.B_iso_min                                20.650 
_refine.correlation_coeff_Fo_to_Fc               0.9330 
_refine.correlation_coeff_Fo_to_Fc_free          0.9150 
_refine.details                                  
'HYDROGENS HAVE BEEN ADDED IN THE RIDING POSITIONS U VALUES      : REFINED INDIVIDUALLY' 
_refine.diff_density_max                         ? 
_refine.diff_density_max_esd                     ? 
_refine.diff_density_min                         ? 
_refine.diff_density_min_esd                     ? 
_refine.diff_density_rms                         ? 
_refine.diff_density_rms_esd                     ? 
_refine.entry_id                                 5ML8 
_refine.pdbx_refine_id                           'X-RAY DIFFRACTION' 
_refine.ls_abs_structure_details                 ? 
_refine.ls_abs_structure_Flack                   ? 
_refine.ls_abs_structure_Flack_esd               ? 
_refine.ls_abs_structure_Rogers                  ? 
_refine.ls_abs_structure_Rogers_esd              ? 
_refine.ls_d_res_high                            2.6000 
_refine.ls_d_res_low                             28.0700 
_refine.ls_extinction_coef                       ? 
_refine.ls_extinction_coef_esd                   ? 
_refine.ls_extinction_expression                 ? 
_refine.ls_extinction_method                     ? 
_refine.ls_goodness_of_fit_all                   ? 
_refine.ls_goodness_of_fit_all_esd               ? 
_refine.ls_goodness_of_fit_obs                   ? 
_refine.ls_goodness_of_fit_obs_esd               ? 
_refine.ls_hydrogen_treatment                    ? 
_refine.ls_matrix_type                           ? 
_refine.ls_number_constraints                    ? 
_refine.ls_number_parameters                     ? 
_refine.ls_number_reflns_all                     ? 
_refine.ls_number_reflns_obs                     6541 
_refine.ls_number_reflns_R_free                  345 
_refine.ls_number_reflns_R_work                  ? 
_refine.ls_number_restraints                     ? 
_refine.ls_percent_reflns_obs                    99.8800 
_refine.ls_percent_reflns_R_free                 5.0000 
_refine.ls_R_factor_all                          ? 
_refine.ls_R_factor_obs                          0.2064 
_refine.ls_R_factor_R_free                       0.2514 
_refine.ls_R_factor_R_free_error                 ? 
_refine.ls_R_factor_R_free_error_details         ? 
_refine.ls_R_factor_R_work                       0.2039 
_refine.ls_R_Fsqd_factor_obs                     ? 
_refine.ls_R_I_factor_obs                        ? 
_refine.ls_redundancy_reflns_all                 ? 
_refine.ls_redundancy_reflns_obs                 ? 
_refine.ls_restrained_S_all                      ? 
_refine.ls_restrained_S_obs                      ? 
_refine.ls_shift_over_esd_max                    ? 
_refine.ls_shift_over_esd_mean                   ? 
_refine.ls_structure_factor_coef                 ? 
_refine.ls_weighting_details                     ? 
_refine.ls_weighting_scheme                      ? 
_refine.ls_wR_factor_all                         ? 
_refine.ls_wR_factor_obs                         ? 
_refine.ls_wR_factor_R_free                      ? 
_refine.ls_wR_factor_R_work                      ? 
_refine.occupancy_max                            ? 
_refine.occupancy_min                            ? 
_refine.solvent_model_details                    ? 
_refine.solvent_model_param_bsol                 ? 
_refine.solvent_model_param_ksol                 ? 
_refine.ls_R_factor_gt                           ? 
_refine.ls_goodness_of_fit_gt                    ? 
_refine.ls_goodness_of_fit_ref                   ? 
_refine.ls_shift_over_su_max                     ? 
_refine.ls_shift_over_su_max_lt                  ? 
_refine.ls_shift_over_su_mean                    ? 
_refine.ls_shift_over_su_mean_lt                 ? 
_refine.pdbx_ls_sigma_I                          ? 
_refine.pdbx_ls_sigma_F                          0.000 
_refine.pdbx_ls_sigma_Fsqd                       ? 
_refine.pdbx_data_cutoff_high_absF               ? 
_refine.pdbx_data_cutoff_high_rms_absF           ? 
_refine.pdbx_data_cutoff_low_absF                ? 
_refine.pdbx_isotropic_thermal_model             ? 
_refine.pdbx_ls_cross_valid_method               THROUGHOUT 
_refine.pdbx_method_to_determine_struct          'MOLECULAR REPLACEMENT' 
_refine.pdbx_starting_model                      3T5G 
_refine.pdbx_stereochemistry_target_values       ? 
_refine.pdbx_R_Free_selection_details            RANDOM 
_refine.pdbx_stereochem_target_val_spec_case     ? 
_refine.pdbx_overall_ESU_R                       0.4760 
_refine.pdbx_overall_ESU_R_Free                  0.2890 
_refine.pdbx_solvent_vdw_probe_radii             1.2000 
_refine.pdbx_solvent_ion_probe_radii             0.8000 
_refine.pdbx_solvent_shrinkage_radii             0.8000 
_refine.pdbx_real_space_R                        ? 
_refine.pdbx_density_correlation                 ? 
_refine.pdbx_pd_number_of_powder_patterns        ? 
_refine.pdbx_pd_number_of_points                 ? 
_refine.pdbx_pd_meas_number_of_points            ? 
_refine.pdbx_pd_proc_ls_prof_R_factor            ? 
_refine.pdbx_pd_proc_ls_prof_wR_factor           ? 
_refine.pdbx_pd_Marquardt_correlation_coeff      ? 
_refine.pdbx_pd_Fsqrd_R_factor                   ? 
_refine.pdbx_pd_ls_matrix_band_width             ? 
_refine.pdbx_overall_phase_error                 ? 
_refine.pdbx_overall_SU_R_free_Cruickshank_DPI   ? 
_refine.pdbx_overall_SU_R_free_Blow_DPI          ? 
_refine.pdbx_overall_SU_R_Blow_DPI               ? 
_refine.pdbx_TLS_residual_ADP_flag               ? 
_refine.pdbx_diffrn_id                           1 
_refine.overall_SU_B                             9.4920 
_refine.overall_SU_ML                            0.2080 
_refine.overall_SU_R_Cruickshank_DPI             ? 
_refine.overall_SU_R_free                        ? 
_refine.overall_FOM_free_R_set                   ? 
_refine.overall_FOM_work_R_set                   ? 
_refine.pdbx_average_fsc_overall                 ? 
_refine.pdbx_average_fsc_work                    ? 
_refine.pdbx_average_fsc_free                    ? 
# 
_refine_hist.cycle_id                         final 
_refine_hist.pdbx_refine_id                   'X-RAY DIFFRACTION' 
_refine_hist.d_res_high                       2.6000 
_refine_hist.d_res_low                        28.0700 
_refine_hist.pdbx_number_atoms_ligand         41 
_refine_hist.number_atoms_solvent             22 
_refine_hist.number_atoms_total               1231 
_refine_hist.pdbx_number_residues_total       143 
_refine_hist.pdbx_B_iso_mean_ligand           53.72 
_refine_hist.pdbx_B_iso_mean_solvent          46.63 
_refine_hist.pdbx_number_atoms_protein        1168 
_refine_hist.pdbx_number_atoms_nucleic_acid   0 
# 
loop_
_refine_ls_restr.pdbx_refine_id 
_refine_ls_restr.criterion 
_refine_ls_restr.dev_ideal 
_refine_ls_restr.dev_ideal_target 
_refine_ls_restr.number 
_refine_ls_restr.rejects 
_refine_ls_restr.type 
_refine_ls_restr.weight 
_refine_ls_restr.pdbx_restraint_function 
'X-RAY DIFFRACTION' ? 0.012  0.020  1237 ? r_bond_refined_d       ? ? 
'X-RAY DIFFRACTION' ? 0.003  0.020  1191 ? r_bond_other_d         ? ? 
'X-RAY DIFFRACTION' ? 1.389  1.989  1668 ? r_angle_refined_deg    ? ? 
'X-RAY DIFFRACTION' ? 1.034  3.014  2738 ? r_angle_other_deg      ? ? 
'X-RAY DIFFRACTION' ? 6.449  5.000  141  ? r_dihedral_angle_1_deg ? ? 
'X-RAY DIFFRACTION' ? 41.292 23.684 57   ? r_dihedral_angle_2_deg ? ? 
'X-RAY DIFFRACTION' ? 14.709 15.000 222  ? r_dihedral_angle_3_deg ? ? 
'X-RAY DIFFRACTION' ? 12.893 15.000 9    ? r_dihedral_angle_4_deg ? ? 
'X-RAY DIFFRACTION' ? 0.084  0.200  182  ? r_chiral_restr         ? ? 
'X-RAY DIFFRACTION' ? 0.004  0.020  1340 ? r_gen_planes_refined   ? ? 
'X-RAY DIFFRACTION' ? 0.001  0.020  299  ? r_gen_planes_other     ? ? 
# 
_refine_ls_shell.pdbx_refine_id                   'X-RAY DIFFRACTION' 
_refine_ls_shell.d_res_high                       2.6000 
_refine_ls_shell.d_res_low                        2.6670 
_refine_ls_shell.number_reflns_all                505 
_refine_ls_shell.number_reflns_obs                ? 
_refine_ls_shell.number_reflns_R_free             26 
_refine_ls_shell.number_reflns_R_work             479 
_refine_ls_shell.percent_reflns_obs               100.0000 
_refine_ls_shell.percent_reflns_R_free            ? 
_refine_ls_shell.R_factor_all                     ? 
_refine_ls_shell.R_factor_obs                     ? 
_refine_ls_shell.R_factor_R_free                  0.3810 
_refine_ls_shell.R_factor_R_free_error            0.0000 
_refine_ls_shell.R_factor_R_work                  0.2900 
_refine_ls_shell.redundancy_reflns_all            ? 
_refine_ls_shell.redundancy_reflns_obs            ? 
_refine_ls_shell.wR_factor_all                    ? 
_refine_ls_shell.wR_factor_obs                    ? 
_refine_ls_shell.wR_factor_R_free                 ? 
_refine_ls_shell.wR_factor_R_work                 ? 
_refine_ls_shell.pdbx_total_number_of_bins_used   20 
_refine_ls_shell.pdbx_phase_error                 ? 
_refine_ls_shell.pdbx_fsc_work                    ? 
_refine_ls_shell.pdbx_fsc_free                    ? 
# 
_struct.entry_id                     5ML8 
_struct.title                        'The crystal structure of PDE6D in complex to inhibitor-4' 
_struct.pdbx_model_details           ? 
_struct.pdbx_formula_weight          ? 
_struct.pdbx_formula_weight_method   ? 
_struct.pdbx_model_type_details      ? 
_struct.pdbx_CASP_flag               N 
# 
_struct_keywords.entry_id        5ML8 
_struct_keywords.text            'Prenyl binding protein, farnesylated KRas, Plasma membrane, Arl2, Lipid binding protein' 
_struct_keywords.pdbx_keywords   'LIPID BINDING PROTEIN' 
# 
loop_
_struct_asym.id 
_struct_asym.pdbx_blank_PDB_chainid_flag 
_struct_asym.pdbx_modified 
_struct_asym.entity_id 
_struct_asym.details 
A N N 1 ? 
B N N 2 ? 
C N N 3 ? 
# 
_struct_ref.id                         1 
_struct_ref.db_name                    UNP 
_struct_ref.db_code                    PDE6D_HUMAN 
_struct_ref.pdbx_db_accession          O43924 
_struct_ref.pdbx_db_isoform            ? 
_struct_ref.entity_id                  1 
_struct_ref.pdbx_seq_one_letter_code   
;SAKDERAREILRGFKLNWMNLRDAETGKILWQGTEDLSVPGVEHEARVPKKILKCKAVSRELNFSSTEQMEKFRLEQKVY
FKGQCLEEWFFEFGFVIPNSTNTWQSLIEAAPESQMMPASVLTGNVIIETKFFDDDLLVSTSRVRLFYV
;
_struct_ref.pdbx_align_begin           2 
# 
_struct_ref_seq.align_id                      1 
_struct_ref_seq.ref_id                        1 
_struct_ref_seq.pdbx_PDB_id_code              5ML8 
_struct_ref_seq.pdbx_strand_id                B 
_struct_ref_seq.seq_align_beg                 1 
_struct_ref_seq.pdbx_seq_align_beg_ins_code   ? 
_struct_ref_seq.seq_align_end                 149 
_struct_ref_seq.pdbx_seq_align_end_ins_code   ? 
_struct_ref_seq.pdbx_db_accession             O43924 
_struct_ref_seq.db_align_beg                  2 
_struct_ref_seq.pdbx_db_align_beg_ins_code    ? 
_struct_ref_seq.db_align_end                  150 
_struct_ref_seq.pdbx_db_align_end_ins_code    ? 
_struct_ref_seq.pdbx_auth_seq_align_beg       2 
_struct_ref_seq.pdbx_auth_seq_align_end       150 
# 
_pdbx_struct_assembly.id                   1 
_pdbx_struct_assembly.details              author_and_software_defined_assembly 
_pdbx_struct_assembly.method_details       PISA 
_pdbx_struct_assembly.oligomeric_details   monomeric 
_pdbx_struct_assembly.oligomeric_count     1 
# 
loop_
_pdbx_struct_assembly_prop.biol_id 
_pdbx_struct_assembly_prop.type 
_pdbx_struct_assembly_prop.value 
_pdbx_struct_assembly_prop.details 
1 'ABSA (A^2)' 0    ? 
1 MORE         0    ? 
1 'SSA (A^2)'  7820 ? 
# 
_pdbx_struct_assembly_gen.assembly_id       1 
_pdbx_struct_assembly_gen.oper_expression   1 
_pdbx_struct_assembly_gen.asym_id_list      A,B,C 
# 
_pdbx_struct_oper_list.id                   1 
_pdbx_struct_oper_list.type                 'identity operation' 
_pdbx_struct_oper_list.name                 1_555 
_pdbx_struct_oper_list.symmetry_operation   x,y,z 
_pdbx_struct_oper_list.matrix[1][1]         1.0000000000 
_pdbx_struct_oper_list.matrix[1][2]         0.0000000000 
_pdbx_struct_oper_list.matrix[1][3]         0.0000000000 
_pdbx_struct_oper_list.vector[1]            0.0000000000 
_pdbx_struct_oper_list.matrix[2][1]         0.0000000000 
_pdbx_struct_oper_list.matrix[2][2]         1.0000000000 
_pdbx_struct_oper_list.matrix[2][3]         0.0000000000 
_pdbx_struct_oper_list.vector[2]            0.0000000000 
_pdbx_struct_oper_list.matrix[3][1]         0.0000000000 
_pdbx_struct_oper_list.matrix[3][2]         0.0000000000 
_pdbx_struct_oper_list.matrix[3][3]         1.0000000000 
_pdbx_struct_oper_list.vector[3]            0.0000000000 
# 
loop_
_struct_conf.conf_type_id 
_struct_conf.id 
_struct_conf.pdbx_PDB_helix_id 
_struct_conf.beg_label_comp_id 
_struct_conf.beg_label_asym_id 
_struct_conf.beg_label_seq_id 
_struct_conf.pdbx_beg_PDB_ins_code 
_struct_conf.end_label_comp_id 
_struct_conf.end_label_asym_id 
_struct_conf.end_label_seq_id 
_struct_conf.pdbx_end_PDB_ins_code 
_struct_conf.beg_auth_comp_id 
_struct_conf.beg_auth_asym_id 
_struct_conf.beg_auth_seq_id 
_struct_conf.end_auth_comp_id 
_struct_conf.end_auth_asym_id 
_struct_conf.end_auth_seq_id 
_struct_conf.pdbx_PDB_helix_class 
_struct_conf.details 
_struct_conf.pdbx_PDB_helix_length 
HELX_P HELX_P1 AA1 SER A 1   ? GLY A 13  ? SER B 2   GLY B 14  1 ? 13 
HELX_P HELX_P2 AA2 LYS A 51  ? CYS A 55  ? LYS B 52  CYS B 56  5 ? 5  
HELX_P HELX_P3 AA3 PRO A 118 ? THR A 123 ? PRO B 119 THR B 124 1 ? 6  
# 
_struct_conf_type.id          HELX_P 
_struct_conf_type.criteria    ? 
_struct_conf_type.reference   ? 
# 
loop_
_struct_sheet.id 
_struct_sheet.type 
_struct_sheet.number_strands 
_struct_sheet.details 
AA1 ? 4 ? 
AA2 ? 5 ? 
# 
loop_
_struct_sheet_order.sheet_id 
_struct_sheet_order.range_id_1 
_struct_sheet_order.range_id_2 
_struct_sheet_order.offset 
_struct_sheet_order.sense 
AA1 1 2 ? anti-parallel 
AA1 2 3 ? anti-parallel 
AA1 3 4 ? anti-parallel 
AA2 1 2 ? parallel      
AA2 2 3 ? anti-parallel 
AA2 3 4 ? anti-parallel 
AA2 4 5 ? anti-parallel 
# 
loop_
_struct_sheet_range.sheet_id 
_struct_sheet_range.id 
_struct_sheet_range.beg_label_comp_id 
_struct_sheet_range.beg_label_asym_id 
_struct_sheet_range.beg_label_seq_id 
_struct_sheet_range.pdbx_beg_PDB_ins_code 
_struct_sheet_range.end_label_comp_id 
_struct_sheet_range.end_label_asym_id 
_struct_sheet_range.end_label_seq_id 
_struct_sheet_range.pdbx_end_PDB_ins_code 
_struct_sheet_range.beg_auth_comp_id 
_struct_sheet_range.beg_auth_asym_id 
_struct_sheet_range.beg_auth_seq_id 
_struct_sheet_range.end_auth_comp_id 
_struct_sheet_range.end_auth_asym_id 
_struct_sheet_range.end_auth_seq_id 
AA1 1 ILE A 29  ? GLY A 33  ? ILE B 30  GLY B 34  
AA1 2 PHE A 14  ? ASP A 23  ? PHE B 15  ASP B 24  
AA1 3 VAL A 58  ? SER A 66  ? VAL B 59  SER B 67  
AA1 4 SER A 100 ? ILE A 108 ? SER B 101 ILE B 109 
AA2 1 GLU A 43  ? PRO A 49  ? GLU B 44  PRO B 50  
AA2 2 LEU A 137 ? VAL A 149 ? LEU B 138 VAL B 150 
AA2 3 VAL A 126 ? ASP A 134 ? VAL B 127 ASP B 135 
AA2 4 MET A 70  ? PHE A 81  ? MET B 71  PHE B 82  
AA2 5 GLN A 84  ? VAL A 96  ? GLN B 85  VAL B 97  
# 
loop_
_pdbx_struct_sheet_hbond.sheet_id 
_pdbx_struct_sheet_hbond.range_id_1 
_pdbx_struct_sheet_hbond.range_id_2 
_pdbx_struct_sheet_hbond.range_1_label_atom_id 
_pdbx_struct_sheet_hbond.range_1_label_comp_id 
_pdbx_struct_sheet_hbond.range_1_label_asym_id 
_pdbx_struct_sheet_hbond.range_1_label_seq_id 
_pdbx_struct_sheet_hbond.range_1_PDB_ins_code 
_pdbx_struct_sheet_hbond.range_1_auth_atom_id 
_pdbx_struct_sheet_hbond.range_1_auth_comp_id 
_pdbx_struct_sheet_hbond.range_1_auth_asym_id 
_pdbx_struct_sheet_hbond.range_1_auth_seq_id 
_pdbx_struct_sheet_hbond.range_2_label_atom_id 
_pdbx_struct_sheet_hbond.range_2_label_comp_id 
_pdbx_struct_sheet_hbond.range_2_label_asym_id 
_pdbx_struct_sheet_hbond.range_2_label_seq_id 
_pdbx_struct_sheet_hbond.range_2_PDB_ins_code 
_pdbx_struct_sheet_hbond.range_2_auth_atom_id 
_pdbx_struct_sheet_hbond.range_2_auth_comp_id 
_pdbx_struct_sheet_hbond.range_2_auth_asym_id 
_pdbx_struct_sheet_hbond.range_2_auth_seq_id 
AA1 1 2 O TRP A 31  ? O TRP B 32  N LEU A 21  ? N LEU B 22  
AA1 2 3 N ARG A 22  ? N ARG B 23  O SER A 59  ? O SER B 60  
AA1 3 4 N VAL A 58  ? N VAL B 59  O ILE A 108 ? O ILE B 109 
AA2 1 2 N VAL A 48  ? N VAL B 49  O PHE A 147 ? O PHE B 148 
AA2 2 3 O VAL A 139 ? O VAL B 140 N PHE A 132 ? N PHE B 133 
AA2 3 4 O ILE A 127 ? O ILE B 128 N TYR A 80  ? N TYR B 81  
AA2 4 5 N VAL A 79  ? N VAL B 80  O LEU A 86  ? O LEU B 87  
# 
_struct_site.id                   AC1 
_struct_site.pdbx_evidence_code   Software 
_struct_site.pdbx_auth_asym_id    B 
_struct_site.pdbx_auth_comp_id    V98 
_struct_site.pdbx_auth_seq_id     201 
_struct_site.pdbx_auth_ins_code   ? 
_struct_site.pdbx_num_residues    14 
_struct_site.details              'binding site for residue V98 B 201' 
# 
loop_
_struct_site_gen.id 
_struct_site_gen.site_id 
_struct_site_gen.pdbx_num_res 
_struct_site_gen.label_comp_id 
_struct_site_gen.label_asym_id 
_struct_site_gen.label_seq_id 
_struct_site_gen.pdbx_auth_ins_code 
_struct_site_gen.auth_comp_id 
_struct_site_gen.auth_asym_id 
_struct_site_gen.auth_seq_id 
_struct_site_gen.label_atom_id 
_struct_site_gen.label_alt_id 
_struct_site_gen.symmetry 
_struct_site_gen.details 
1  AC1 14 MET A 19  ? MET B 20  . ? 1_555 ? 
2  AC1 14 LEU A 21  ? LEU B 22  . ? 1_555 ? 
3  AC1 14 VAL A 48  ? VAL B 49  . ? 1_555 ? 
4  AC1 14 ILE A 52  ? ILE B 53  . ? 1_555 ? 
5  AC1 14 CYS A 55  ? CYS B 56  . ? 1_555 ? 
6  AC1 14 ARG A 60  ? ARG B 61  . ? 1_555 ? 
7  AC1 14 GLN A 77  ? GLN B 78  . ? 1_555 ? 
8  AC1 14 GLU A 87  ? GLU B 88  . ? 1_555 ? 
9  AC1 14 TRP A 89  ? TRP B 90  . ? 1_555 ? 
10 AC1 14 ILE A 128 ? ILE B 129 . ? 1_555 ? 
11 AC1 14 THR A 130 ? THR B 131 . ? 1_555 ? 
12 AC1 14 PHE A 132 ? PHE B 133 . ? 1_555 ? 
13 AC1 14 LEU A 146 ? LEU B 147 . ? 1_555 ? 
14 AC1 14 TYR A 148 ? TYR B 149 . ? 1_555 ? 
# 
_pdbx_validate_rmsd_angle.id                         1 
_pdbx_validate_rmsd_angle.PDB_model_num              1 
_pdbx_validate_rmsd_angle.auth_atom_id_1             NE 
_pdbx_validate_rmsd_angle.auth_asym_id_1             B 
_pdbx_validate_rmsd_angle.auth_comp_id_1             ARG 
_pdbx_validate_rmsd_angle.auth_seq_id_1              7 
_pdbx_validate_rmsd_angle.PDB_ins_code_1             ? 
_pdbx_validate_rmsd_angle.label_alt_id_1             ? 
_pdbx_validate_rmsd_angle.auth_atom_id_2             CZ 
_pdbx_validate_rmsd_angle.auth_asym_id_2             B 
_pdbx_validate_rmsd_angle.auth_comp_id_2             ARG 
_pdbx_validate_rmsd_angle.auth_seq_id_2              7 
_pdbx_validate_rmsd_angle.PDB_ins_code_2             ? 
_pdbx_validate_rmsd_angle.label_alt_id_2             ? 
_pdbx_validate_rmsd_angle.auth_atom_id_3             NH1 
_pdbx_validate_rmsd_angle.auth_asym_id_3             B 
_pdbx_validate_rmsd_angle.auth_comp_id_3             ARG 
_pdbx_validate_rmsd_angle.auth_seq_id_3              7 
_pdbx_validate_rmsd_angle.PDB_ins_code_3             ? 
_pdbx_validate_rmsd_angle.label_alt_id_3             ? 
_pdbx_validate_rmsd_angle.angle_value                125.19 
_pdbx_validate_rmsd_angle.angle_target_value         120.30 
_pdbx_validate_rmsd_angle.angle_deviation            4.89 
_pdbx_validate_rmsd_angle.angle_standard_deviation   0.50 
_pdbx_validate_rmsd_angle.linker_flag                N 
# 
_pdbx_validate_torsion.id              1 
_pdbx_validate_torsion.PDB_model_num   1 
_pdbx_validate_torsion.auth_comp_id    ASP 
_pdbx_validate_torsion.auth_asym_id    B 
_pdbx_validate_torsion.auth_seq_id     136 
_pdbx_validate_torsion.PDB_ins_code    ? 
_pdbx_validate_torsion.label_alt_id    ? 
_pdbx_validate_torsion.phi             56.60 
_pdbx_validate_torsion.psi             -111.93 
# 
_pdbx_struct_special_symmetry.id              1 
_pdbx_struct_special_symmetry.PDB_model_num   1 
_pdbx_struct_special_symmetry.auth_asym_id    B 
_pdbx_struct_special_symmetry.auth_comp_id    HOH 
_pdbx_struct_special_symmetry.auth_seq_id     321 
_pdbx_struct_special_symmetry.PDB_ins_code    ? 
_pdbx_struct_special_symmetry.label_asym_id   C 
_pdbx_struct_special_symmetry.label_comp_id   HOH 
_pdbx_struct_special_symmetry.label_seq_id    . 
# 
loop_
_pdbx_unobs_or_zero_occ_residues.id 
_pdbx_unobs_or_zero_occ_residues.PDB_model_num 
_pdbx_unobs_or_zero_occ_residues.polymer_flag 
_pdbx_unobs_or_zero_occ_residues.occupancy_flag 
_pdbx_unobs_or_zero_occ_residues.auth_asym_id 
_pdbx_unobs_or_zero_occ_residues.auth_comp_id 
_pdbx_unobs_or_zero_occ_residues.auth_seq_id 
_pdbx_unobs_or_zero_occ_residues.PDB_ins_code 
_pdbx_unobs_or_zero_occ_residues.label_asym_id 
_pdbx_unobs_or_zero_occ_residues.label_comp_id 
_pdbx_unobs_or_zero_occ_residues.label_seq_id 
1 1 Y 1 B ALA 111 ? A ALA 110 
2 1 Y 1 B ALA 112 ? A ALA 111 
3 1 Y 1 B PRO 113 ? A PRO 112 
4 1 Y 1 B GLU 114 ? A GLU 113 
5 1 Y 1 B SER 115 ? A SER 114 
6 1 Y 1 B GLN 116 ? A GLN 115 
# 
loop_
_chem_comp_atom.comp_id 
_chem_comp_atom.atom_id 
_chem_comp_atom.type_symbol 
_chem_comp_atom.pdbx_aromatic_flag 
_chem_comp_atom.pdbx_stereo_config 
_chem_comp_atom.pdbx_ordinal 
ALA N    N  N N 1   
ALA CA   C  N S 2   
ALA C    C  N N 3   
ALA O    O  N N 4   
ALA CB   C  N N 5   
ALA OXT  O  N N 6   
ALA H    H  N N 7   
ALA H2   H  N N 8   
ALA HA   H  N N 9   
ALA HB1  H  N N 10  
ALA HB2  H  N N 11  
ALA HB3  H  N N 12  
ALA HXT  H  N N 13  
ARG N    N  N N 14  
ARG CA   C  N S 15  
ARG C    C  N N 16  
ARG O    O  N N 17  
ARG CB   C  N N 18  
ARG CG   C  N N 19  
ARG CD   C  N N 20  
ARG NE   N  N N 21  
ARG CZ   C  N N 22  
ARG NH1  N  N N 23  
ARG NH2  N  N N 24  
ARG OXT  O  N N 25  
ARG H    H  N N 26  
ARG H2   H  N N 27  
ARG HA   H  N N 28  
ARG HB2  H  N N 29  
ARG HB3  H  N N 30  
ARG HG2  H  N N 31  
ARG HG3  H  N N 32  
ARG HD2  H  N N 33  
ARG HD3  H  N N 34  
ARG HE   H  N N 35  
ARG HH11 H  N N 36  
ARG HH12 H  N N 37  
ARG HH21 H  N N 38  
ARG HH22 H  N N 39  
ARG HXT  H  N N 40  
ASN N    N  N N 41  
ASN CA   C  N S 42  
ASN C    C  N N 43  
ASN O    O  N N 44  
ASN CB   C  N N 45  
ASN CG   C  N N 46  
ASN OD1  O  N N 47  
ASN ND2  N  N N 48  
ASN OXT  O  N N 49  
ASN H    H  N N 50  
ASN H2   H  N N 51  
ASN HA   H  N N 52  
ASN HB2  H  N N 53  
ASN HB3  H  N N 54  
ASN HD21 H  N N 55  
ASN HD22 H  N N 56  
ASN HXT  H  N N 57  
ASP N    N  N N 58  
ASP CA   C  N S 59  
ASP C    C  N N 60  
ASP O    O  N N 61  
ASP CB   C  N N 62  
ASP CG   C  N N 63  
ASP OD1  O  N N 64  
ASP OD2  O  N N 65  
ASP OXT  O  N N 66  
ASP H    H  N N 67  
ASP H2   H  N N 68  
ASP HA   H  N N 69  
ASP HB2  H  N N 70  
ASP HB3  H  N N 71  
ASP HD2  H  N N 72  
ASP HXT  H  N N 73  
CYS N    N  N N 74  
CYS CA   C  N R 75  
CYS C    C  N N 76  
CYS O    O  N N 77  
CYS CB   C  N N 78  
CYS SG   S  N N 79  
CYS OXT  O  N N 80  
CYS H    H  N N 81  
CYS H2   H  N N 82  
CYS HA   H  N N 83  
CYS HB2  H  N N 84  
CYS HB3  H  N N 85  
CYS HG   H  N N 86  
CYS HXT  H  N N 87  
GLN N    N  N N 88  
GLN CA   C  N S 89  
GLN C    C  N N 90  
GLN O    O  N N 91  
GLN CB   C  N N 92  
GLN CG   C  N N 93  
GLN CD   C  N N 94  
GLN OE1  O  N N 95  
GLN NE2  N  N N 96  
GLN OXT  O  N N 97  
GLN H    H  N N 98  
GLN H2   H  N N 99  
GLN HA   H  N N 100 
GLN HB2  H  N N 101 
GLN HB3  H  N N 102 
GLN HG2  H  N N 103 
GLN HG3  H  N N 104 
GLN HE21 H  N N 105 
GLN HE22 H  N N 106 
GLN HXT  H  N N 107 
GLU N    N  N N 108 
GLU CA   C  N S 109 
GLU C    C  N N 110 
GLU O    O  N N 111 
GLU CB   C  N N 112 
GLU CG   C  N N 113 
GLU CD   C  N N 114 
GLU OE1  O  N N 115 
GLU OE2  O  N N 116 
GLU OXT  O  N N 117 
GLU H    H  N N 118 
GLU H2   H  N N 119 
GLU HA   H  N N 120 
GLU HB2  H  N N 121 
GLU HB3  H  N N 122 
GLU HG2  H  N N 123 
GLU HG3  H  N N 124 
GLU HE2  H  N N 125 
GLU HXT  H  N N 126 
GLY N    N  N N 127 
GLY CA   C  N N 128 
GLY C    C  N N 129 
GLY O    O  N N 130 
GLY OXT  O  N N 131 
GLY H    H  N N 132 
GLY H2   H  N N 133 
GLY HA2  H  N N 134 
GLY HA3  H  N N 135 
GLY HXT  H  N N 136 
HIS N    N  N N 137 
HIS CA   C  N S 138 
HIS C    C  N N 139 
HIS O    O  N N 140 
HIS CB   C  N N 141 
HIS CG   C  Y N 142 
HIS ND1  N  Y N 143 
HIS CD2  C  Y N 144 
HIS CE1  C  Y N 145 
HIS NE2  N  Y N 146 
HIS OXT  O  N N 147 
HIS H    H  N N 148 
HIS H2   H  N N 149 
HIS HA   H  N N 150 
HIS HB2  H  N N 151 
HIS HB3  H  N N 152 
HIS HD1  H  N N 153 
HIS HD2  H  N N 154 
HIS HE1  H  N N 155 
HIS HE2  H  N N 156 
HIS HXT  H  N N 157 
HOH O    O  N N 158 
HOH H1   H  N N 159 
HOH H2   H  N N 160 
ILE N    N  N N 161 
ILE CA   C  N S 162 
ILE C    C  N N 163 
ILE O    O  N N 164 
ILE CB   C  N S 165 
ILE CG1  C  N N 166 
ILE CG2  C  N N 167 
ILE CD1  C  N N 168 
ILE OXT  O  N N 169 
ILE H    H  N N 170 
ILE H2   H  N N 171 
ILE HA   H  N N 172 
ILE HB   H  N N 173 
ILE HG12 H  N N 174 
ILE HG13 H  N N 175 
ILE HG21 H  N N 176 
ILE HG22 H  N N 177 
ILE HG23 H  N N 178 
ILE HD11 H  N N 179 
ILE HD12 H  N N 180 
ILE HD13 H  N N 181 
ILE HXT  H  N N 182 
LEU N    N  N N 183 
LEU CA   C  N S 184 
LEU C    C  N N 185 
LEU O    O  N N 186 
LEU CB   C  N N 187 
LEU CG   C  N N 188 
LEU CD1  C  N N 189 
LEU CD2  C  N N 190 
LEU OXT  O  N N 191 
LEU H    H  N N 192 
LEU H2   H  N N 193 
LEU HA   H  N N 194 
LEU HB2  H  N N 195 
LEU HB3  H  N N 196 
LEU HG   H  N N 197 
LEU HD11 H  N N 198 
LEU HD12 H  N N 199 
LEU HD13 H  N N 200 
LEU HD21 H  N N 201 
LEU HD22 H  N N 202 
LEU HD23 H  N N 203 
LEU HXT  H  N N 204 
LYS N    N  N N 205 
LYS CA   C  N S 206 
LYS C    C  N N 207 
LYS O    O  N N 208 
LYS CB   C  N N 209 
LYS CG   C  N N 210 
LYS CD   C  N N 211 
LYS CE   C  N N 212 
LYS NZ   N  N N 213 
LYS OXT  O  N N 214 
LYS H    H  N N 215 
LYS H2   H  N N 216 
LYS HA   H  N N 217 
LYS HB2  H  N N 218 
LYS HB3  H  N N 219 
LYS HG2  H  N N 220 
LYS HG3  H  N N 221 
LYS HD2  H  N N 222 
LYS HD3  H  N N 223 
LYS HE2  H  N N 224 
LYS HE3  H  N N 225 
LYS HZ1  H  N N 226 
LYS HZ2  H  N N 227 
LYS HZ3  H  N N 228 
LYS HXT  H  N N 229 
MET N    N  N N 230 
MET CA   C  N S 231 
MET C    C  N N 232 
MET O    O  N N 233 
MET CB   C  N N 234 
MET CG   C  N N 235 
MET SD   S  N N 236 
MET CE   C  N N 237 
MET OXT  O  N N 238 
MET H    H  N N 239 
MET H2   H  N N 240 
MET HA   H  N N 241 
MET HB2  H  N N 242 
MET HB3  H  N N 243 
MET HG2  H  N N 244 
MET HG3  H  N N 245 
MET HE1  H  N N 246 
MET HE2  H  N N 247 
MET HE3  H  N N 248 
MET HXT  H  N N 249 
PHE N    N  N N 250 
PHE CA   C  N S 251 
PHE C    C  N N 252 
PHE O    O  N N 253 
PHE CB   C  N N 254 
PHE CG   C  Y N 255 
PHE CD1  C  Y N 256 
PHE CD2  C  Y N 257 
PHE CE1  C  Y N 258 
PHE CE2  C  Y N 259 
PHE CZ   C  Y N 260 
PHE OXT  O  N N 261 
PHE H    H  N N 262 
PHE H2   H  N N 263 
PHE HA   H  N N 264 
PHE HB2  H  N N 265 
PHE HB3  H  N N 266 
PHE HD1  H  N N 267 
PHE HD2  H  N N 268 
PHE HE1  H  N N 269 
PHE HE2  H  N N 270 
PHE HZ   H  N N 271 
PHE HXT  H  N N 272 
PRO N    N  N N 273 
PRO CA   C  N S 274 
PRO C    C  N N 275 
PRO O    O  N N 276 
PRO CB   C  N N 277 
PRO CG   C  N N 278 
PRO CD   C  N N 279 
PRO OXT  O  N N 280 
PRO H    H  N N 281 
PRO HA   H  N N 282 
PRO HB2  H  N N 283 
PRO HB3  H  N N 284 
PRO HG2  H  N N 285 
PRO HG3  H  N N 286 
PRO HD2  H  N N 287 
PRO HD3  H  N N 288 
PRO HXT  H  N N 289 
SER N    N  N N 290 
SER CA   C  N S 291 
SER C    C  N N 292 
SER O    O  N N 293 
SER CB   C  N N 294 
SER OG   O  N N 295 
SER OXT  O  N N 296 
SER H    H  N N 297 
SER H2   H  N N 298 
SER HA   H  N N 299 
SER HB2  H  N N 300 
SER HB3  H  N N 301 
SER HG   H  N N 302 
SER HXT  H  N N 303 
THR N    N  N N 304 
THR CA   C  N S 305 
THR C    C  N N 306 
THR O    O  N N 307 
THR CB   C  N R 308 
THR OG1  O  N N 309 
THR CG2  C  N N 310 
THR OXT  O  N N 311 
THR H    H  N N 312 
THR H2   H  N N 313 
THR HA   H  N N 314 
THR HB   H  N N 315 
THR HG1  H  N N 316 
THR HG21 H  N N 317 
THR HG22 H  N N 318 
THR HG23 H  N N 319 
THR HXT  H  N N 320 
TRP N    N  N N 321 
TRP CA   C  N S 322 
TRP C    C  N N 323 
TRP O    O  N N 324 
TRP CB   C  N N 325 
TRP CG   C  Y N 326 
TRP CD1  C  Y N 327 
TRP CD2  C  Y N 328 
TRP NE1  N  Y N 329 
TRP CE2  C  Y N 330 
TRP CE3  C  Y N 331 
TRP CZ2  C  Y N 332 
TRP CZ3  C  Y N 333 
TRP CH2  C  Y N 334 
TRP OXT  O  N N 335 
TRP H    H  N N 336 
TRP H2   H  N N 337 
TRP HA   H  N N 338 
TRP HB2  H  N N 339 
TRP HB3  H  N N 340 
TRP HD1  H  N N 341 
TRP HE1  H  N N 342 
TRP HE3  H  N N 343 
TRP HZ2  H  N N 344 
TRP HZ3  H  N N 345 
TRP HH2  H  N N 346 
TRP HXT  H  N N 347 
TYR N    N  N N 348 
TYR CA   C  N S 349 
TYR C    C  N N 350 
TYR O    O  N N 351 
TYR CB   C  N N 352 
TYR CG   C  Y N 353 
TYR CD1  C  Y N 354 
TYR CD2  C  Y N 355 
TYR CE1  C  Y N 356 
TYR CE2  C  Y N 357 
TYR CZ   C  Y N 358 
TYR OH   O  N N 359 
TYR OXT  O  N N 360 
TYR H    H  N N 361 
TYR H2   H  N N 362 
TYR HA   H  N N 363 
TYR HB2  H  N N 364 
TYR HB3  H  N N 365 
TYR HD1  H  N N 366 
TYR HD2  H  N N 367 
TYR HE1  H  N N 368 
TYR HE2  H  N N 369 
TYR HH   H  N N 370 
TYR HXT  H  N N 371 
V98 CAK  C  N N 372 
V98 CAL  C  N N 373 
V98 NAM  N  N N 374 
V98 CAN  C  N N 375 
V98 CAO  C  N N 376 
V98 CAJ  C  N N 377 
V98 CAI  C  N N 378 
V98 NAH  N  N N 379 
V98 CAA  C  N N 380 
V98 CAB  C  Y N 381 
V98 CAC  C  Y N 382 
V98 CAD  C  Y N 383 
V98 CAE  C  Y N 384 
V98 CAF  C  Y N 385 
V98 CAG  C  Y N 386 
V98 SAP  S  N N 387 
V98 OAQ  O  N N 388 
V98 OAR  O  N N 389 
V98 CAS  C  Y N 390 
V98 CAX  C  Y N 391 
V98 CAW  C  Y N 392 
V98 CAT  C  Y N 393 
V98 CAU  C  Y N 394 
V98 CAV  C  Y N 395 
V98 SAY  S  N N 396 
V98 OAZ  O  N N 397 
V98 OBA  O  N N 398 
V98 NBB  N  N N 399 
V98 CBE  C  N N 400 
V98 CBF  C  N N 401 
V98 CBG  C  N N 402 
V98 CBH  C  N N 403 
V98 CBI  C  N N 404 
V98 CBC  C  N N 405 
V98 CBD  C  Y N 406 
V98 CBJ  C  Y N 407 
V98 CBK  C  Y N 408 
V98 CBL  C  Y N 409 
V98 CL   CL N N 410 
V98 CBM  C  Y N 411 
V98 CBN  C  Y N 412 
V98 H1   H  N N 413 
V98 H2   H  N N 414 
V98 H3   H  N N 415 
V98 H4   H  N N 416 
V98 H5   H  N N 417 
V98 H7   H  N N 418 
V98 H8   H  N N 419 
V98 H9   H  N N 420 
V98 H10  H  N N 421 
V98 H11  H  N N 422 
V98 H12  H  N N 423 
V98 H13  H  N N 424 
V98 H14  H  N N 425 
V98 H15  H  N N 426 
V98 H16  H  N N 427 
V98 H17  H  N N 428 
V98 H18  H  N N 429 
V98 H19  H  N N 430 
V98 H20  H  N N 431 
V98 H21  H  N N 432 
V98 H22  H  N N 433 
V98 H23  H  N N 434 
V98 H24  H  N N 435 
V98 H25  H  N N 436 
V98 H26  H  N N 437 
V98 H27  H  N N 438 
V98 H28  H  N N 439 
V98 H29  H  N N 440 
V98 H30  H  N N 441 
V98 H31  H  N N 442 
V98 H32  H  N N 443 
V98 H33  H  N N 444 
V98 H34  H  N N 445 
V98 H35  H  N N 446 
V98 H36  H  N N 447 
V98 H37  H  N N 448 
V98 H38  H  N N 449 
V98 H39  H  N N 450 
VAL N    N  N N 451 
VAL CA   C  N S 452 
VAL C    C  N N 453 
VAL O    O  N N 454 
VAL CB   C  N N 455 
VAL CG1  C  N N 456 
VAL CG2  C  N N 457 
VAL OXT  O  N N 458 
VAL H    H  N N 459 
VAL H2   H  N N 460 
VAL HA   H  N N 461 
VAL HB   H  N N 462 
VAL HG11 H  N N 463 
VAL HG12 H  N N 464 
VAL HG13 H  N N 465 
VAL HG21 H  N N 466 
VAL HG22 H  N N 467 
VAL HG23 H  N N 468 
VAL HXT  H  N N 469 
# 
loop_
_chem_comp_bond.comp_id 
_chem_comp_bond.atom_id_1 
_chem_comp_bond.atom_id_2 
_chem_comp_bond.value_order 
_chem_comp_bond.pdbx_aromatic_flag 
_chem_comp_bond.pdbx_stereo_config 
_chem_comp_bond.pdbx_ordinal 
ALA N   CA   sing N N 1   
ALA N   H    sing N N 2   
ALA N   H2   sing N N 3   
ALA CA  C    sing N N 4   
ALA CA  CB   sing N N 5   
ALA CA  HA   sing N N 6   
ALA C   O    doub N N 7   
ALA C   OXT  sing N N 8   
ALA CB  HB1  sing N N 9   
ALA CB  HB2  sing N N 10  
ALA CB  HB3  sing N N 11  
ALA OXT HXT  sing N N 12  
ARG N   CA   sing N N 13  
ARG N   H    sing N N 14  
ARG N   H2   sing N N 15  
ARG CA  C    sing N N 16  
ARG CA  CB   sing N N 17  
ARG CA  HA   sing N N 18  
ARG C   O    doub N N 19  
ARG C   OXT  sing N N 20  
ARG CB  CG   sing N N 21  
ARG CB  HB2  sing N N 22  
ARG CB  HB3  sing N N 23  
ARG CG  CD   sing N N 24  
ARG CG  HG2  sing N N 25  
ARG CG  HG3  sing N N 26  
ARG CD  NE   sing N N 27  
ARG CD  HD2  sing N N 28  
ARG CD  HD3  sing N N 29  
ARG NE  CZ   sing N N 30  
ARG NE  HE   sing N N 31  
ARG CZ  NH1  sing N N 32  
ARG CZ  NH2  doub N N 33  
ARG NH1 HH11 sing N N 34  
ARG NH1 HH12 sing N N 35  
ARG NH2 HH21 sing N N 36  
ARG NH2 HH22 sing N N 37  
ARG OXT HXT  sing N N 38  
ASN N   CA   sing N N 39  
ASN N   H    sing N N 40  
ASN N   H2   sing N N 41  
ASN CA  C    sing N N 42  
ASN CA  CB   sing N N 43  
ASN CA  HA   sing N N 44  
ASN C   O    doub N N 45  
ASN C   OXT  sing N N 46  
ASN CB  CG   sing N N 47  
ASN CB  HB2  sing N N 48  
ASN CB  HB3  sing N N 49  
ASN CG  OD1  doub N N 50  
ASN CG  ND2  sing N N 51  
ASN ND2 HD21 sing N N 52  
ASN ND2 HD22 sing N N 53  
ASN OXT HXT  sing N N 54  
ASP N   CA   sing N N 55  
ASP N   H    sing N N 56  
ASP N   H2   sing N N 57  
ASP CA  C    sing N N 58  
ASP CA  CB   sing N N 59  
ASP CA  HA   sing N N 60  
ASP C   O    doub N N 61  
ASP C   OXT  sing N N 62  
ASP CB  CG   sing N N 63  
ASP CB  HB2  sing N N 64  
ASP CB  HB3  sing N N 65  
ASP CG  OD1  doub N N 66  
ASP CG  OD2  sing N N 67  
ASP OD2 HD2  sing N N 68  
ASP OXT HXT  sing N N 69  
CYS N   CA   sing N N 70  
CYS N   H    sing N N 71  
CYS N   H2   sing N N 72  
CYS CA  C    sing N N 73  
CYS CA  CB   sing N N 74  
CYS CA  HA   sing N N 75  
CYS C   O    doub N N 76  
CYS C   OXT  sing N N 77  
CYS CB  SG   sing N N 78  
CYS CB  HB2  sing N N 79  
CYS CB  HB3  sing N N 80  
CYS SG  HG   sing N N 81  
CYS OXT HXT  sing N N 82  
GLN N   CA   sing N N 83  
GLN N   H    sing N N 84  
GLN N   H2   sing N N 85  
GLN CA  C    sing N N 86  
GLN CA  CB   sing N N 87  
GLN CA  HA   sing N N 88  
GLN C   O    doub N N 89  
GLN C   OXT  sing N N 90  
GLN CB  CG   sing N N 91  
GLN CB  HB2  sing N N 92  
GLN CB  HB3  sing N N 93  
GLN CG  CD   sing N N 94  
GLN CG  HG2  sing N N 95  
GLN CG  HG3  sing N N 96  
GLN CD  OE1  doub N N 97  
GLN CD  NE2  sing N N 98  
GLN NE2 HE21 sing N N 99  
GLN NE2 HE22 sing N N 100 
GLN OXT HXT  sing N N 101 
GLU N   CA   sing N N 102 
GLU N   H    sing N N 103 
GLU N   H2   sing N N 104 
GLU CA  C    sing N N 105 
GLU CA  CB   sing N N 106 
GLU CA  HA   sing N N 107 
GLU C   O    doub N N 108 
GLU C   OXT  sing N N 109 
GLU CB  CG   sing N N 110 
GLU CB  HB2  sing N N 111 
GLU CB  HB3  sing N N 112 
GLU CG  CD   sing N N 113 
GLU CG  HG2  sing N N 114 
GLU CG  HG3  sing N N 115 
GLU CD  OE1  doub N N 116 
GLU CD  OE2  sing N N 117 
GLU OE2 HE2  sing N N 118 
GLU OXT HXT  sing N N 119 
GLY N   CA   sing N N 120 
GLY N   H    sing N N 121 
GLY N   H2   sing N N 122 
GLY CA  C    sing N N 123 
GLY CA  HA2  sing N N 124 
GLY CA  HA3  sing N N 125 
GLY C   O    doub N N 126 
GLY C   OXT  sing N N 127 
GLY OXT HXT  sing N N 128 
HIS N   CA   sing N N 129 
HIS N   H    sing N N 130 
HIS N   H2   sing N N 131 
HIS CA  C    sing N N 132 
HIS CA  CB   sing N N 133 
HIS CA  HA   sing N N 134 
HIS C   O    doub N N 135 
HIS C   OXT  sing N N 136 
HIS CB  CG   sing N N 137 
HIS CB  HB2  sing N N 138 
HIS CB  HB3  sing N N 139 
HIS CG  ND1  sing Y N 140 
HIS CG  CD2  doub Y N 141 
HIS ND1 CE1  doub Y N 142 
HIS ND1 HD1  sing N N 143 
HIS CD2 NE2  sing Y N 144 
HIS CD2 HD2  sing N N 145 
HIS CE1 NE2  sing Y N 146 
HIS CE1 HE1  sing N N 147 
HIS NE2 HE2  sing N N 148 
HIS OXT HXT  sing N N 149 
HOH O   H1   sing N N 150 
HOH O   H2   sing N N 151 
ILE N   CA   sing N N 152 
ILE N   H    sing N N 153 
ILE N   H2   sing N N 154 
ILE CA  C    sing N N 155 
ILE CA  CB   sing N N 156 
ILE CA  HA   sing N N 157 
ILE C   O    doub N N 158 
ILE C   OXT  sing N N 159 
ILE CB  CG1  sing N N 160 
ILE CB  CG2  sing N N 161 
ILE CB  HB   sing N N 162 
ILE CG1 CD1  sing N N 163 
ILE CG1 HG12 sing N N 164 
ILE CG1 HG13 sing N N 165 
ILE CG2 HG21 sing N N 166 
ILE CG2 HG22 sing N N 167 
ILE CG2 HG23 sing N N 168 
ILE CD1 HD11 sing N N 169 
ILE CD1 HD12 sing N N 170 
ILE CD1 HD13 sing N N 171 
ILE OXT HXT  sing N N 172 
LEU N   CA   sing N N 173 
LEU N   H    sing N N 174 
LEU N   H2   sing N N 175 
LEU CA  C    sing N N 176 
LEU CA  CB   sing N N 177 
LEU CA  HA   sing N N 178 
LEU C   O    doub N N 179 
LEU C   OXT  sing N N 180 
LEU CB  CG   sing N N 181 
LEU CB  HB2  sing N N 182 
LEU CB  HB3  sing N N 183 
LEU CG  CD1  sing N N 184 
LEU CG  CD2  sing N N 185 
LEU CG  HG   sing N N 186 
LEU CD1 HD11 sing N N 187 
LEU CD1 HD12 sing N N 188 
LEU CD1 HD13 sing N N 189 
LEU CD2 HD21 sing N N 190 
LEU CD2 HD22 sing N N 191 
LEU CD2 HD23 sing N N 192 
LEU OXT HXT  sing N N 193 
LYS N   CA   sing N N 194 
LYS N   H    sing N N 195 
LYS N   H2   sing N N 196 
LYS CA  C    sing N N 197 
LYS CA  CB   sing N N 198 
LYS CA  HA   sing N N 199 
LYS C   O    doub N N 200 
LYS C   OXT  sing N N 201 
LYS CB  CG   sing N N 202 
LYS CB  HB2  sing N N 203 
LYS CB  HB3  sing N N 204 
LYS CG  CD   sing N N 205 
LYS CG  HG2  sing N N 206 
LYS CG  HG3  sing N N 207 
LYS CD  CE   sing N N 208 
LYS CD  HD2  sing N N 209 
LYS CD  HD3  sing N N 210 
LYS CE  NZ   sing N N 211 
LYS CE  HE2  sing N N 212 
LYS CE  HE3  sing N N 213 
LYS NZ  HZ1  sing N N 214 
LYS NZ  HZ2  sing N N 215 
LYS NZ  HZ3  sing N N 216 
LYS OXT HXT  sing N N 217 
MET N   CA   sing N N 218 
MET N   H    sing N N 219 
MET N   H2   sing N N 220 
MET CA  C    sing N N 221 
MET CA  CB   sing N N 222 
MET CA  HA   sing N N 223 
MET C   O    doub N N 224 
MET C   OXT  sing N N 225 
MET CB  CG   sing N N 226 
MET CB  HB2  sing N N 227 
MET CB  HB3  sing N N 228 
MET CG  SD   sing N N 229 
MET CG  HG2  sing N N 230 
MET CG  HG3  sing N N 231 
MET SD  CE   sing N N 232 
MET CE  HE1  sing N N 233 
MET CE  HE2  sing N N 234 
MET CE  HE3  sing N N 235 
MET OXT HXT  sing N N 236 
PHE N   CA   sing N N 237 
PHE N   H    sing N N 238 
PHE N   H2   sing N N 239 
PHE CA  C    sing N N 240 
PHE CA  CB   sing N N 241 
PHE CA  HA   sing N N 242 
PHE C   O    doub N N 243 
PHE C   OXT  sing N N 244 
PHE CB  CG   sing N N 245 
PHE CB  HB2  sing N N 246 
PHE CB  HB3  sing N N 247 
PHE CG  CD1  doub Y N 248 
PHE CG  CD2  sing Y N 249 
PHE CD1 CE1  sing Y N 250 
PHE CD1 HD1  sing N N 251 
PHE CD2 CE2  doub Y N 252 
PHE CD2 HD2  sing N N 253 
PHE CE1 CZ   doub Y N 254 
PHE CE1 HE1  sing N N 255 
PHE CE2 CZ   sing Y N 256 
PHE CE2 HE2  sing N N 257 
PHE CZ  HZ   sing N N 258 
PHE OXT HXT  sing N N 259 
PRO N   CA   sing N N 260 
PRO N   CD   sing N N 261 
PRO N   H    sing N N 262 
PRO CA  C    sing N N 263 
PRO CA  CB   sing N N 264 
PRO CA  HA   sing N N 265 
PRO C   O    doub N N 266 
PRO C   OXT  sing N N 267 
PRO CB  CG   sing N N 268 
PRO CB  HB2  sing N N 269 
PRO CB  HB3  sing N N 270 
PRO CG  CD   sing N N 271 
PRO CG  HG2  sing N N 272 
PRO CG  HG3  sing N N 273 
PRO CD  HD2  sing N N 274 
PRO CD  HD3  sing N N 275 
PRO OXT HXT  sing N N 276 
SER N   CA   sing N N 277 
SER N   H    sing N N 278 
SER N   H2   sing N N 279 
SER CA  C    sing N N 280 
SER CA  CB   sing N N 281 
SER CA  HA   sing N N 282 
SER C   O    doub N N 283 
SER C   OXT  sing N N 284 
SER CB  OG   sing N N 285 
SER CB  HB2  sing N N 286 
SER CB  HB3  sing N N 287 
SER OG  HG   sing N N 288 
SER OXT HXT  sing N N 289 
THR N   CA   sing N N 290 
THR N   H    sing N N 291 
THR N   H2   sing N N 292 
THR CA  C    sing N N 293 
THR CA  CB   sing N N 294 
THR CA  HA   sing N N 295 
THR C   O    doub N N 296 
THR C   OXT  sing N N 297 
THR CB  OG1  sing N N 298 
THR CB  CG2  sing N N 299 
THR CB  HB   sing N N 300 
THR OG1 HG1  sing N N 301 
THR CG2 HG21 sing N N 302 
THR CG2 HG22 sing N N 303 
THR CG2 HG23 sing N N 304 
THR OXT HXT  sing N N 305 
TRP N   CA   sing N N 306 
TRP N   H    sing N N 307 
TRP N   H2   sing N N 308 
TRP CA  C    sing N N 309 
TRP CA  CB   sing N N 310 
TRP CA  HA   sing N N 311 
TRP C   O    doub N N 312 
TRP C   OXT  sing N N 313 
TRP CB  CG   sing N N 314 
TRP CB  HB2  sing N N 315 
TRP CB  HB3  sing N N 316 
TRP CG  CD1  doub Y N 317 
TRP CG  CD2  sing Y N 318 
TRP CD1 NE1  sing Y N 319 
TRP CD1 HD1  sing N N 320 
TRP CD2 CE2  doub Y N 321 
TRP CD2 CE3  sing Y N 322 
TRP NE1 CE2  sing Y N 323 
TRP NE1 HE1  sing N N 324 
TRP CE2 CZ2  sing Y N 325 
TRP CE3 CZ3  doub Y N 326 
TRP CE3 HE3  sing N N 327 
TRP CZ2 CH2  doub Y N 328 
TRP CZ2 HZ2  sing N N 329 
TRP CZ3 CH2  sing Y N 330 
TRP CZ3 HZ3  sing N N 331 
TRP CH2 HH2  sing N N 332 
TRP OXT HXT  sing N N 333 
TYR N   CA   sing N N 334 
TYR N   H    sing N N 335 
TYR N   H2   sing N N 336 
TYR CA  C    sing N N 337 
TYR CA  CB   sing N N 338 
TYR CA  HA   sing N N 339 
TYR C   O    doub N N 340 
TYR C   OXT  sing N N 341 
TYR CB  CG   sing N N 342 
TYR CB  HB2  sing N N 343 
TYR CB  HB3  sing N N 344 
TYR CG  CD1  doub Y N 345 
TYR CG  CD2  sing Y N 346 
TYR CD1 CE1  sing Y N 347 
TYR CD1 HD1  sing N N 348 
TYR CD2 CE2  doub Y N 349 
TYR CD2 HD2  sing N N 350 
TYR CE1 CZ   doub Y N 351 
TYR CE1 HE1  sing N N 352 
TYR CE2 CZ   sing Y N 353 
TYR CE2 HE2  sing N N 354 
TYR CZ  OH   sing N N 355 
TYR OH  HH   sing N N 356 
TYR OXT HXT  sing N N 357 
V98 CAF CAE  doub Y N 358 
V98 CAF CAG  sing Y N 359 
V98 CAE CAD  sing Y N 360 
V98 CAG CAB  doub Y N 361 
V98 OAQ SAP  doub N N 362 
V98 CBG CBH  sing N N 363 
V98 CBG CBF  sing N N 364 
V98 CAD CAC  doub Y N 365 
V98 OAR SAP  doub N N 366 
V98 CAB CAC  sing Y N 367 
V98 CAB CAA  sing N N 368 
V98 SAP NAH  sing N N 369 
V98 SAP CAS  sing N N 370 
V98 CBH CBI  sing N N 371 
V98 NAH CAA  sing N N 372 
V98 NAH CAI  sing N N 373 
V98 CBF CBE  sing N N 374 
V98 CAT CAS  doub Y N 375 
V98 CAT CAU  sing Y N 376 
V98 CAS CAX  sing Y N 377 
V98 CAO CAN  sing N N 378 
V98 CAO CAJ  sing N N 379 
V98 CBE CBI  sing N N 380 
V98 CBE NBB  sing N N 381 
V98 CAN NAM  sing N N 382 
V98 CAU CAV  doub Y N 383 
V98 CAX CAW  doub Y N 384 
V98 CAI CAJ  sing N N 385 
V98 CAJ CAK  sing N N 386 
V98 CBC NBB  sing N N 387 
V98 CBC CBD  sing N N 388 
V98 CAV CAW  sing Y N 389 
V98 CAV SAY  sing N N 390 
V98 NBB SAY  sing N N 391 
V98 NAM CAL  sing N N 392 
V98 CBJ CBD  doub Y N 393 
V98 CBJ CBK  sing Y N 394 
V98 CBD CBN  sing Y N 395 
V98 CAK CAL  sing N N 396 
V98 SAY OBA  doub N N 397 
V98 SAY OAZ  doub N N 398 
V98 CBK CBL  doub Y N 399 
V98 CBN CBM  doub Y N 400 
V98 CBL CBM  sing Y N 401 
V98 CBL CL   sing N N 402 
V98 CAK H1   sing N N 403 
V98 CAK H2   sing N N 404 
V98 CAL H3   sing N N 405 
V98 CAL H4   sing N N 406 
V98 NAM H5   sing N N 407 
V98 CAN H7   sing N N 408 
V98 CAN H8   sing N N 409 
V98 CAO H9   sing N N 410 
V98 CAO H10  sing N N 411 
V98 CAJ H11  sing N N 412 
V98 CAI H12  sing N N 413 
V98 CAI H13  sing N N 414 
V98 CAA H14  sing N N 415 
V98 CAA H15  sing N N 416 
V98 CAC H16  sing N N 417 
V98 CAD H17  sing N N 418 
V98 CAE H18  sing N N 419 
V98 CAF H19  sing N N 420 
V98 CAG H20  sing N N 421 
V98 CAX H21  sing N N 422 
V98 CAW H22  sing N N 423 
V98 CAT H23  sing N N 424 
V98 CAU H24  sing N N 425 
V98 CBE H25  sing N N 426 
V98 CBF H26  sing N N 427 
V98 CBF H27  sing N N 428 
V98 CBG H28  sing N N 429 
V98 CBG H29  sing N N 430 
V98 CBH H30  sing N N 431 
V98 CBH H31  sing N N 432 
V98 CBI H32  sing N N 433 
V98 CBI H33  sing N N 434 
V98 CBC H34  sing N N 435 
V98 CBC H35  sing N N 436 
V98 CBJ H36  sing N N 437 
V98 CBK H37  sing N N 438 
V98 CBM H38  sing N N 439 
V98 CBN H39  sing N N 440 
VAL N   CA   sing N N 441 
VAL N   H    sing N N 442 
VAL N   H2   sing N N 443 
VAL CA  C    sing N N 444 
VAL CA  CB   sing N N 445 
VAL CA  HA   sing N N 446 
VAL C   O    doub N N 447 
VAL C   OXT  sing N N 448 
VAL CB  CG1  sing N N 449 
VAL CB  CG2  sing N N 450 
VAL CB  HB   sing N N 451 
VAL CG1 HG11 sing N N 452 
VAL CG1 HG12 sing N N 453 
VAL CG1 HG13 sing N N 454 
VAL CG2 HG21 sing N N 455 
VAL CG2 HG22 sing N N 456 
VAL CG2 HG23 sing N N 457 
VAL OXT HXT  sing N N 458 
# 
loop_
_pdbx_audit_support.funding_organization 
_pdbx_audit_support.country 
_pdbx_audit_support.grant_number 
_pdbx_audit_support.ordinal 
SFB                         Germany 'SFB 642'          1 
'European Research Council' Germany 'ERC Grant 268782' 2 
# 
_pdbx_initial_refinement_model.id               1 
_pdbx_initial_refinement_model.entity_id_list   ? 
_pdbx_initial_refinement_model.type             'experimental model' 
_pdbx_initial_refinement_model.source_name      PDB 
_pdbx_initial_refinement_model.accession_code   3T5G 
_pdbx_initial_refinement_model.details          ? 
# 
_atom_sites.entry_id                    5ML8 
_atom_sites.fract_transf_matrix[1][1]   0.00002445 
_atom_sites.fract_transf_matrix[1][2]   -0.01872003 
_atom_sites.fract_transf_matrix[1][3]   -0.00851116 
_atom_sites.fract_transf_matrix[2][1]   -0.01225418 
_atom_sites.fract_transf_matrix[2][2]   -0.01471788 
_atom_sites.fract_transf_matrix[2][3]   0.00749255 
_atom_sites.fract_transf_matrix[3][1]   -0.00629594 
_atom_sites.fract_transf_matrix[3][2]   0.00246866 
_atom_sites.fract_transf_matrix[3][3]   -0.00544782 
_atom_sites.fract_transf_vector[1]      -0.410556 
_atom_sites.fract_transf_vector[2]      0.167906 
_atom_sites.fract_transf_vector[3]      -0.090042 
# 
loop_
_atom_type.symbol 
C  
CL 
N  
O  
S  
# 
loop_
_atom_site.group_PDB 
_atom_site.id 
_atom_site.type_symbol 
_atom_site.label_atom_id 
_atom_site.label_alt_id 
_atom_site.label_comp_id 
_atom_site.label_asym_id 
_atom_site.label_entity_id 
_atom_site.label_seq_id 
_atom_site.pdbx_PDB_ins_code 
_atom_site.Cartn_x 
_atom_site.Cartn_y 
_atom_site.Cartn_z 
_atom_site.occupancy 
_atom_site.B_iso_or_equiv 
_atom_site.pdbx_formal_charge 
_atom_site.auth_seq_id 
_atom_site.auth_comp_id 
_atom_site.auth_asym_id 
_atom_site.auth_atom_id 
_atom_site.pdbx_PDB_model_num 
ATOM   1    N  N   . SER A 1 1   ? -11.519 22.347  11.206  1.00 39.27 ? 2   SER B N   1 
ATOM   2    C  CA  . SER A 1 1   ? -11.904 22.396  9.752   1.00 40.94 ? 2   SER B CA  1 
ATOM   3    C  C   . SER A 1 1   ? -12.704 21.167  9.252   1.00 38.50 ? 2   SER B C   1 
ATOM   4    O  O   . SER A 1 1   ? -12.503 20.042  9.713   1.00 36.40 ? 2   SER B O   1 
ATOM   5    C  CB  . SER A 1 1   ? -10.650 22.568  8.895   1.00 43.19 ? 2   SER B CB  1 
ATOM   6    O  OG  . SER A 1 1   ? -10.868 22.137  7.562   1.00 45.22 ? 2   SER B OG  1 
ATOM   7    N  N   . ALA A 1 2   ? -13.592 21.397  8.291   1.00 37.43 ? 3   ALA B N   1 
ATOM   8    C  CA  . ALA A 1 2   ? -14.466 20.335  7.772   1.00 40.92 ? 3   ALA B CA  1 
ATOM   9    C  C   . ALA A 1 2   ? -13.675 19.228  7.074   1.00 41.65 ? 3   ALA B C   1 
ATOM   10   O  O   . ALA A 1 2   ? -13.999 18.055  7.207   1.00 42.09 ? 3   ALA B O   1 
ATOM   11   C  CB  . ALA A 1 2   ? -15.532 20.913  6.831   1.00 39.34 ? 3   ALA B CB  1 
ATOM   12   N  N   . LYS A 1 3   ? -12.634 19.612  6.347   1.00 43.99 ? 4   LYS B N   1 
ATOM   13   C  CA  . LYS A 1 3   ? -11.765 18.656  5.661   1.00 46.01 ? 4   LYS B CA  1 
ATOM   14   C  C   . LYS A 1 3   ? -11.000 17.748  6.634   1.00 43.54 ? 4   LYS B C   1 
ATOM   15   O  O   . LYS A 1 3   ? -10.845 16.553  6.375   1.00 41.88 ? 4   LYS B O   1 
ATOM   16   C  CB  . LYS A 1 3   ? -10.785 19.395  4.735   1.00 49.27 ? 4   LYS B CB  1 
ATOM   17   C  CG  . LYS A 1 3   ? -11.378 19.778  3.389   1.00 52.83 ? 4   LYS B CG  1 
ATOM   18   C  CD  . LYS A 1 3   ? -10.465 20.741  2.644   1.00 60.12 ? 4   LYS B CD  1 
ATOM   19   C  CE  . LYS A 1 3   ? -11.201 21.432  1.500   1.00 66.00 ? 4   LYS B CE  1 
ATOM   20   N  NZ  . LYS A 1 3   ? -10.453 22.631  1.008   1.00 68.05 ? 4   LYS B NZ  1 
ATOM   21   N  N   . ASP A 1 4   ? -10.527 18.302  7.744   1.00 43.05 ? 5   ASP B N   1 
ATOM   22   C  CA  . ASP A 1 4   ? -9.861  17.480  8.782   1.00 46.59 ? 5   ASP B CA  1 
ATOM   23   C  C   . ASP A 1 4   ? -10.803 16.437  9.397   1.00 42.61 ? 5   ASP B C   1 
ATOM   24   O  O   . ASP A 1 4   ? -10.419 15.293  9.624   1.00 36.15 ? 5   ASP B O   1 
ATOM   25   C  CB  . ASP A 1 4   ? -9.293  18.356  9.907   1.00 50.39 ? 5   ASP B CB  1 
ATOM   26   C  CG  . ASP A 1 4   ? -8.253  19.356  9.407   1.00 59.99 ? 5   ASP B CG  1 
ATOM   27   O  OD1 . ASP A 1 4   ? -7.597  19.078  8.376   1.00 63.27 ? 5   ASP B OD1 1 
ATOM   28   O  OD2 . ASP A 1 4   ? -8.095  20.426  10.045  1.00 69.27 ? 5   ASP B OD2 1 
ATOM   29   N  N   . GLU A 1 5   ? -12.037 16.852  9.667   1.00 40.69 ? 6   GLU B N   1 
ATOM   30   C  CA  . GLU A 1 5   ? -13.019 15.973  10.266  1.00 40.20 ? 6   GLU B CA  1 
ATOM   31   C  C   . GLU A 1 5   ? -13.434 14.885  9.272   1.00 36.33 ? 6   GLU B C   1 
ATOM   32   O  O   . GLU A 1 5   ? -13.629 13.730  9.664   1.00 32.07 ? 6   GLU B O   1 
ATOM   33   C  CB  . GLU A 1 5   ? -14.230 16.776  10.754  1.00 43.05 ? 6   GLU B CB  1 
ATOM   34   C  CG  . GLU A 1 5   ? -15.257 15.956  11.524  1.00 48.33 ? 6   GLU B CG  1 
ATOM   35   C  CD  . GLU A 1 5   ? -14.723 15.402  12.849  1.00 52.98 ? 6   GLU B CD  1 
ATOM   36   O  OE1 . GLU A 1 5   ? -13.806 16.028  13.444  1.00 53.16 ? 6   GLU B OE1 1 
ATOM   37   O  OE2 . GLU A 1 5   ? -15.241 14.346  13.294  1.00 52.79 ? 6   GLU B OE2 1 
ATOM   38   N  N   . ARG A 1 6   ? -13.539 15.226  7.990   1.00 33.29 ? 7   ARG B N   1 
ATOM   39   C  CA  . ARG A 1 6   ? -13.920 14.208  7.026   1.00 32.92 ? 7   ARG B CA  1 
ATOM   40   C  C   . ARG A 1 6   ? -12.865 13.134  6.862   1.00 32.15 ? 7   ARG B C   1 
ATOM   41   O  O   . ARG A 1 6   ? -13.199 11.947  6.761   1.00 32.57 ? 7   ARG B O   1 
ATOM   42   C  CB  . ARG A 1 6   ? -14.271 14.757  5.645   1.00 33.67 ? 7   ARG B CB  1 
ATOM   43   C  CG  . ARG A 1 6   ? -15.247 13.769  5.029   1.00 36.08 ? 7   ARG B CG  1 
ATOM   44   C  CD  . ARG A 1 6   ? -15.418 13.748  3.536   1.00 38.48 ? 7   ARG B CD  1 
ATOM   45   N  NE  . ARG A 1 6   ? -16.144 12.555  3.008   1.00 43.24 ? 7   ARG B NE  1 
ATOM   46   C  CZ  . ARG A 1 6   ? -16.869 11.622  3.670   1.00 40.11 ? 7   ARG B CZ  1 
ATOM   47   N  NH1 . ARG A 1 6   ? -17.085 11.608  4.986   1.00 37.52 ? 7   ARG B NH1 1 
ATOM   48   N  NH2 . ARG A 1 6   ? -17.430 10.645  2.962   1.00 41.17 ? 7   ARG B NH2 1 
ATOM   49   N  N   . ALA A 1 7   ? -11.605 13.560  6.806   1.00 30.48 ? 8   ALA B N   1 
ATOM   50   C  CA  . ALA A 1 7   ? -10.462 12.654  6.696   1.00 30.13 ? 8   ALA B CA  1 
ATOM   51   C  C   . ALA A 1 7   ? -10.465 11.612  7.800   1.00 29.03 ? 8   ALA B C   1 
ATOM   52   O  O   . ALA A 1 7   ? -10.186 10.433  7.554   1.00 28.41 ? 8   ALA B O   1 
ATOM   53   C  CB  . ALA A 1 7   ? -9.162  13.444  6.729   1.00 29.78 ? 8   ALA B CB  1 
ATOM   54   N  N   . ARG A 1 8   ? -10.812 12.041  9.005   1.00 28.78 ? 9   ARG B N   1 
ATOM   55   C  CA  . ARG A 1 8   ? -10.893 11.122  10.129  1.00 32.02 ? 9   ARG B CA  1 
ATOM   56   C  C   . ARG A 1 8   ? -12.098 10.197  10.055  1.00 30.70 ? 9   ARG B C   1 
ATOM   57   O  O   . ARG A 1 8   ? -12.020 9.070   10.523  1.00 33.88 ? 9   ARG B O   1 
ATOM   58   C  CB  . ARG A 1 8   ? -10.938 11.888  11.440  1.00 36.59 ? 9   ARG B CB  1 
ATOM   59   C  CG  . ARG A 1 8   ? -9.706  12.726  11.743  1.00 40.95 ? 9   ARG B CG  1 
ATOM   60   C  CD  . ARG A 1 8   ? -10.061 13.765  12.793  1.00 48.45 ? 9   ARG B CD  1 
ATOM   61   N  NE  . ARG A 1 8   ? -8.886  14.230  13.520  1.00 56.97 ? 9   ARG B NE  1 
ATOM   62   C  CZ  . ARG A 1 8   ? -8.904  14.779  14.736  1.00 61.93 ? 9   ARG B CZ  1 
ATOM   63   N  NH1 . ARG A 1 8   ? -10.051 14.941  15.404  1.00 64.38 ? 9   ARG B NH1 1 
ATOM   64   N  NH2 . ARG A 1 8   ? -7.757  15.158  15.295  1.00 59.83 ? 9   ARG B NH2 1 
ATOM   65   N  N   . GLU A 1 9   ? -13.215 10.688  9.517   1.00 28.92 ? 10  GLU B N   1 
ATOM   66   C  CA  . GLU A 1 9   ? -14.423 9.878   9.293   1.00 27.37 ? 10  GLU B CA  1 
ATOM   67   C  C   . GLU A 1 9   ? -14.111 8.760   8.321   1.00 26.32 ? 10  GLU B C   1 
ATOM   68   O  O   . GLU A 1 9   ? -14.427 7.605   8.562   1.00 26.84 ? 10  GLU B O   1 
ATOM   69   C  CB  . GLU A 1 9   ? -15.584 10.730  8.742   1.00 26.59 ? 10  GLU B CB  1 
ATOM   70   N  N   . ILE A 1 10  ? -13.480 9.112   7.214   1.00 26.87 ? 11  ILE B N   1 
ATOM   71   C  CA  . ILE A 1 10  ? -13.076 8.121   6.228   1.00 27.08 ? 11  ILE B CA  1 
ATOM   72   C  C   . ILE A 1 10  ? -12.074 7.151   6.857   1.00 27.54 ? 11  ILE B C   1 
ATOM   73   O  O   . ILE A 1 10  ? -12.149 5.943   6.651   1.00 27.47 ? 11  ILE B O   1 
ATOM   74   C  CB  . ILE A 1 10  ? -12.397 8.771   5.008   1.00 26.82 ? 11  ILE B CB  1 
ATOM   75   C  CG1 . ILE A 1 10  ? -13.354 9.712   4.264   1.00 27.28 ? 11  ILE B CG1 1 
ATOM   76   C  CG2 . ILE A 1 10  ? -11.880 7.693   4.060   1.00 27.08 ? 11  ILE B CG2 1 
ATOM   77   C  CD1 . ILE A 1 10  ? -12.660 10.592  3.221   1.00 26.23 ? 11  ILE B CD1 1 
ATOM   78   N  N   . LEU A 1 11  ? -11.095 7.687   7.580   1.00 28.37 ? 12  LEU B N   1 
ATOM   79   C  CA  . LEU A 1 11  ? -10.139 6.825   8.237   1.00 27.65 ? 12  LEU B CA  1 
ATOM   80   C  C   . LEU A 1 11  ? -10.895 5.816   9.106   1.00 27.38 ? 12  LEU B C   1 
ATOM   81   O  O   . LEU A 1 11  ? -10.738 4.598   8.951   1.00 28.33 ? 12  LEU B O   1 
ATOM   82   C  CB  . LEU A 1 11  ? -9.163  7.632   9.070   1.00 27.38 ? 12  LEU B CB  1 
ATOM   83   C  CG  . LEU A 1 11  ? -8.115  6.749   9.773   1.00 28.70 ? 12  LEU B CG  1 
ATOM   84   C  CD1 . LEU A 1 11  ? -7.487  5.725   8.816   1.00 28.44 ? 12  LEU B CD1 1 
ATOM   85   C  CD2 . LEU A 1 11  ? -7.047  7.595   10.460  1.00 27.78 ? 12  LEU B CD2 1 
ATOM   86   N  N   . ARG A 1 12  ? -11.738 6.345   9.985   1.00 25.58 ? 13  ARG B N   1 
ATOM   87   C  CA  . ARG A 1 12  ? -12.560 5.556   10.895  1.00 25.19 ? 13  ARG B CA  1 
ATOM   88   C  C   . ARG A 1 12  ? -13.369 4.428   10.235  1.00 26.02 ? 13  ARG B C   1 
ATOM   89   O  O   . ARG A 1 12  ? -13.512 3.333   10.803  1.00 29.05 ? 13  ARG B O   1 
ATOM   90   C  CB  . ARG A 1 12  ? -13.515 6.483   11.629  1.00 24.96 ? 13  ARG B CB  1 
ATOM   91   C  CG  . ARG A 1 12  ? -14.587 5.733   12.382  1.00 24.61 ? 13  ARG B CG  1 
ATOM   92   C  CD  . ARG A 1 12  ? -15.311 6.622   13.374  1.00 24.07 ? 13  ARG B CD  1 
ATOM   93   N  NE  . ARG A 1 12  ? -16.188 5.755   14.133  1.00 25.32 ? 13  ARG B NE  1 
ATOM   94   C  CZ  . ARG A 1 12  ? -15.836 5.069   15.220  1.00 25.82 ? 13  ARG B CZ  1 
ATOM   95   N  NH1 . ARG A 1 12  ? -14.616 5.190   15.742  1.00 27.40 ? 13  ARG B NH1 1 
ATOM   96   N  NH2 . ARG A 1 12  ? -16.714 4.272   15.801  1.00 25.42 ? 13  ARG B NH2 1 
ATOM   97   N  N   . GLY A 1 13  ? -13.904 4.685   9.052   1.00 24.08 ? 14  GLY B N   1 
ATOM   98   C  CA  . GLY A 1 13  ? -14.672 3.685   8.356   1.00 23.86 ? 14  GLY B CA  1 
ATOM   99   C  C   . GLY A 1 13  ? -13.852 2.829   7.422   1.00 25.38 ? 14  GLY B C   1 
ATOM   100  O  O   . GLY A 1 13  ? -14.396 1.992   6.728   1.00 27.10 ? 14  GLY B O   1 
ATOM   101  N  N   . PHE A 1 14  ? -12.540 3.012   7.396   1.00 27.15 ? 15  PHE B N   1 
ATOM   102  C  CA  . PHE A 1 14  ? -11.710 2.324   6.414   1.00 28.22 ? 15  PHE B CA  1 
ATOM   103  C  C   . PHE A 1 14  ? -10.962 1.106   6.986   1.00 29.02 ? 15  PHE B C   1 
ATOM   104  O  O   . PHE A 1 14  ? -10.377 1.169   8.055   1.00 28.23 ? 15  PHE B O   1 
ATOM   105  C  CB  . PHE A 1 14  ? -10.724 3.314   5.786   1.00 28.63 ? 15  PHE B CB  1 
ATOM   106  C  CG  . PHE A 1 14  ? -9.807  2.681   4.796   1.00 28.94 ? 15  PHE B CG  1 
ATOM   107  C  CD1 . PHE A 1 14  ? -10.186 2.563   3.472   1.00 30.12 ? 15  PHE B CD1 1 
ATOM   108  C  CD2 . PHE A 1 14  ? -8.590  2.155   5.202   1.00 28.56 ? 15  PHE B CD2 1 
ATOM   109  C  CE1 . PHE A 1 14  ? -9.349  1.947   2.550   1.00 31.66 ? 15  PHE B CE1 1 
ATOM   110  C  CE2 . PHE A 1 14  ? -7.746  1.545   4.293   1.00 29.86 ? 15  PHE B CE2 1 
ATOM   111  C  CZ  . PHE A 1 14  ? -8.127  1.436   2.965   1.00 31.37 ? 15  PHE B CZ  1 
ATOM   112  N  N   . LYS A 1 15  ? -10.953 0.020   6.223   1.00 31.91 ? 16  LYS B N   1 
ATOM   113  C  CA  . LYS A 1 15  ? -10.356 -1.239  6.635   1.00 34.33 ? 16  LYS B CA  1 
ATOM   114  C  C   . LYS A 1 15  ? -9.711  -1.946  5.422   1.00 36.09 ? 16  LYS B C   1 
ATOM   115  O  O   . LYS A 1 15  ? -10.347 -2.120  4.384   1.00 35.83 ? 16  LYS B O   1 
ATOM   116  C  CB  . LYS A 1 15  ? -11.463 -2.114  7.209   1.00 37.16 ? 16  LYS B CB  1 
ATOM   117  C  CG  . LYS A 1 15  ? -11.028 -3.468  7.739   1.00 39.96 ? 16  LYS B CG  1 
ATOM   118  C  CD  . LYS A 1 15  ? -10.460 -3.358  9.139   1.00 42.34 ? 16  LYS B CD  1 
ATOM   119  C  CE  . LYS A 1 15  ? -9.456  -4.470  9.423   1.00 44.52 ? 16  LYS B CE  1 
ATOM   120  N  NZ  . LYS A 1 15  ? -10.079 -5.809  9.247   1.00 45.15 ? 16  LYS B NZ  1 
ATOM   121  N  N   . LEU A 1 16  ? -8.447  -2.333  5.544   1.00 36.15 ? 17  LEU B N   1 
ATOM   122  C  CA  . LEU A 1 16  ? -7.822  -3.228  4.577   1.00 35.93 ? 17  LEU B CA  1 
ATOM   123  C  C   . LEU A 1 16  ? -8.017  -4.652  5.092   1.00 35.33 ? 17  LEU B C   1 
ATOM   124  O  O   . LEU A 1 16  ? -7.630  -4.960  6.211   1.00 34.39 ? 17  LEU B O   1 
ATOM   125  C  CB  . LEU A 1 16  ? -6.342  -2.915  4.461   1.00 39.68 ? 17  LEU B CB  1 
ATOM   126  C  CG  . LEU A 1 16  ? -5.633  -3.343  3.182   1.00 44.42 ? 17  LEU B CG  1 
ATOM   127  C  CD1 . LEU A 1 16  ? -6.020  -2.436  2.030   1.00 46.54 ? 17  LEU B CD1 1 
ATOM   128  C  CD2 . LEU A 1 16  ? -4.132  -3.284  3.392   1.00 47.23 ? 17  LEU B CD2 1 
ATOM   129  N  N   . ASN A 1 17  ? -8.630  -5.521  4.298   1.00 34.11 ? 18  ASN B N   1 
ATOM   130  C  CA  . ASN A 1 17  ? -8.982  -6.852  4.780   1.00 35.57 ? 18  ASN B CA  1 
ATOM   131  C  C   . ASN A 1 17  ? -7.949  -7.905  4.413   1.00 36.73 ? 18  ASN B C   1 
ATOM   132  O  O   . ASN A 1 17  ? -7.668  -8.808  5.208   1.00 39.00 ? 18  ASN B O   1 
ATOM   133  C  CB  . ASN A 1 17  ? -10.339 -7.269  4.241   1.00 36.12 ? 18  ASN B CB  1 
ATOM   134  C  CG  . ASN A 1 17  ? -11.398 -6.234  4.503   1.00 36.74 ? 18  ASN B CG  1 
ATOM   135  O  OD1 . ASN A 1 17  ? -11.605 -5.822  5.643   1.00 40.92 ? 18  ASN B OD1 1 
ATOM   136  N  ND2 . ASN A 1 17  ? -12.062 -5.784  3.444   1.00 36.52 ? 18  ASN B ND2 1 
ATOM   137  N  N   . TRP A 1 18  ? -7.409  -7.806  3.202   1.00 35.00 ? 19  TRP B N   1 
ATOM   138  C  CA  . TRP A 1 18  ? -6.363  -8.719  2.757   1.00 33.56 ? 19  TRP B CA  1 
ATOM   139  C  C   . TRP A 1 18  ? -5.684  -8.135  1.552   1.00 32.13 ? 19  TRP B C   1 
ATOM   140  O  O   . TRP A 1 18  ? -6.173  -7.176  0.957   1.00 29.57 ? 19  TRP B O   1 
ATOM   141  C  CB  . TRP A 1 18  ? -6.884  -10.141 2.452   1.00 33.03 ? 19  TRP B CB  1 
ATOM   142  C  CG  . TRP A 1 18  ? -7.947  -10.228 1.405   1.00 34.33 ? 19  TRP B CG  1 
ATOM   143  C  CD1 . TRP A 1 18  ? -9.297  -10.315 1.615   1.00 35.73 ? 19  TRP B CD1 1 
ATOM   144  C  CD2 . TRP A 1 18  ? -7.766  -10.251 -0.012  1.00 34.50 ? 19  TRP B CD2 1 
ATOM   145  N  NE1 . TRP A 1 18  ? -9.962  -10.386 0.420   1.00 34.54 ? 19  TRP B NE1 1 
ATOM   146  C  CE2 . TRP A 1 18  ? -9.047  -10.349 -0.597  1.00 35.02 ? 19  TRP B CE2 1 
ATOM   147  C  CE3 . TRP A 1 18  ? -6.648  -10.196 -0.847  1.00 34.71 ? 19  TRP B CE3 1 
ATOM   148  C  CZ2 . TRP A 1 18  ? -9.242  -10.386 -1.978  1.00 35.19 ? 19  TRP B CZ2 1 
ATOM   149  C  CZ3 . TRP A 1 18  ? -6.844  -10.228 -2.217  1.00 36.58 ? 19  TRP B CZ3 1 
ATOM   150  C  CH2 . TRP A 1 18  ? -8.137  -10.327 -2.769  1.00 35.13 ? 19  TRP B CH2 1 
ATOM   151  N  N   . MET A 1 19  ? -4.558  -8.730  1.196   1.00 32.49 ? 20  MET B N   1 
ATOM   152  C  CA  . MET A 1 19  ? -3.725  -8.190  0.166   1.00 35.75 ? 20  MET B CA  1 
ATOM   153  C  C   . MET A 1 19  ? -2.782  -9.271  -0.336  1.00 35.58 ? 20  MET B C   1 
ATOM   154  O  O   . MET A 1 19  ? -2.445  -10.213 0.402   1.00 35.34 ? 20  MET B O   1 
ATOM   155  C  CB  . MET A 1 19  ? -2.972  -7.031  0.796   1.00 42.79 ? 20  MET B CB  1 
ATOM   156  C  CG  . MET A 1 19  ? -1.796  -6.479  0.028   1.00 50.51 ? 20  MET B CG  1 
ATOM   157  S  SD  . MET A 1 19  ? -1.166  -4.977  0.808   1.00 61.70 ? 20  MET B SD  1 
ATOM   158  C  CE  . MET A 1 19  ? -1.366  -5.318  2.564   1.00 60.16 ? 20  MET B CE  1 
ATOM   159  N  N   . ASN A 1 20  ? -2.359  -9.158  -1.589  1.00 35.72 ? 21  ASN B N   1 
ATOM   160  C  CA  . ASN A 1 20  ? -1.333  -10.064 -2.103  1.00 36.77 ? 21  ASN B CA  1 
ATOM   161  C  C   . ASN A 1 20  ? -0.504  -9.521  -3.265  1.00 35.46 ? 21  ASN B C   1 
ATOM   162  O  O   . ASN A 1 20  ? -0.838  -8.501  -3.872  1.00 33.76 ? 21  ASN B O   1 
ATOM   163  C  CB  . ASN A 1 20  ? -1.933  -11.437 -2.435  1.00 38.48 ? 21  ASN B CB  1 
ATOM   164  C  CG  . ASN A 1 20  ? -2.833  -11.412 -3.647  1.00 41.60 ? 21  ASN B CG  1 
ATOM   165  O  OD1 . ASN A 1 20  ? -2.581  -10.690 -4.606  1.00 44.03 ? 21  ASN B OD1 1 
ATOM   166  N  ND2 . ASN A 1 20  ? -3.887  -12.224 -3.618  1.00 42.57 ? 21  ASN B ND2 1 
ATOM   167  N  N   . LEU A 1 21  ? 0.623   -10.186 -3.519  1.00 36.53 ? 22  LEU B N   1 
ATOM   168  C  CA  . LEU A 1 21  ? 1.485   -9.851  -4.649  1.00 37.28 ? 22  LEU B CA  1 
ATOM   169  C  C   . LEU A 1 21  ? 1.724   -11.108 -5.471  1.00 38.28 ? 22  LEU B C   1 
ATOM   170  O  O   . LEU A 1 21  ? 1.867   -12.201 -4.924  1.00 38.56 ? 22  LEU B O   1 
ATOM   171  C  CB  . LEU A 1 21  ? 2.815   -9.255  -4.180  1.00 37.61 ? 22  LEU B CB  1 
ATOM   172  C  CG  . LEU A 1 21  ? 2.743   -8.095  -3.170  1.00 38.44 ? 22  LEU B CG  1 
ATOM   173  C  CD1 . LEU A 1 21  ? 4.084   -7.885  -2.474  1.00 38.76 ? 22  LEU B CD1 1 
ATOM   174  C  CD2 . LEU A 1 21  ? 2.259   -6.804  -3.813  1.00 37.56 ? 22  LEU B CD2 1 
ATOM   175  N  N   . ARG A 1 22  ? 1.720   -10.944 -6.784  1.00 41.36 ? 23  ARG B N   1 
ATOM   176  C  CA  . ARG A 1 22  ? 2.045   -12.010 -7.705  1.00 46.87 ? 23  ARG B CA  1 
ATOM   177  C  C   . ARG A 1 22  ? 3.061   -11.478 -8.692  1.00 50.24 ? 23  ARG B C   1 
ATOM   178  O  O   . ARG A 1 22  ? 3.101   -10.272 -8.959  1.00 47.65 ? 23  ARG B O   1 
ATOM   179  C  CB  . ARG A 1 22  ? 0.812   -12.468 -8.485  1.00 51.71 ? 23  ARG B CB  1 
ATOM   180  C  CG  . ARG A 1 22  ? -0.477  -12.634 -7.684  1.00 54.83 ? 23  ARG B CG  1 
ATOM   181  C  CD  . ARG A 1 22  ? -1.611  -13.063 -8.614  1.00 56.08 ? 23  ARG B CD  1 
ATOM   182  N  NE  . ARG A 1 22  ? -2.925  -12.975 -7.984  1.00 61.30 ? 23  ARG B NE  1 
ATOM   183  C  CZ  . ARG A 1 22  ? -3.490  -13.919 -7.224  1.00 63.77 ? 23  ARG B CZ  1 
ATOM   184  N  NH1 . ARG A 1 22  ? -2.877  -15.068 -6.970  1.00 62.49 ? 23  ARG B NH1 1 
ATOM   185  N  NH2 . ARG A 1 22  ? -4.695  -13.710 -6.710  1.00 68.01 ? 23  ARG B NH2 1 
ATOM   186  N  N   . ASP A 1 23  ? 3.883   -12.378 -9.229  1.00 54.93 ? 24  ASP B N   1 
ATOM   187  C  CA  . ASP A 1 23  ? 4.733   -12.057 -10.372 1.00 58.45 ? 24  ASP B CA  1 
ATOM   188  C  C   . ASP A 1 23  ? 3.799   -11.750 -11.535 1.00 55.20 ? 24  ASP B C   1 
ATOM   189  O  O   . ASP A 1 23  ? 2.912   -12.531 -11.840 1.00 52.47 ? 24  ASP B O   1 
ATOM   190  C  CB  . ASP A 1 23  ? 5.646   -13.250 -10.701 1.00 64.19 ? 24  ASP B CB  1 
ATOM   191  C  CG  . ASP A 1 23  ? 6.620   -12.969 -11.854 1.00 67.62 ? 24  ASP B CG  1 
ATOM   192  O  OD1 . ASP A 1 23  ? 6.741   -11.810 -12.307 1.00 74.34 ? 24  ASP B OD1 1 
ATOM   193  O  OD2 . ASP A 1 23  ? 7.280   -13.929 -12.306 1.00 68.08 ? 24  ASP B OD2 1 
ATOM   194  N  N   . ALA A 1 24  ? 3.977   -10.597 -12.165 1.00 56.90 ? 25  ALA B N   1 
ATOM   195  C  CA  . ALA A 1 24  ? 3.119   -10.213 -13.286 1.00 58.96 ? 25  ALA B CA  1 
ATOM   196  C  C   . ALA A 1 24  ? 3.201   -11.234 -14.437 1.00 63.50 ? 25  ALA B C   1 
ATOM   197  O  O   . ALA A 1 24  ? 2.179   -11.589 -15.017 1.00 67.78 ? 25  ALA B O   1 
ATOM   198  C  CB  . ALA A 1 24  ? 3.481   -8.820  -13.778 1.00 56.64 ? 25  ALA B CB  1 
ATOM   199  N  N   . GLU A 1 25  ? 4.407   -11.713 -14.748 1.00 62.45 ? 26  GLU B N   1 
ATOM   200  C  CA  . GLU A 1 25  ? 4.602   -12.662 -15.849 1.00 64.40 ? 26  GLU B CA  1 
ATOM   201  C  C   . GLU A 1 25  ? 3.943   -14.027 -15.584 1.00 64.44 ? 26  GLU B C   1 
ATOM   202  O  O   . GLU A 1 25  ? 3.154   -14.495 -16.404 1.00 64.48 ? 26  GLU B O   1 
ATOM   203  C  CB  . GLU A 1 25  ? 6.089   -12.834 -16.147 1.00 64.35 ? 26  GLU B CB  1 
ATOM   204  N  N   . THR A 1 26  ? 4.249   -14.644 -14.441 1.00 63.35 ? 27  THR B N   1 
ATOM   205  C  CA  . THR A 1 26  ? 3.739   -15.991 -14.116 1.00 65.24 ? 27  THR B CA  1 
ATOM   206  C  C   . THR A 1 26  ? 2.356   -16.025 -13.416 1.00 65.48 ? 27  THR B C   1 
ATOM   207  O  O   . THR A 1 26  ? 1.656   -17.040 -13.478 1.00 64.55 ? 27  THR B O   1 
ATOM   208  C  CB  . THR A 1 26  ? 4.755   -16.805 -13.265 1.00 67.35 ? 27  THR B CB  1 
ATOM   209  O  OG1 . THR A 1 26  ? 4.906   -16.221 -11.962 1.00 66.67 ? 27  THR B OG1 1 
ATOM   210  C  CG2 . THR A 1 26  ? 6.120   -16.870 -13.957 1.00 68.29 ? 27  THR B CG2 1 
ATOM   211  N  N   . GLY A 1 27  ? 1.971   -14.932 -12.754 1.00 63.04 ? 28  GLY B N   1 
ATOM   212  C  CA  . GLY A 1 27  ? 0.706   -14.867 -12.009 1.00 60.37 ? 28  GLY B CA  1 
ATOM   213  C  C   . GLY A 1 27  ? 0.762   -15.630 -10.696 1.00 60.15 ? 28  GLY B C   1 
ATOM   214  O  O   . GLY A 1 27  ? -0.271  -15.901 -10.068 1.00 56.56 ? 28  GLY B O   1 
ATOM   215  N  N   . LYS A 1 28  ? 1.982   -15.946 -10.274 1.00 60.51 ? 29  LYS B N   1 
ATOM   216  C  CA  . LYS A 1 28  ? 2.228   -16.831 -9.143  1.00 63.97 ? 29  LYS B CA  1 
ATOM   217  C  C   . LYS A 1 28  ? 2.398   -15.989 -7.864  1.00 60.14 ? 29  LYS B C   1 
ATOM   218  O  O   . LYS A 1 28  ? 2.960   -14.891 -7.898  1.00 57.13 ? 29  LYS B O   1 
ATOM   219  C  CB  . LYS A 1 28  ? 3.476   -17.678 -9.437  1.00 66.37 ? 29  LYS B CB  1 
ATOM   220  C  CG  . LYS A 1 28  ? 3.372   -19.152 -9.055  1.00 71.08 ? 29  LYS B CG  1 
ATOM   221  C  CD  . LYS A 1 28  ? 4.332   -19.990 -9.894  1.00 73.58 ? 29  LYS B CD  1 
ATOM   222  C  CE  . LYS A 1 28  ? 4.531   -21.387 -9.323  1.00 77.50 ? 29  LYS B CE  1 
ATOM   223  N  NZ  . LYS A 1 28  ? 5.448   -22.208 -10.167 1.00 76.33 ? 29  LYS B NZ  1 
ATOM   224  N  N   . ILE A 1 29  ? 1.911   -16.509 -6.743  1.00 56.85 ? 30  ILE B N   1 
ATOM   225  C  CA  . ILE A 1 29  ? 1.802   -15.715 -5.523  1.00 56.44 ? 30  ILE B CA  1 
ATOM   226  C  C   . ILE A 1 29  ? 3.139   -15.608 -4.799  1.00 56.34 ? 30  ILE B C   1 
ATOM   227  O  O   . ILE A 1 29  ? 3.670   -16.608 -4.310  1.00 53.12 ? 30  ILE B O   1 
ATOM   228  C  CB  . ILE A 1 29  ? 0.740   -16.287 -4.565  1.00 56.66 ? 30  ILE B CB  1 
ATOM   229  C  CG1 . ILE A 1 29  ? -0.652  -16.131 -5.187  1.00 58.07 ? 30  ILE B CG1 1 
ATOM   230  C  CG2 . ILE A 1 29  ? 0.802   -15.579 -3.215  1.00 59.98 ? 30  ILE B CG2 1 
ATOM   231  C  CD1 . ILE A 1 29  ? -1.805  -16.672 -4.355  1.00 58.51 ? 30  ILE B CD1 1 
ATOM   232  N  N   . LEU A 1 30  ? 3.671   -14.390 -4.727  1.00 53.75 ? 31  LEU B N   1 
ATOM   233  C  CA  . LEU A 1 30  ? 4.908   -14.137 -3.991  1.00 53.49 ? 31  LEU B CA  1 
ATOM   234  C  C   . LEU A 1 30  ? 4.641   -13.961 -2.500  1.00 50.54 ? 31  LEU B C   1 
ATOM   235  O  O   . LEU A 1 30  ? 5.402   -14.442 -1.662  1.00 53.39 ? 31  LEU B O   1 
ATOM   236  C  CB  . LEU A 1 30  ? 5.588   -12.884 -4.519  1.00 55.76 ? 31  LEU B CB  1 
ATOM   237  C  CG  . LEU A 1 30  ? 5.914   -12.836 -6.014  1.00 59.05 ? 31  LEU B CG  1 
ATOM   238  C  CD1 . LEU A 1 30  ? 6.097   -11.391 -6.465  1.00 60.53 ? 31  LEU B CD1 1 
ATOM   239  C  CD2 . LEU A 1 30  ? 7.147   -13.670 -6.338  1.00 58.92 ? 31  LEU B CD2 1 
ATOM   240  N  N   . TRP A 1 31  ? 3.555   -13.269 -2.179  1.00 46.77 ? 32  TRP B N   1 
ATOM   241  C  CA  . TRP A 1 31  ? 3.259   -12.846 -0.820  1.00 42.21 ? 32  TRP B CA  1 
ATOM   242  C  C   . TRP A 1 31  ? 1.757   -12.611 -0.677  1.00 41.78 ? 32  TRP B C   1 
ATOM   243  O  O   . TRP A 1 31  ? 1.095   -12.163 -1.609  1.00 37.77 ? 32  TRP B O   1 
ATOM   244  C  CB  . TRP A 1 31  ? 4.005   -11.538 -0.510  1.00 40.72 ? 32  TRP B CB  1 
ATOM   245  C  CG  . TRP A 1 31  ? 3.871   -11.060 0.913   1.00 39.21 ? 32  TRP B CG  1 
ATOM   246  C  CD1 . TRP A 1 31  ? 4.713   -11.334 1.937   1.00 40.24 ? 32  TRP B CD1 1 
ATOM   247  C  CD2 . TRP A 1 31  ? 2.841   -10.231 1.458   1.00 39.50 ? 32  TRP B CD2 1 
ATOM   248  N  NE1 . TRP A 1 31  ? 4.276   -10.741 3.098   1.00 39.76 ? 32  TRP B NE1 1 
ATOM   249  C  CE2 . TRP A 1 31  ? 3.127   -10.053 2.830   1.00 41.02 ? 32  TRP B CE2 1 
ATOM   250  C  CE3 . TRP A 1 31  ? 1.704   -9.627  0.928   1.00 41.23 ? 32  TRP B CE3 1 
ATOM   251  C  CZ2 . TRP A 1 31  ? 2.318   -9.292  3.675   1.00 41.26 ? 32  TRP B CZ2 1 
ATOM   252  C  CZ3 . TRP A 1 31  ? 0.894   -8.874  1.776   1.00 41.63 ? 32  TRP B CZ3 1 
ATOM   253  C  CH2 . TRP A 1 31  ? 1.208   -8.716  3.129   1.00 41.56 ? 32  TRP B CH2 1 
ATOM   254  N  N   . GLN A 1 32  ? 1.224   -12.904 0.497   1.00 42.89 ? 33  GLN B N   1 
ATOM   255  C  CA  . GLN A 1 32  ? -0.132  -12.515 0.806   1.00 47.79 ? 33  GLN B CA  1 
ATOM   256  C  C   . GLN A 1 32  ? -0.262  -12.309 2.294   1.00 47.06 ? 33  GLN B C   1 
ATOM   257  O  O   . GLN A 1 32  ? 0.562   -12.786 3.068   1.00 46.27 ? 33  GLN B O   1 
ATOM   258  C  CB  . GLN A 1 32  ? -1.131  -13.546 0.288   1.00 51.32 ? 33  GLN B CB  1 
ATOM   259  C  CG  . GLN A 1 32  ? -1.039  -14.907 0.948   1.00 56.15 ? 33  GLN B CG  1 
ATOM   260  C  CD  . GLN A 1 32  ? -1.682  -16.015 0.118   1.00 60.42 ? 33  GLN B CD  1 
ATOM   261  O  OE1 . GLN A 1 32  ? -2.051  -15.813 -1.041  1.00 62.29 ? 33  GLN B OE1 1 
ATOM   262  N  NE2 . GLN A 1 32  ? -1.812  -17.195 0.714   1.00 60.97 ? 33  GLN B NE2 1 
ATOM   263  N  N   . GLY A 1 33  ? -1.275  -11.551 2.684   1.00 46.54 ? 34  GLY B N   1 
ATOM   264  C  CA  . GLY A 1 33  ? -1.452  -11.198 4.084   1.00 44.96 ? 34  GLY B CA  1 
ATOM   265  C  C   . GLY A 1 33  ? -2.817  -10.595 4.354   1.00 44.19 ? 34  GLY B C   1 
ATOM   266  O  O   . GLY A 1 33  ? -3.486  -10.083 3.451   1.00 40.36 ? 34  GLY B O   1 
ATOM   267  N  N   . THR A 1 34  ? -3.222  -10.677 5.614   1.00 45.41 ? 35  THR B N   1 
ATOM   268  C  CA  . THR A 1 34  ? -4.443  -10.056 6.099   1.00 45.75 ? 35  THR B CA  1 
ATOM   269  C  C   . THR A 1 34  ? -4.122  -9.099  7.245   1.00 45.24 ? 35  THR B C   1 
ATOM   270  O  O   . THR A 1 34  ? -5.009  -8.661  7.954   1.00 45.44 ? 35  THR B O   1 
ATOM   271  C  CB  . THR A 1 34  ? -5.433  -11.140 6.557   1.00 46.41 ? 35  THR B CB  1 
ATOM   272  O  OG1 . THR A 1 34  ? -4.858  -11.897 7.623   1.00 44.83 ? 35  THR B OG1 1 
ATOM   273  C  CG2 . THR A 1 34  ? -5.726  -12.095 5.414   1.00 46.89 ? 35  THR B CG2 1 
ATOM   274  N  N   . GLU A 1 35  ? -2.847  -8.773  7.417   1.00 48.00 ? 36  GLU B N   1 
ATOM   275  C  CA  . GLU A 1 35  ? -2.452  -7.737  8.352   1.00 52.61 ? 36  GLU B CA  1 
ATOM   276  C  C   . GLU A 1 35  ? -2.790  -6.423  7.657   1.00 51.00 ? 36  GLU B C   1 
ATOM   277  O  O   . GLU A 1 35  ? -2.356  -6.189  6.523   1.00 57.29 ? 36  GLU B O   1 
ATOM   278  C  CB  . GLU A 1 35  ? -0.944  -7.825  8.667   1.00 59.63 ? 36  GLU B CB  1 
ATOM   279  C  CG  . GLU A 1 35  ? -0.543  -7.318  10.057  1.00 67.02 ? 36  GLU B CG  1 
ATOM   280  C  CD  . GLU A 1 35  ? 0.939   -6.947  10.175  1.00 73.30 ? 36  GLU B CD  1 
ATOM   281  O  OE1 . GLU A 1 35  ? 1.813   -7.816  9.908   1.00 72.01 ? 36  GLU B OE1 1 
ATOM   282  O  OE2 . GLU A 1 35  ? 1.226   -5.777  10.545  1.00 70.04 ? 36  GLU B OE2 1 
ATOM   283  N  N   . ASP A 1 36  ? -3.587  -5.588  8.318   1.00 47.25 ? 37  ASP B N   1 
ATOM   284  C  CA  . ASP A 1 36  ? -3.943  -4.253  7.812   1.00 45.32 ? 37  ASP B CA  1 
ATOM   285  C  C   . ASP A 1 36  ? -2.717  -3.312  7.913   1.00 43.76 ? 37  ASP B C   1 
ATOM   286  O  O   . ASP A 1 36  ? -2.454  -2.733  8.956   1.00 42.84 ? 37  ASP B O   1 
ATOM   287  C  CB  . ASP A 1 36  ? -5.144  -3.714  8.611   1.00 43.51 ? 37  ASP B CB  1 
ATOM   288  C  CG  . ASP A 1 36  ? -5.765  -2.448  8.016   1.00 47.57 ? 37  ASP B CG  1 
ATOM   289  O  OD1 . ASP A 1 36  ? -5.111  -1.730  7.208   1.00 47.64 ? 37  ASP B OD1 1 
ATOM   290  O  OD2 . ASP A 1 36  ? -6.934  -2.160  8.394   1.00 47.23 ? 37  ASP B OD2 1 
ATOM   291  N  N   . LEU A 1 37  ? -1.973  -3.176  6.819   1.00 43.39 ? 38  LEU B N   1 
ATOM   292  C  CA  . LEU A 1 37  ? -0.744  -2.368  6.800   1.00 41.12 ? 38  LEU B CA  1 
ATOM   293  C  C   . LEU A 1 37  ? -1.035  -0.895  6.606   1.00 38.72 ? 38  LEU B C   1 
ATOM   294  O  O   . LEU A 1 37  ? -0.126  -0.081  6.659   1.00 40.56 ? 38  LEU B O   1 
ATOM   295  C  CB  . LEU A 1 37  ? 0.200   -2.848  5.693   1.00 41.10 ? 38  LEU B CB  1 
ATOM   296  C  CG  . LEU A 1 37  ? 0.641   -4.315  5.796   1.00 41.17 ? 38  LEU B CG  1 
ATOM   297  C  CD1 . LEU A 1 37  ? 1.550   -4.671  4.635   1.00 43.92 ? 38  LEU B CD1 1 
ATOM   298  C  CD2 . LEU A 1 37  ? 1.350   -4.615  7.101   1.00 40.98 ? 38  LEU B CD2 1 
ATOM   299  N  N   . SER A 1 38  ? -2.300  -0.552  6.384   1.00 38.07 ? 39  SER B N   1 
ATOM   300  C  CA  . SER A 1 38  ? -2.715  0.842   6.294   1.00 37.41 ? 39  SER B CA  1 
ATOM   301  C  C   . SER A 1 38  ? -2.706  1.542   7.661   1.00 35.83 ? 39  SER B C   1 
ATOM   302  O  O   . SER A 1 38  ? -2.767  2.768   7.731   1.00 37.25 ? 39  SER B O   1 
ATOM   303  C  CB  . SER A 1 38  ? -4.130  0.938   5.698   1.00 38.40 ? 39  SER B CB  1 
ATOM   304  O  OG  . SER A 1 38  ? -5.140  0.555   6.639   1.00 38.95 ? 39  SER B OG  1 
ATOM   305  N  N   . VAL A 1 39  ? -2.638  0.771   8.739   1.00 34.53 ? 40  VAL B N   1 
ATOM   306  C  CA  . VAL A 1 39  ? -2.847  1.321   10.088  1.00 34.84 ? 40  VAL B CA  1 
ATOM   307  C  C   . VAL A 1 39  ? -1.726  2.294   10.470  1.00 33.07 ? 40  VAL B C   1 
ATOM   308  O  O   . VAL A 1 39  ? -0.589  1.888   10.594  1.00 33.39 ? 40  VAL B O   1 
ATOM   309  C  CB  . VAL A 1 39  ? -3.002  0.186   11.132  1.00 33.30 ? 40  VAL B CB  1 
ATOM   310  C  CG1 . VAL A 1 39  ? -3.032  0.732   12.541  1.00 32.76 ? 40  VAL B CG1 1 
ATOM   311  C  CG2 . VAL A 1 39  ? -4.279  -0.598  10.844  1.00 33.31 ? 40  VAL B CG2 1 
ATOM   312  N  N   . PRO A 1 40  ? -2.048  3.584   10.634  1.00 32.04 ? 41  PRO B N   1 
ATOM   313  C  CA  . PRO A 1 40  ? -1.025  4.564   10.987  1.00 32.76 ? 41  PRO B CA  1 
ATOM   314  C  C   . PRO A 1 40  ? -0.564  4.465   12.429  1.00 35.22 ? 41  PRO B C   1 
ATOM   315  O  O   . PRO A 1 40  ? -1.253  3.870   13.266  1.00 38.30 ? 41  PRO B O   1 
ATOM   316  C  CB  . PRO A 1 40  ? -1.725  5.908   10.773  1.00 32.57 ? 41  PRO B CB  1 
ATOM   317  C  CG  . PRO A 1 40  ? -3.166  5.627   10.911  1.00 32.88 ? 41  PRO B CG  1 
ATOM   318  C  CD  . PRO A 1 40  ? -3.385  4.191   10.520  1.00 32.50 ? 41  PRO B CD  1 
ATOM   319  N  N   . GLY A 1 41  ? 0.602   5.052   12.701  1.00 38.17 ? 42  GLY B N   1 
ATOM   320  C  CA  . GLY A 1 41  ? 1.139   5.191   14.067  1.00 40.86 ? 42  GLY B CA  1 
ATOM   321  C  C   . GLY A 1 41  ? 1.941   4.004   14.568  1.00 43.27 ? 42  GLY B C   1 
ATOM   322  O  O   . GLY A 1 41  ? 2.386   3.992   15.717  1.00 45.40 ? 42  GLY B O   1 
ATOM   323  N  N   . VAL A 1 42  ? 2.144   3.031   13.683  1.00 44.96 ? 43  VAL B N   1 
ATOM   324  C  CA  . VAL A 1 42  ? 2.700   1.726   14.006  1.00 46.36 ? 43  VAL B CA  1 
ATOM   325  C  C   . VAL A 1 42  ? 3.711   1.391   12.925  1.00 44.97 ? 43  VAL B C   1 
ATOM   326  O  O   . VAL A 1 42  ? 3.441   1.601   11.747  1.00 42.48 ? 43  VAL B O   1 
ATOM   327  C  CB  . VAL A 1 42  ? 1.582   0.655   13.959  1.00 50.92 ? 43  VAL B CB  1 
ATOM   328  C  CG1 . VAL A 1 42  ? 2.146   -0.753  14.116  1.00 52.14 ? 43  VAL B CG1 1 
ATOM   329  C  CG2 . VAL A 1 42  ? 0.537   0.938   15.025  1.00 52.86 ? 43  VAL B CG2 1 
ATOM   330  N  N   . GLU A 1 43  ? 4.871   0.866   13.293  1.00 46.48 ? 44  GLU B N   1 
ATOM   331  C  CA  . GLU A 1 43  ? 5.812   0.432   12.273  1.00 47.06 ? 44  GLU B CA  1 
ATOM   332  C  C   . GLU A 1 43  ? 5.503   -1.023  11.954  1.00 42.78 ? 44  GLU B C   1 
ATOM   333  O  O   . GLU A 1 43  ? 5.869   -1.918  12.701  1.00 44.71 ? 44  GLU B O   1 
ATOM   334  C  CB  . GLU A 1 43  ? 7.263   0.614   12.712  1.00 52.16 ? 44  GLU B CB  1 
ATOM   335  C  CG  . GLU A 1 43  ? 8.272   0.426   11.575  1.00 58.06 ? 44  GLU B CG  1 
ATOM   336  C  CD  . GLU A 1 43  ? 9.718   0.367   12.059  1.00 61.92 ? 44  GLU B CD  1 
ATOM   337  O  OE1 . GLU A 1 43  ? 10.172  1.321   12.722  1.00 67.90 ? 44  GLU B OE1 1 
ATOM   338  O  OE2 . GLU A 1 43  ? 10.404  -0.639  11.786  1.00 59.81 ? 44  GLU B OE2 1 
ATOM   339  N  N   . HIS A 1 44  ? 4.810   -1.241  10.845  1.00 37.53 ? 45  HIS B N   1 
ATOM   340  C  CA  . HIS A 1 44  ? 4.535   -2.572  10.357  1.00 34.84 ? 45  HIS B CA  1 
ATOM   341  C  C   . HIS A 1 44  ? 5.790   -3.211  9.787   1.00 34.12 ? 45  HIS B C   1 
ATOM   342  O  O   . HIS A 1 44  ? 6.761   -2.530  9.488   1.00 37.55 ? 45  HIS B O   1 
ATOM   343  C  CB  . HIS A 1 44  ? 3.477   -2.542  9.264   1.00 34.05 ? 45  HIS B CB  1 
ATOM   344  C  CG  . HIS A 1 44  ? 2.217   -1.842  9.653   1.00 34.09 ? 45  HIS B CG  1 
ATOM   345  N  ND1 . HIS A 1 44  ? 1.265   -2.417  10.472  1.00 33.91 ? 45  HIS B ND1 1 
ATOM   346  C  CD2 . HIS A 1 44  ? 1.747   -0.616  9.328   1.00 32.35 ? 45  HIS B CD2 1 
ATOM   347  C  CE1 . HIS A 1 44  ? 0.259   -1.576  10.625  1.00 31.83 ? 45  HIS B CE1 1 
ATOM   348  N  NE2 . HIS A 1 44  ? 0.529   -0.476  9.940   1.00 33.01 ? 45  HIS B NE2 1 
ATOM   349  N  N   . GLU A 1 45  ? 5.742   -4.527  9.636   1.00 34.70 ? 46  GLU B N   1 
ATOM   350  C  CA  . GLU A 1 45  ? 6.860   -5.328  9.147   1.00 34.95 ? 46  GLU B CA  1 
ATOM   351  C  C   . GLU A 1 45  ? 6.345   -6.350  8.165   1.00 32.75 ? 46  GLU B C   1 
ATOM   352  O  O   . GLU A 1 45  ? 5.274   -6.889  8.332   1.00 31.41 ? 46  GLU B O   1 
ATOM   353  C  CB  . GLU A 1 45  ? 7.524   -6.088  10.284  1.00 35.88 ? 46  GLU B CB  1 
ATOM   354  C  CG  . GLU A 1 45  ? 8.051   -5.195  11.385  1.00 39.79 ? 46  GLU B CG  1 
ATOM   355  C  CD  . GLU A 1 45  ? 8.906   -5.951  12.390  1.00 43.22 ? 46  GLU B CD  1 
ATOM   356  O  OE1 . GLU A 1 45  ? 8.587   -7.137  12.668  1.00 42.52 ? 46  GLU B OE1 1 
ATOM   357  O  OE2 . GLU A 1 45  ? 9.897   -5.351  12.884  1.00 45.16 ? 46  GLU B OE2 1 
ATOM   358  N  N   . ALA A 1 46  ? 7.119   -6.644  7.145   1.00 31.64 ? 47  ALA B N   1 
ATOM   359  C  CA  . ALA A 1 46  ? 6.691   -7.656  6.222   1.00 32.27 ? 47  ALA B CA  1 
ATOM   360  C  C   . ALA A 1 46  ? 7.892   -8.377  5.667   1.00 31.46 ? 47  ALA B C   1 
ATOM   361  O  O   . ALA A 1 46  ? 8.898   -7.773  5.363   1.00 31.06 ? 47  ALA B O   1 
ATOM   362  C  CB  . ALA A 1 46  ? 5.854   -7.034  5.107   1.00 31.42 ? 47  ALA B CB  1 
ATOM   363  N  N   . ARG A 1 47  ? 7.762   -9.683  5.543   1.00 34.51 ? 48  ARG B N   1 
ATOM   364  C  CA  . ARG A 1 47  ? 8.811   -10.518 5.018   1.00 38.07 ? 48  ARG B CA  1 
ATOM   365  C  C   . ARG A 1 47  ? 8.378   -10.911 3.620   1.00 35.43 ? 48  ARG B C   1 
ATOM   366  O  O   . ARG A 1 47  ? 7.381   -11.576 3.457   1.00 33.25 ? 48  ARG B O   1 
ATOM   367  C  CB  . ARG A 1 47  ? 8.989   -11.751 5.906   1.00 42.18 ? 48  ARG B CB  1 
ATOM   368  C  CG  . ARG A 1 47  ? 9.150   -11.435 7.399   1.00 48.47 ? 48  ARG B CG  1 
ATOM   369  C  CD  . ARG A 1 47  ? 8.802   -12.622 8.294   1.00 53.11 ? 48  ARG B CD  1 
ATOM   370  N  NE  . ARG A 1 47  ? 9.385   -13.852 7.759   1.00 59.07 ? 48  ARG B NE  1 
ATOM   371  C  CZ  . ARG A 1 47  ? 9.199   -15.075 8.252   1.00 62.79 ? 48  ARG B CZ  1 
ATOM   372  N  NH1 . ARG A 1 47  ? 8.452   -15.270 9.338   1.00 64.74 ? 48  ARG B NH1 1 
ATOM   373  N  NH2 . ARG A 1 47  ? 9.795   -16.111 7.656   1.00 59.27 ? 48  ARG B NH2 1 
ATOM   374  N  N   . VAL A 1 48  ? 9.118   -10.466 2.617   1.00 35.97 ? 49  VAL B N   1 
ATOM   375  C  CA  . VAL A 1 48  ? 8.846   -10.838 1.240   1.00 36.84 ? 49  VAL B CA  1 
ATOM   376  C  C   . VAL A 1 48  ? 10.004  -11.657 0.691   1.00 37.23 ? 49  VAL B C   1 
ATOM   377  O  O   . VAL A 1 48  ? 11.133  -11.476 1.125   1.00 37.32 ? 49  VAL B O   1 
ATOM   378  C  CB  . VAL A 1 48  ? 8.628   -9.609  0.343   1.00 36.77 ? 49  VAL B CB  1 
ATOM   379  C  CG1 . VAL A 1 48  ? 7.461   -8.804  0.861   1.00 38.38 ? 49  VAL B CG1 1 
ATOM   380  C  CG2 . VAL A 1 48  ? 9.869   -8.748  0.267   1.00 36.46 ? 49  VAL B CG2 1 
ATOM   381  N  N   . PRO A 1 49  ? 9.725   -12.563 -0.256  1.00 37.74 ? 50  PRO B N   1 
ATOM   382  C  CA  . PRO A 1 49  ? 10.804  -13.338 -0.866  1.00 39.18 ? 50  PRO B CA  1 
ATOM   383  C  C   . PRO A 1 49  ? 11.699  -12.479 -1.745  1.00 40.03 ? 50  PRO B C   1 
ATOM   384  O  O   . PRO A 1 49  ? 11.208  -11.720 -2.570  1.00 38.15 ? 50  PRO B O   1 
ATOM   385  C  CB  . PRO A 1 49  ? 10.067  -14.389 -1.705  1.00 39.93 ? 50  PRO B CB  1 
ATOM   386  C  CG  . PRO A 1 49  ? 8.716   -13.807 -1.943  1.00 40.19 ? 50  PRO B CG  1 
ATOM   387  C  CD  . PRO A 1 49  ? 8.398   -12.965 -0.747  1.00 38.08 ? 50  PRO B CD  1 
ATOM   388  N  N   . LYS A 1 50  ? 13.006  -12.619 -1.566  1.00 43.03 ? 51  LYS B N   1 
ATOM   389  C  CA  . LYS A 1 50  ? 13.987  -11.829 -2.295  1.00 43.66 ? 51  LYS B CA  1 
ATOM   390  C  C   . LYS A 1 50  ? 13.880  -11.893 -3.817  1.00 43.82 ? 51  LYS B C   1 
ATOM   391  O  O   . LYS A 1 50  ? 14.242  -10.930 -4.483  1.00 47.34 ? 51  LYS B O   1 
ATOM   392  C  CB  . LYS A 1 50  ? 15.404  -12.207 -1.849  1.00 48.66 ? 51  LYS B CB  1 
ATOM   393  C  CG  . LYS A 1 50  ? 15.860  -13.625 -2.160  1.00 50.34 ? 51  LYS B CG  1 
ATOM   394  C  CD  . LYS A 1 50  ? 17.130  -13.972 -1.385  1.00 54.71 ? 51  LYS B CD  1 
ATOM   395  C  CE  . LYS A 1 50  ? 16.799  -14.396 0.047   1.00 59.32 ? 51  LYS B CE  1 
ATOM   396  N  NZ  . LYS A 1 50  ? 17.887  -14.262 1.067   1.00 59.38 ? 51  LYS B NZ  1 
ATOM   397  N  N   . LYS A 1 51  ? 13.378  -13.000 -4.366  1.00 42.66 ? 52  LYS B N   1 
ATOM   398  C  CA  . LYS A 1 51  ? 13.192  -13.119 -5.816  0.50 42.47 ? 52  LYS B CA  1 
ATOM   399  C  C   . LYS A 1 51  ? 12.260  -12.057 -6.393  1.00 43.04 ? 52  LYS B C   1 
ATOM   400  O  O   . LYS A 1 51  ? 12.347  -11.739 -7.574  1.00 48.88 ? 52  LYS B O   1 
ATOM   401  C  CB  . LYS A 1 51  ? 12.687  -14.509 -6.208  0.50 42.31 ? 52  LYS B CB  1 
ATOM   402  C  CG  . LYS A 1 51  ? 11.478  -14.993 -5.429  0.50 43.69 ? 52  LYS B CG  1 
ATOM   403  C  CD  . LYS A 1 51  ? 10.601  -15.880 -6.293  0.50 43.80 ? 52  LYS B CD  1 
ATOM   404  C  CE  . LYS A 1 51  ? 10.099  -17.082 -5.517  0.50 43.48 ? 52  LYS B CE  1 
ATOM   405  N  NZ  . LYS A 1 51  ? 9.334   -16.663 -4.313  0.50 43.96 ? 52  LYS B NZ  1 
ATOM   406  N  N   . ILE A 1 52  ? 11.381  -11.495 -5.574  1.00 42.89 ? 53  ILE B N   1 
ATOM   407  C  CA  . ILE A 1 52  ? 10.541  -10.362 -5.996  1.00 43.10 ? 53  ILE B CA  1 
ATOM   408  C  C   . ILE A 1 52  ? 11.347  -9.192  -6.558  1.00 43.42 ? 53  ILE B C   1 
ATOM   409  O  O   . ILE A 1 52  ? 10.847  -8.427  -7.381  1.00 46.03 ? 53  ILE B O   1 
ATOM   410  C  CB  . ILE A 1 52  ? 9.690   -9.830  -4.818  1.00 43.78 ? 53  ILE B CB  1 
ATOM   411  C  CG1 . ILE A 1 52  ? 8.641   -8.835  -5.291  1.00 44.51 ? 53  ILE B CG1 1 
ATOM   412  C  CG2 . ILE A 1 52  ? 10.551  -9.167  -3.745  1.00 43.64 ? 53  ILE B CG2 1 
ATOM   413  C  CD1 . ILE A 1 52  ? 7.602   -8.552  -4.228  1.00 46.55 ? 53  ILE B CD1 1 
ATOM   414  N  N   . LEU A 1 53  ? 12.580  -9.036  -6.086  1.00 43.97 ? 54  LEU B N   1 
ATOM   415  C  CA  . LEU A 1 53  ? 13.442  -7.947  -6.536  1.00 44.56 ? 54  LEU B CA  1 
ATOM   416  C  C   . LEU A 1 53  ? 13.902  -8.120  -7.987  1.00 45.60 ? 54  LEU B C   1 
ATOM   417  O  O   . LEU A 1 53  ? 14.302  -7.150  -8.624  1.00 44.86 ? 54  LEU B O   1 
ATOM   418  C  CB  . LEU A 1 53  ? 14.657  -7.803  -5.614  1.00 43.45 ? 54  LEU B CB  1 
ATOM   419  C  CG  . LEU A 1 53  ? 14.404  -7.247  -4.210  1.00 43.18 ? 54  LEU B CG  1 
ATOM   420  C  CD1 . LEU A 1 53  ? 15.656  -7.404  -3.364  1.00 43.37 ? 54  LEU B CD1 1 
ATOM   421  C  CD2 . LEU A 1 53  ? 13.956  -5.786  -4.212  1.00 41.89 ? 54  LEU B CD2 1 
ATOM   422  N  N   . LYS A 1 54  ? 13.831  -9.345  -8.506  1.00 49.06 ? 55  LYS B N   1 
ATOM   423  C  CA  . LYS A 1 54  ? 14.232  -9.623  -9.890  1.00 54.53 ? 55  LYS B CA  1 
ATOM   424  C  C   . LYS A 1 54  ? 13.071  -9.538  -10.889 1.00 55.05 ? 55  LYS B C   1 
ATOM   425  O  O   . LYS A 1 54  ? 13.309  -9.496  -12.091 1.00 54.28 ? 55  LYS B O   1 
ATOM   426  C  CB  . LYS A 1 54  ? 14.912  -10.992 -9.986  1.00 57.80 ? 55  LYS B CB  1 
ATOM   427  C  CG  . LYS A 1 54  ? 16.044  -11.156 -8.987  1.00 62.09 ? 55  LYS B CG  1 
ATOM   428  C  CD  . LYS A 1 54  ? 17.068  -12.197 -9.405  1.00 66.11 ? 55  LYS B CD  1 
ATOM   429  C  CE  . LYS A 1 54  ? 18.288  -12.160 -8.486  1.00 69.24 ? 55  LYS B CE  1 
ATOM   430  N  NZ  . LYS A 1 54  ? 19.032  -10.867 -8.565  1.00 67.60 ? 55  LYS B NZ  1 
ATOM   431  N  N   . CYS A 1 55  ? 11.830  -9.517  -10.393 1.00 55.83 ? 56  CYS B N   1 
ATOM   432  C  CA  . CYS A 1 55  ? 10.648  -9.341  -11.237 1.00 54.32 ? 56  CYS B CA  1 
ATOM   433  C  C   . CYS A 1 55  ? 10.708  -8.019  -11.950 1.00 54.52 ? 56  CYS B C   1 
ATOM   434  O  O   . CYS A 1 55  ? 11.007  -7.009  -11.333 1.00 58.55 ? 56  CYS B O   1 
ATOM   435  C  CB  . CYS A 1 55  ? 9.384   -9.340  -10.393 1.00 53.91 ? 56  CYS B CB  1 
ATOM   436  S  SG  . CYS A 1 55  ? 9.119   -10.887 -9.537  1.00 55.31 ? 56  CYS B SG  1 
ATOM   437  N  N   . LYS A 1 56  ? 10.409  -8.021  -13.243 1.00 58.55 ? 57  LYS B N   1 
ATOM   438  C  CA  . LYS A 1 56  ? 10.262  -6.771  -13.998 1.00 60.46 ? 57  LYS B CA  1 
ATOM   439  C  C   . LYS A 1 56  ? 8.964   -6.068  -13.550 1.00 54.19 ? 57  LYS B C   1 
ATOM   440  O  O   . LYS A 1 56  ? 8.889   -4.833  -13.515 1.00 52.23 ? 57  LYS B O   1 
ATOM   441  C  CB  . LYS A 1 56  ? 10.268  -7.057  -15.510 1.00 65.49 ? 57  LYS B CB  1 
ATOM   442  C  CG  . LYS A 1 56  ? 10.796  -5.921  -16.382 1.00 73.53 ? 57  LYS B CG  1 
ATOM   443  C  CD  . LYS A 1 56  ? 11.608  -6.446  -17.569 1.00 77.51 ? 57  LYS B CD  1 
ATOM   444  C  CE  . LYS A 1 56  ? 11.778  -5.396  -18.662 1.00 78.78 ? 57  LYS B CE  1 
ATOM   445  N  NZ  . LYS A 1 56  ? 10.472  -5.025  -19.281 1.00 78.93 ? 57  LYS B NZ  1 
ATOM   446  N  N   . ALA A 1 57  ? 7.958   -6.860  -13.174 1.00 48.17 ? 58  ALA B N   1 
ATOM   447  C  CA  . ALA A 1 57  ? 6.685   -6.308  -12.729 1.00 46.71 ? 58  ALA B CA  1 
ATOM   448  C  C   . ALA A 1 57  ? 5.942   -7.208  -11.743 1.00 44.35 ? 58  ALA B C   1 
ATOM   449  O  O   . ALA A 1 57  ? 5.956   -8.438  -11.847 1.00 43.51 ? 58  ALA B O   1 
ATOM   450  C  CB  . ALA A 1 57  ? 5.797   -5.993  -13.926 1.00 46.79 ? 58  ALA B CB  1 
ATOM   451  N  N   . VAL A 1 58  ? 5.281   -6.560  -10.792 1.00 42.76 ? 59  VAL B N   1 
ATOM   452  C  CA  . VAL A 1 58  ? 4.545   -7.231  -9.734  1.00 43.04 ? 59  VAL B CA  1 
ATOM   453  C  C   . VAL A 1 58  ? 3.096   -6.786  -9.823  1.00 41.23 ? 59  VAL B C   1 
ATOM   454  O  O   . VAL A 1 58  ? 2.826   -5.597  -10.002 1.00 37.95 ? 59  VAL B O   1 
ATOM   455  C  CB  . VAL A 1 58  ? 5.108   -6.837  -8.344  1.00 44.53 ? 59  VAL B CB  1 
ATOM   456  C  CG1 . VAL A 1 58  ? 4.270   -7.430  -7.214  1.00 45.55 ? 59  VAL B CG1 1 
ATOM   457  C  CG2 . VAL A 1 58  ? 6.561   -7.268  -8.215  1.00 45.57 ? 59  VAL B CG2 1 
ATOM   458  N  N   . SER A 1 59  ? 2.171   -7.732  -9.685  1.00 42.56 ? 60  SER B N   1 
ATOM   459  C  CA  . SER A 1 59  ? 0.737   -7.412  -9.652  1.00 45.03 ? 60  SER B CA  1 
ATOM   460  C  C   . SER A 1 59  ? 0.253   -7.492  -8.227  1.00 39.53 ? 60  SER B C   1 
ATOM   461  O  O   . SER A 1 59  ? 0.383   -8.532  -7.584  1.00 38.09 ? 60  SER B O   1 
ATOM   462  C  CB  . SER A 1 59  ? -0.086  -8.380  -10.528 1.00 46.81 ? 60  SER B CB  1 
ATOM   463  O  OG  . SER A 1 59  ? -1.484  -8.225  -10.291 1.00 48.91 ? 60  SER B OG  1 
ATOM   464  N  N   . ARG A 1 60  ? -0.320  -6.396  -7.744  1.00 39.17 ? 61  ARG B N   1 
ATOM   465  C  CA  . ARG A 1 60  ? -0.849  -6.334  -6.372  1.00 37.12 ? 61  ARG B CA  1 
ATOM   466  C  C   . ARG A 1 60  ? -2.366  -6.264  -6.347  1.00 37.03 ? 61  ARG B C   1 
ATOM   467  O  O   . ARG A 1 60  ? -2.955  -5.440  -7.035  1.00 35.67 ? 61  ARG B O   1 
ATOM   468  C  CB  . ARG A 1 60  ? -0.312  -5.101  -5.676  1.00 35.42 ? 61  ARG B CB  1 
ATOM   469  C  CG  . ARG A 1 60  ? -0.908  -4.844  -4.301  1.00 34.96 ? 61  ARG B CG  1 
ATOM   470  C  CD  . ARG A 1 60  ? -0.213  -3.659  -3.676  1.00 33.23 ? 61  ARG B CD  1 
ATOM   471  N  NE  . ARG A 1 60  ? -0.728  -2.395  -4.178  1.00 32.77 ? 61  ARG B NE  1 
ATOM   472  C  CZ  . ARG A 1 60  ? -0.049  -1.250  -4.185  1.00 35.59 ? 61  ARG B CZ  1 
ATOM   473  N  NH1 . ARG A 1 60  ? 1.217   -1.187  -3.761  1.00 36.42 ? 61  ARG B NH1 1 
ATOM   474  N  NH2 . ARG A 1 60  ? -0.632  -0.152  -4.647  1.00 37.38 ? 61  ARG B NH2 1 
ATOM   475  N  N   . GLU A 1 61  ? -2.982  -7.107  -5.532  1.00 38.65 ? 62  GLU B N   1 
ATOM   476  C  CA  . GLU A 1 61  ? -4.401  -7.018  -5.238  1.00 42.10 ? 62  GLU B CA  1 
ATOM   477  C  C   . GLU A 1 61  ? -4.584  -6.544  -3.820  1.00 39.81 ? 62  GLU B C   1 
ATOM   478  O  O   . GLU A 1 61  ? -3.986  -7.111  -2.931  1.00 43.76 ? 62  GLU B O   1 
ATOM   479  C  CB  . GLU A 1 61  ? -5.048  -8.392  -5.339  1.00 48.73 ? 62  GLU B CB  1 
ATOM   480  C  CG  . GLU A 1 61  ? -5.390  -8.836  -6.742  1.00 53.22 ? 62  GLU B CG  1 
ATOM   481  C  CD  . GLU A 1 61  ? -6.327  -10.029 -6.740  1.00 60.30 ? 62  GLU B CD  1 
ATOM   482  O  OE1 . GLU A 1 61  ? -5.942  -11.102 -6.211  1.00 62.96 ? 62  GLU B OE1 1 
ATOM   483  O  OE2 . GLU A 1 61  ? -7.452  -9.891  -7.273  1.00 65.94 ? 62  GLU B OE2 1 
ATOM   484  N  N   . LEU A 1 62  ? -5.415  -5.529  -3.606  1.00 39.70 ? 63  LEU B N   1 
ATOM   485  C  CA  . LEU A 1 62  ? -5.828  -5.109  -2.263  1.00 40.16 ? 63  LEU B CA  1 
ATOM   486  C  C   . LEU A 1 62  ? -7.309  -5.310  -2.128  1.00 39.03 ? 63  LEU B C   1 
ATOM   487  O  O   . LEU A 1 62  ? -8.043  -5.074  -3.068  1.00 39.96 ? 63  LEU B O   1 
ATOM   488  C  CB  . LEU A 1 62  ? -5.617  -3.623  -2.058  1.00 43.90 ? 63  LEU B CB  1 
ATOM   489  C  CG  . LEU A 1 62  ? -4.257  -2.999  -2.300  1.00 48.95 ? 63  LEU B CG  1 
ATOM   490  C  CD1 . LEU A 1 62  ? -4.312  -1.536  -1.898  1.00 49.68 ? 63  LEU B CD1 1 
ATOM   491  C  CD2 . LEU A 1 62  ? -3.193  -3.732  -1.511  1.00 52.69 ? 63  LEU B CD2 1 
ATOM   492  N  N   . ASN A 1 63  ? -7.768  -5.686  -0.949  1.00 36.13 ? 64  ASN B N   1 
ATOM   493  C  CA  . ASN A 1 63  ? -9.192  -5.716  -0.692  1.00 34.59 ? 64  ASN B CA  1 
ATOM   494  C  C   . ASN A 1 63  ? -9.515  -4.796  0.485   1.00 33.66 ? 64  ASN B C   1 
ATOM   495  O  O   . ASN A 1 63  ? -8.972  -4.968  1.572   1.00 34.14 ? 64  ASN B O   1 
ATOM   496  C  CB  . ASN A 1 63  ? -9.626  -7.148  -0.435  1.00 35.99 ? 64  ASN B CB  1 
ATOM   497  C  CG  . ASN A 1 63  ? -11.117 -7.284  -0.267  1.00 35.46 ? 64  ASN B CG  1 
ATOM   498  O  OD1 . ASN A 1 63  ? -11.647 -7.018  0.811   1.00 36.51 ? 64  ASN B OD1 1 
ATOM   499  N  ND2 . ASN A 1 63  ? -11.801 -7.727  -1.321  1.00 33.07 ? 64  ASN B ND2 1 
ATOM   500  N  N   . PHE A 1 64  ? -10.371 -3.798  0.256   1.00 31.95 ? 65  PHE B N   1 
ATOM   501  C  CA  . PHE A 1 64  ? -10.701 -2.827  1.295   1.00 29.88 ? 65  PHE B CA  1 
ATOM   502  C  C   . PHE A 1 64  ? -12.192 -2.573  1.465   1.00 29.46 ? 65  PHE B C   1 
ATOM   503  O  O   . PHE A 1 64  ? -12.977 -2.744  0.540   1.00 28.11 ? 65  PHE B O   1 
ATOM   504  C  CB  . PHE A 1 64  ? -9.982  -1.512  1.056   1.00 29.60 ? 65  PHE B CB  1 
ATOM   505  C  CG  . PHE A 1 64  ? -10.353 -0.822  -0.220  1.00 29.71 ? 65  PHE B CG  1 
ATOM   506  C  CD1 . PHE A 1 64  ? -9.724  -1.152  -1.412  1.00 29.49 ? 65  PHE B CD1 1 
ATOM   507  C  CD2 . PHE A 1 64  ? -11.286 0.210   -0.223  1.00 30.14 ? 65  PHE B CD2 1 
ATOM   508  C  CE1 . PHE A 1 64  ? -10.037 -0.486  -2.581  1.00 29.88 ? 65  PHE B CE1 1 
ATOM   509  C  CE2 . PHE A 1 64  ? -11.609 0.874   -1.392  1.00 29.17 ? 65  PHE B CE2 1 
ATOM   510  C  CZ  . PHE A 1 64  ? -10.986 0.525   -2.572  1.00 29.41 ? 65  PHE B CZ  1 
ATOM   511  N  N   . SER A 1 65  ? -12.564 -2.192  2.680   1.00 29.95 ? 66  SER B N   1 
ATOM   512  C  CA  . SER A 1 65  ? -13.909 -1.737  2.978   1.00 30.76 ? 66  SER B CA  1 
ATOM   513  C  C   . SER A 1 65  ? -13.844 -0.276  3.363   1.00 31.69 ? 66  SER B C   1 
ATOM   514  O  O   . SER A 1 65  ? -12.820 0.205   3.880   1.00 32.04 ? 66  SER B O   1 
ATOM   515  C  CB  . SER A 1 65  ? -14.522 -2.542  4.113   1.00 31.08 ? 66  SER B CB  1 
ATOM   516  O  OG  . SER A 1 65  ? -14.630 -3.905  3.747   1.00 32.17 ? 66  SER B OG  1 
ATOM   517  N  N   . SER A 1 66  ? -14.943 0.423   3.102   1.00 30.43 ? 67  SER B N   1 
ATOM   518  C  CA  . SER A 1 66  ? -15.058 1.823   3.426   1.00 30.21 ? 67  SER B CA  1 
ATOM   519  C  C   . SER A 1 66  ? -16.509 2.090   3.742   1.00 29.45 ? 67  SER B C   1 
ATOM   520  O  O   . SER A 1 66  ? -17.369 1.816   2.913   1.00 33.14 ? 67  SER B O   1 
ATOM   521  C  CB  . SER A 1 66  ? -14.615 2.678   2.226   1.00 30.45 ? 67  SER B CB  1 
ATOM   522  O  OG  . SER A 1 66  ? -14.808 4.067   2.450   1.00 29.92 ? 67  SER B OG  1 
ATOM   523  N  N   . THR A 1 67  ? -16.793 2.630   4.916   1.00 27.36 ? 68  THR B N   1 
ATOM   524  C  CA  . THR A 1 67  ? -18.147 3.069   5.198   1.00 28.48 ? 68  THR B CA  1 
ATOM   525  C  C   . THR A 1 67  ? -18.422 4.377   4.463   1.00 28.69 ? 68  THR B C   1 
ATOM   526  O  O   . THR A 1 67  ? -19.540 4.635   4.036   1.00 27.37 ? 68  THR B O   1 
ATOM   527  C  CB  . THR A 1 67  ? -18.408 3.245   6.713   1.00 28.67 ? 68  THR B CB  1 
ATOM   528  O  OG1 . THR A 1 67  ? -17.600 4.306   7.231   1.00 28.71 ? 68  THR B OG1 1 
ATOM   529  C  CG2 . THR A 1 67  ? -18.122 1.940   7.480   1.00 26.88 ? 68  THR B CG2 1 
ATOM   530  N  N   . GLU A 1 68  ? -17.381 5.183   4.292   1.00 31.28 ? 69  GLU B N   1 
ATOM   531  C  CA  . GLU A 1 68  ? -17.518 6.514   3.691   1.00 33.14 ? 69  GLU B CA  1 
ATOM   532  C  C   . GLU A 1 68  ? -17.383 6.502   2.179   1.00 32.12 ? 69  GLU B C   1 
ATOM   533  O  O   . GLU A 1 68  ? -16.565 5.772   1.621   1.00 30.75 ? 69  GLU B O   1 
ATOM   534  C  CB  . GLU A 1 68  ? -16.472 7.487   4.266   1.00 35.03 ? 69  GLU B CB  1 
ATOM   535  C  CG  . GLU A 1 68  ? -16.577 7.706   5.766   1.00 37.72 ? 69  GLU B CG  1 
ATOM   536  C  CD  . GLU A 1 68  ? -18.015 7.817   6.220   1.00 41.82 ? 69  GLU B CD  1 
ATOM   537  O  OE1 . GLU A 1 68  ? -18.676 8.819   5.861   1.00 45.65 ? 69  GLU B OE1 1 
ATOM   538  O  OE2 . GLU A 1 68  ? -18.489 6.889   6.910   1.00 43.87 ? 69  GLU B OE2 1 
ATOM   539  N  N   . GLN A 1 69  ? -18.200 7.331   1.537   1.00 32.64 ? 70  GLN B N   1 
ATOM   540  C  CA  . GLN A 1 69  ? -18.060 7.618   0.133   1.00 32.85 ? 70  GLN B CA  1 
ATOM   541  C  C   . GLN A 1 69  ? -16.760 8.373   -0.085  1.00 31.88 ? 70  GLN B C   1 
ATOM   542  O  O   . GLN A 1 69  ? -16.453 9.302   0.643   1.00 30.84 ? 70  GLN B O   1 
ATOM   543  C  CB  . GLN A 1 69  ? -19.231 8.470   -0.369  1.00 32.62 ? 70  GLN B CB  1 
ATOM   544  C  CG  . GLN A 1 69  ? -19.232 8.690   -1.886  1.00 32.72 ? 70  GLN B CG  1 
ATOM   545  C  CD  . GLN A 1 69  ? -20.523 9.325   -2.381  1.00 32.22 ? 70  GLN B CD  1 
ATOM   546  O  OE1 . GLN A 1 69  ? -21.583 8.702   -2.369  1.00 32.64 ? 70  GLN B OE1 1 
ATOM   547  N  NE2 . GLN A 1 69  ? -20.435 10.570  -2.814  1.00 31.88 ? 70  GLN B NE2 1 
ATOM   548  N  N   . MET A 1 70  ? -16.001 7.948   -1.086  1.00 32.84 ? 71  MET B N   1 
ATOM   549  C  CA  . MET A 1 70  ? -14.847 8.695   -1.565  1.00 35.29 ? 71  MET B CA  1 
ATOM   550  C  C   . MET A 1 70  ? -15.004 8.971   -3.057  1.00 36.28 ? 71  MET B C   1 
ATOM   551  O  O   . MET A 1 70  ? -15.414 8.096   -3.827  1.00 34.97 ? 71  MET B O   1 
ATOM   552  C  CB  . MET A 1 70  ? -13.568 7.898   -1.322  1.00 35.95 ? 71  MET B CB  1 
ATOM   553  C  CG  . MET A 1 70  ? -13.016 8.042   0.078   1.00 37.24 ? 71  MET B CG  1 
ATOM   554  S  SD  . MET A 1 70  ? -11.599 6.967   0.354   1.00 39.03 ? 71  MET B SD  1 
ATOM   555  C  CE  . MET A 1 70  ? -12.385 5.409   0.700   1.00 38.64 ? 71  MET B CE  1 
ATOM   556  N  N   . GLU A 1 71  ? -14.664 10.180  -3.469  1.00 40.51 ? 72  GLU B N   1 
ATOM   557  C  CA  . GLU A 1 71  ? -14.786 10.550  -4.874  1.00 46.82 ? 72  GLU B CA  1 
ATOM   558  C  C   . GLU A 1 71  ? -13.571 10.121  -5.699  1.00 45.09 ? 72  GLU B C   1 
ATOM   559  O  O   . GLU A 1 71  ? -13.740 9.513   -6.747  1.00 45.32 ? 72  GLU B O   1 
ATOM   560  C  CB  . GLU A 1 71  ? -15.074 12.040  -4.998  1.00 53.68 ? 72  GLU B CB  1 
ATOM   561  C  CG  . GLU A 1 71  ? -16.467 12.394  -4.466  1.00 62.20 ? 72  GLU B CG  1 
ATOM   562  C  CD  . GLU A 1 71  ? -16.444 13.490  -3.410  1.00 72.21 ? 72  GLU B CD  1 
ATOM   563  O  OE1 . GLU A 1 71  ? -16.694 14.669  -3.775  1.00 76.77 ? 72  GLU B OE1 1 
ATOM   564  O  OE2 . GLU A 1 71  ? -16.163 13.168  -2.225  1.00 70.20 ? 72  GLU B OE2 1 
ATOM   565  N  N   . LYS A 1 72  ? -12.360 10.393  -5.220  1.00 42.64 ? 73  LYS B N   1 
ATOM   566  C  CA  . LYS A 1 72  ? -11.157 9.981   -5.952  1.00 45.23 ? 73  LYS B CA  1 
ATOM   567  C  C   . LYS A 1 72  ? -10.115 9.343   -5.030  1.00 39.36 ? 73  LYS B C   1 
ATOM   568  O  O   . LYS A 1 72  ? -9.068  9.914   -4.762  1.00 35.78 ? 73  LYS B O   1 
ATOM   569  C  CB  . LYS A 1 72  ? -10.568 11.168  -6.728  1.00 51.25 ? 73  LYS B CB  1 
ATOM   570  C  CG  . LYS A 1 72  ? -9.722  10.790  -7.950  1.00 57.98 ? 73  LYS B CG  1 
ATOM   571  C  CD  . LYS A 1 72  ? -8.915  12.000  -8.439  1.00 65.66 ? 73  LYS B CD  1 
ATOM   572  C  CE  . LYS A 1 72  ? -8.845  12.137  -9.959  1.00 70.35 ? 73  LYS B CE  1 
ATOM   573  N  NZ  . LYS A 1 72  ? -10.182 12.370  -10.586 1.00 73.41 ? 73  LYS B NZ  1 
ATOM   574  N  N   . PHE A 1 73  ? -10.430 8.139   -4.560  1.00 36.31 ? 74  PHE B N   1 
ATOM   575  C  CA  . PHE A 1 73  ? -9.538  7.367   -3.708  1.00 34.04 ? 74  PHE B CA  1 
ATOM   576  C  C   . PHE A 1 73  ? -8.274  6.966   -4.479  1.00 33.77 ? 74  PHE B C   1 
ATOM   577  O  O   . PHE A 1 73  ? -8.350  6.426   -5.584  1.00 32.72 ? 74  PHE B O   1 
ATOM   578  C  CB  . PHE A 1 73  ? -10.271 6.127   -3.192  1.00 32.60 ? 74  PHE B CB  1 
ATOM   579  C  CG  . PHE A 1 73  ? -9.452  5.248   -2.276  1.00 32.20 ? 74  PHE B CG  1 
ATOM   580  C  CD1 . PHE A 1 73  ? -8.842  5.767   -1.139  1.00 33.13 ? 74  PHE B CD1 1 
ATOM   581  C  CD2 . PHE A 1 73  ? -9.326  3.888   -2.529  1.00 32.22 ? 74  PHE B CD2 1 
ATOM   582  C  CE1 . PHE A 1 73  ? -8.109  4.954   -0.283  1.00 32.44 ? 74  PHE B CE1 1 
ATOM   583  C  CE2 . PHE A 1 73  ? -8.598  3.066   -1.681  1.00 32.23 ? 74  PHE B CE2 1 
ATOM   584  C  CZ  . PHE A 1 73  ? -7.985  3.600   -0.558  1.00 32.45 ? 74  PHE B CZ  1 
ATOM   585  N  N   . ARG A 1 74  ? -7.118  7.233   -3.881  1.00 33.01 ? 75  ARG B N   1 
ATOM   586  C  CA  . ARG A 1 74  ? -5.841  6.972   -4.516  1.00 33.88 ? 75  ARG B CA  1 
ATOM   587  C  C   . ARG A 1 74  ? -4.728  6.836   -3.465  1.00 33.73 ? 75  ARG B C   1 
ATOM   588  O  O   . ARG A 1 74  ? -4.919  7.189   -2.291  1.00 32.43 ? 75  ARG B O   1 
ATOM   589  C  CB  . ARG A 1 74  ? -5.527  8.113   -5.492  1.00 33.49 ? 75  ARG B CB  1 
ATOM   590  C  CG  . ARG A 1 74  ? -5.455  9.466   -4.828  1.00 33.71 ? 75  ARG B CG  1 
ATOM   591  C  CD  . ARG A 1 74  ? -5.123  10.589  -5.799  1.00 33.60 ? 75  ARG B CD  1 
ATOM   592  N  NE  . ARG A 1 74  ? -4.832  11.807  -5.036  1.00 32.93 ? 75  ARG B NE  1 
ATOM   593  C  CZ  . ARG A 1 74  ? -3.616  12.209  -4.676  1.00 33.57 ? 75  ARG B CZ  1 
ATOM   594  N  NH1 . ARG A 1 74  ? -2.529  11.519  -5.022  1.00 36.26 ? 75  ARG B NH1 1 
ATOM   595  N  NH2 . ARG A 1 74  ? -3.481  13.309  -3.948  1.00 32.94 ? 75  ARG B NH2 1 
ATOM   596  N  N   . LEU A 1 75  ? -3.574  6.329   -3.897  1.00 32.66 ? 76  LEU B N   1 
ATOM   597  C  CA  . LEU A 1 75  ? -2.400  6.195   -3.030  1.00 32.73 ? 76  LEU B CA  1 
ATOM   598  C  C   . LEU A 1 75  ? -1.169  6.833   -3.639  1.00 33.16 ? 76  LEU B C   1 
ATOM   599  O  O   . LEU A 1 75  ? -0.986  6.840   -4.862  1.00 33.79 ? 76  LEU B O   1 
ATOM   600  C  CB  . LEU A 1 75  ? -2.025  4.728   -2.816  1.00 33.20 ? 76  LEU B CB  1 
ATOM   601  C  CG  . LEU A 1 75  ? -3.057  3.737   -2.342  1.00 33.64 ? 76  LEU B CG  1 
ATOM   602  C  CD1 . LEU A 1 75  ? -2.488  2.345   -2.457  1.00 34.96 ? 76  LEU B CD1 1 
ATOM   603  C  CD2 . LEU A 1 75  ? -3.492  4.016   -0.917  1.00 35.52 ? 76  LEU B CD2 1 
ATOM   604  N  N   . GLU A 1 76  ? -0.310  7.319   -2.762  1.00 34.34 ? 77  GLU B N   1 
ATOM   605  C  CA  . GLU A 1 76  ? 1.053   7.673   -3.103  1.00 37.25 ? 77  GLU B CA  1 
ATOM   606  C  C   . GLU A 1 76  ? 1.937   6.752   -2.266  1.00 37.05 ? 77  GLU B C   1 
ATOM   607  O  O   . GLU A 1 76  ? 1.775   6.685   -1.053  1.00 38.44 ? 77  GLU B O   1 
ATOM   608  C  CB  . GLU A 1 76  ? 1.332   9.154   -2.784  1.00 37.51 ? 77  GLU B CB  1 
ATOM   609  C  CG  . GLU A 1 76  ? 0.538   10.113  -3.663  1.00 41.66 ? 77  GLU B CG  1 
ATOM   610  C  CD  . GLU A 1 76  ? 0.677   11.600  -3.305  1.00 44.33 ? 77  GLU B CD  1 
ATOM   611  O  OE1 . GLU A 1 76  ? 1.600   11.987  -2.549  1.00 45.12 ? 77  GLU B OE1 1 
ATOM   612  O  OE2 . GLU A 1 76  ? -0.164  12.398  -3.798  1.00 45.89 ? 77  GLU B OE2 1 
ATOM   613  N  N   . GLN A 1 77  ? 2.859   6.031   -2.896  1.00 36.50 ? 78  GLN B N   1 
ATOM   614  C  CA  . GLN A 1 77  ? 3.802   5.200   -2.127  1.00 35.18 ? 78  GLN B CA  1 
ATOM   615  C  C   . GLN A 1 77  ? 5.235   5.548   -2.418  1.00 34.42 ? 78  GLN B C   1 
ATOM   616  O  O   . GLN A 1 77  ? 5.605   5.653   -3.573  1.00 35.16 ? 78  GLN B O   1 
ATOM   617  C  CB  . GLN A 1 77  ? 3.579   3.744   -2.439  1.00 33.36 ? 78  GLN B CB  1 
ATOM   618  C  CG  . GLN A 1 77  ? 2.294   3.242   -1.853  1.00 32.26 ? 78  GLN B CG  1 
ATOM   619  C  CD  . GLN A 1 77  ? 2.154   1.778   -2.077  1.00 31.97 ? 78  GLN B CD  1 
ATOM   620  O  OE1 . GLN A 1 77  ? 2.007   1.351   -3.202  1.00 33.42 ? 78  GLN B OE1 1 
ATOM   621  N  NE2 . GLN A 1 77  ? 2.211   0.991   -1.009  1.00 32.41 ? 78  GLN B NE2 1 
ATOM   622  N  N   . LYS A 1 78  ? 6.026   5.730   -1.364  1.00 34.01 ? 79  LYS B N   1 
ATOM   623  C  CA  . LYS A 1 78  ? 7.430   6.106   -1.480  1.00 34.34 ? 79  LYS B CA  1 
ATOM   624  C  C   . LYS A 1 78  ? 8.313   5.033   -0.886  1.00 33.37 ? 79  LYS B C   1 
ATOM   625  O  O   . LYS A 1 78  ? 8.080   4.584   0.241   1.00 32.22 ? 79  LYS B O   1 
ATOM   626  C  CB  . LYS A 1 78  ? 7.707   7.402   -0.732  1.00 36.96 ? 79  LYS B CB  1 
ATOM   627  C  CG  . LYS A 1 78  ? 7.258   8.641   -1.454  1.00 39.36 ? 79  LYS B CG  1 
ATOM   628  C  CD  . LYS A 1 78  ? 7.655   9.872   -0.678  1.00 42.86 ? 79  LYS B CD  1 
ATOM   629  C  CE  . LYS A 1 78  ? 7.267   11.120  -1.444  1.00 46.16 ? 79  LYS B CE  1 
ATOM   630  N  NZ  . LYS A 1 78  ? 7.677   12.343  -0.709  1.00 48.44 ? 79  LYS B NZ  1 
ATOM   631  N  N   . VAL A 1 79  ? 9.352   4.672   -1.634  1.00 31.23 ? 80  VAL B N   1 
ATOM   632  C  CA  . VAL A 1 79  ? 10.326  3.675   -1.218  1.00 31.07 ? 80  VAL B CA  1 
ATOM   633  C  C   . VAL A 1 79  ? 11.524  4.402   -0.644  1.00 29.87 ? 80  VAL B C   1 
ATOM   634  O  O   . VAL A 1 79  ? 12.246  5.050   -1.378  1.00 28.98 ? 80  VAL B O   1 
ATOM   635  C  CB  . VAL A 1 79  ? 10.787  2.829   -2.434  1.00 31.82 ? 80  VAL B CB  1 
ATOM   636  C  CG1 . VAL A 1 79  ? 11.771  1.744   -2.010  1.00 31.26 ? 80  VAL B CG1 1 
ATOM   637  C  CG2 . VAL A 1 79  ? 9.580   2.224   -3.140  1.00 31.37 ? 80  VAL B CG2 1 
ATOM   638  N  N   . TYR A 1 80  ? 11.725  4.304   0.665   1.00 31.27 ? 81  TYR B N   1 
ATOM   639  C  CA  . TYR A 1 80  ? 12.913  4.868   1.317   1.00 32.09 ? 81  TYR B CA  1 
ATOM   640  C  C   . TYR A 1 80  ? 13.936  3.770   1.616   1.00 32.30 ? 81  TYR B C   1 
ATOM   641  O  O   . TYR A 1 80  ? 13.585  2.736   2.163   1.00 32.38 ? 81  TYR B O   1 
ATOM   642  C  CB  . TYR A 1 80  ? 12.552  5.564   2.632   1.00 32.80 ? 81  TYR B CB  1 
ATOM   643  C  CG  . TYR A 1 80  ? 11.761  6.828   2.489   1.00 34.88 ? 81  TYR B CG  1 
ATOM   644  C  CD1 . TYR A 1 80  ? 12.398  8.062   2.377   1.00 37.34 ? 81  TYR B CD1 1 
ATOM   645  C  CD2 . TYR A 1 80  ? 10.369  6.800   2.464   1.00 35.97 ? 81  TYR B CD2 1 
ATOM   646  C  CE1 . TYR A 1 80  ? 11.671  9.233   2.243   1.00 37.19 ? 81  TYR B CE1 1 
ATOM   647  C  CE2 . TYR A 1 80  ? 9.636   7.961   2.329   1.00 35.80 ? 81  TYR B CE2 1 
ATOM   648  C  CZ  . TYR A 1 80  ? 10.293  9.172   2.224   1.00 37.68 ? 81  TYR B CZ  1 
ATOM   649  O  OH  . TYR A 1 80  ? 9.568   10.329  2.091   1.00 41.63 ? 81  TYR B OH  1 
ATOM   650  N  N   . PHE A 1 81  ? 15.194  4.020   1.258   1.00 34.10 ? 82  PHE B N   1 
ATOM   651  C  CA  . PHE A 1 81  ? 16.339  3.202   1.670   1.00 33.09 ? 82  PHE B CA  1 
ATOM   652  C  C   . PHE A 1 81  ? 17.172  4.054   2.619   1.00 33.93 ? 82  PHE B C   1 
ATOM   653  O  O   . PHE A 1 81  ? 17.643  5.128   2.236   1.00 31.97 ? 82  PHE B O   1 
ATOM   654  C  CB  . PHE A 1 81  ? 17.177  2.824   0.451   1.00 33.67 ? 82  PHE B CB  1 
ATOM   655  C  CG  . PHE A 1 81  ? 18.449  2.100   0.787   1.00 34.70 ? 82  PHE B CG  1 
ATOM   656  C  CD1 . PHE A 1 81  ? 18.420  0.776   1.190   1.00 33.85 ? 82  PHE B CD1 1 
ATOM   657  C  CD2 . PHE A 1 81  ? 19.678  2.742   0.697   1.00 35.40 ? 82  PHE B CD2 1 
ATOM   658  C  CE1 . PHE A 1 81  ? 19.581  0.106   1.505   1.00 33.19 ? 82  PHE B CE1 1 
ATOM   659  C  CE2 . PHE A 1 81  ? 20.843  2.075   1.008   1.00 33.88 ? 82  PHE B CE2 1 
ATOM   660  C  CZ  . PHE A 1 81  ? 20.792  0.754   1.410   1.00 34.20 ? 82  PHE B CZ  1 
ATOM   661  N  N   . LYS A 1 82  ? 17.327  3.595   3.862   1.00 34.92 ? 83  LYS B N   1 
ATOM   662  C  CA  . LYS A 1 82  ? 18.000  4.379   4.905   1.00 34.25 ? 83  LYS B CA  1 
ATOM   663  C  C   . LYS A 1 82  ? 17.599  5.862   4.882   1.00 35.45 ? 83  LYS B C   1 
ATOM   664  O  O   . LYS A 1 82  ? 18.455  6.739   4.949   1.00 36.08 ? 83  LYS B O   1 
ATOM   665  C  CB  . LYS A 1 82  ? 19.521  4.250   4.761   1.00 33.57 ? 83  LYS B CB  1 
ATOM   666  C  CG  . LYS A 1 82  ? 20.052  2.847   4.984   1.00 34.03 ? 83  LYS B CG  1 
ATOM   667  C  CD  . LYS A 1 82  ? 21.571  2.841   4.922   1.00 34.84 ? 83  LYS B CD  1 
ATOM   668  C  CE  . LYS A 1 82  ? 22.147  1.456   5.183   1.00 35.20 ? 83  LYS B CE  1 
ATOM   669  N  NZ  . LYS A 1 82  ? 23.623  1.403   4.997   1.00 34.16 ? 83  LYS B NZ  1 
ATOM   670  N  N   . GLY A 1 83  ? 16.305  6.141   4.758   1.00 37.54 ? 84  GLY B N   1 
ATOM   671  C  CA  . GLY A 1 83  ? 15.801  7.517   4.844   1.00 39.85 ? 84  GLY B CA  1 
ATOM   672  C  C   . GLY A 1 83  ? 15.904  8.337   3.559   1.00 42.31 ? 84  GLY B C   1 
ATOM   673  O  O   . GLY A 1 83  ? 15.615  9.534   3.548   1.00 42.88 ? 84  GLY B O   1 
ATOM   674  N  N   . GLN A 1 84  ? 16.295  7.692   2.470   1.00 43.88 ? 85  GLN B N   1 
ATOM   675  C  CA  . GLN A 1 84  ? 16.374  8.349   1.177   1.00 46.00 ? 85  GLN B CA  1 
ATOM   676  C  C   . GLN A 1 84  ? 15.343  7.792   0.202   1.00 44.78 ? 85  GLN B C   1 
ATOM   677  O  O   . GLN A 1 84  ? 15.381  6.609   -0.141  1.00 41.54 ? 85  GLN B O   1 
ATOM   678  C  CB  . GLN A 1 84  ? 17.759  8.152   0.589   1.00 49.20 ? 85  GLN B CB  1 
ATOM   679  C  CG  . GLN A 1 84  ? 17.894  8.673   -0.825  1.00 52.35 ? 85  GLN B CG  1 
ATOM   680  C  CD  . GLN A 1 84  ? 19.223  9.345   -1.028  1.00 56.59 ? 85  GLN B CD  1 
ATOM   681  O  OE1 . GLN A 1 84  ? 19.605  10.214  -0.235  1.00 60.65 ? 85  GLN B OE1 1 
ATOM   682  N  NE2 . GLN A 1 84  ? 19.946  8.945   -2.069  1.00 54.77 ? 85  GLN B NE2 1 
ATOM   683  N  N   . CYS A 1 85  ? 14.446  8.659   -0.257  1.00 44.91 ? 86  CYS B N   1 
ATOM   684  C  CA  . CYS A 1 85  ? 13.450  8.289   -1.244  1.00 44.25 ? 86  CYS B CA  1 
ATOM   685  C  C   . CYS A 1 85  ? 14.118  7.861   -2.545  1.00 45.03 ? 86  CYS B C   1 
ATOM   686  O  O   . CYS A 1 85  ? 14.839  8.635   -3.150  1.00 49.57 ? 86  CYS B O   1 
ATOM   687  C  CB  . CYS A 1 85  ? 12.507  9.459   -1.518  1.00 44.00 ? 86  CYS B CB  1 
ATOM   688  S  SG  . CYS A 1 85  ? 11.230  9.023   -2.706  1.00 45.40 ? 86  CYS B SG  1 
ATOM   689  N  N   . LEU A 1 86  ? 13.867  6.624   -2.961  1.00 45.07 ? 87  LEU B N   1 
ATOM   690  C  CA  . LEU A 1 86  ? 14.403  6.048   -4.198  1.00 43.86 ? 87  LEU B CA  1 
ATOM   691  C  C   . LEU A 1 86  ? 13.362  6.018   -5.316  1.00 47.10 ? 87  LEU B C   1 
ATOM   692  O  O   . LEU A 1 86  ? 13.703  6.152   -6.486  1.00 47.74 ? 87  LEU B O   1 
ATOM   693  C  CB  . LEU A 1 86  ? 14.819  4.603   -3.953  1.00 44.50 ? 87  LEU B CB  1 
ATOM   694  C  CG  . LEU A 1 86  ? 16.249  4.221   -3.597  1.00 43.11 ? 87  LEU B CG  1 
ATOM   695  C  CD1 . LEU A 1 86  ? 16.928  5.183   -2.640  1.00 44.09 ? 87  LEU B CD1 1 
ATOM   696  C  CD2 . LEU A 1 86  ? 16.175  2.818   -3.019  1.00 43.22 ? 87  LEU B CD2 1 
ATOM   697  N  N   . GLU A 1 87  ? 12.104  5.749   -4.972  1.00 48.21 ? 88  GLU B N   1 
ATOM   698  C  CA  . GLU A 1 87  ? 11.027  5.963   -5.926  1.00 49.81 ? 88  GLU B CA  1 
ATOM   699  C  C   . GLU A 1 87  ? 9.676   6.316   -5.317  1.00 49.16 ? 88  GLU B C   1 
ATOM   700  O  O   . GLU A 1 87  ? 9.463   6.209   -4.115  1.00 49.25 ? 88  GLU B O   1 
ATOM   701  C  CB  . GLU A 1 87  ? 10.901  4.837   -6.968  1.00 51.25 ? 88  GLU B CB  1 
ATOM   702  C  CG  . GLU A 1 87  ? 11.415  3.456   -6.621  1.00 53.90 ? 88  GLU B CG  1 
ATOM   703  C  CD  . GLU A 1 87  ? 11.413  2.547   -7.850  1.00 57.46 ? 88  GLU B CD  1 
ATOM   704  O  OE1 . GLU A 1 87  ? 10.542  2.728   -8.726  1.00 57.62 ? 88  GLU B OE1 1 
ATOM   705  O  OE2 . GLU A 1 87  ? 12.292  1.667   -7.963  1.00 58.65 ? 88  GLU B OE2 1 
ATOM   706  N  N   . GLU A 1 88  ? 8.798   6.802   -6.193  1.00 50.77 ? 89  GLU B N   1 
ATOM   707  C  CA  . GLU A 1 88  ? 7.447   7.215   -5.851  1.00 49.56 ? 89  GLU B CA  1 
ATOM   708  C  C   . GLU A 1 88  ? 6.473   6.565   -6.837  1.00 43.72 ? 89  GLU B C   1 
ATOM   709  O  O   . GLU A 1 88  ? 6.680   6.604   -8.047  1.00 41.82 ? 89  GLU B O   1 
ATOM   710  C  CB  . GLU A 1 88  ? 7.325   8.738   -5.895  1.00 52.07 ? 89  GLU B CB  1 
ATOM   711  C  CG  . GLU A 1 88  ? 6.065   9.252   -5.201  1.00 58.48 ? 89  GLU B CG  1 
ATOM   712  C  CD  . GLU A 1 88  ? 6.117   10.739  -4.871  1.00 61.49 ? 89  GLU B CD  1 
ATOM   713  O  OE1 . GLU A 1 88  ? 6.824   11.502  -5.581  1.00 64.60 ? 89  GLU B OE1 1 
ATOM   714  O  OE2 . GLU A 1 88  ? 5.442   11.147  -3.898  1.00 59.94 ? 89  GLU B OE2 1 
ATOM   715  N  N   . TRP A 1 89  ? 5.432   5.945   -6.301  1.00 39.41 ? 90  TRP B N   1 
ATOM   716  C  CA  . TRP A 1 89  ? 4.412   5.285   -7.095  1.00 38.01 ? 90  TRP B CA  1 
ATOM   717  C  C   . TRP A 1 89  ? 3.082   5.981   -6.859  1.00 35.52 ? 90  TRP B C   1 
ATOM   718  O  O   . TRP A 1 89  ? 2.789   6.411   -5.744  1.00 36.20 ? 90  TRP B O   1 
ATOM   719  C  CB  . TRP A 1 89  ? 4.278   3.825   -6.679  1.00 39.48 ? 90  TRP B CB  1 
ATOM   720  C  CG  . TRP A 1 89  ? 5.525   3.009   -6.763  1.00 41.66 ? 90  TRP B CG  1 
ATOM   721  C  CD1 . TRP A 1 89  ? 6.578   3.200   -7.605  1.00 44.23 ? 90  TRP B CD1 1 
ATOM   722  C  CD2 . TRP A 1 89  ? 5.828   1.832   -6.004  1.00 43.42 ? 90  TRP B CD2 1 
ATOM   723  N  NE1 . TRP A 1 89  ? 7.531   2.227   -7.406  1.00 43.89 ? 90  TRP B NE1 1 
ATOM   724  C  CE2 . TRP A 1 89  ? 7.092   1.373   -6.431  1.00 43.01 ? 90  TRP B CE2 1 
ATOM   725  C  CE3 . TRP A 1 89  ? 5.151   1.119   -5.004  1.00 42.64 ? 90  TRP B CE3 1 
ATOM   726  C  CZ2 . TRP A 1 89  ? 7.691   0.236   -5.905  1.00 43.31 ? 90  TRP B CZ2 1 
ATOM   727  C  CZ3 . TRP A 1 89  ? 5.751   -0.013  -4.477  1.00 44.19 ? 90  TRP B CZ3 1 
ATOM   728  C  CH2 . TRP A 1 89  ? 7.014   -0.443  -4.928  1.00 43.48 ? 90  TRP B CH2 1 
ATOM   729  N  N   . PHE A 1 90  ? 2.273   6.082   -7.900  1.00 33.71 ? 91  PHE B N   1 
ATOM   730  C  CA  . PHE A 1 90  ? 0.949   6.677   -7.791  1.00 31.07 ? 91  PHE B CA  1 
ATOM   731  C  C   . PHE A 1 90  ? -0.041  5.676   -8.336  1.00 31.89 ? 91  PHE B C   1 
ATOM   732  O  O   . PHE A 1 90  ? 0.168   5.125   -9.400  1.00 29.22 ? 91  PHE B O   1 
ATOM   733  C  CB  . PHE A 1 90  ? 0.881   7.971   -8.586  1.00 29.87 ? 91  PHE B CB  1 
ATOM   734  C  CG  . PHE A 1 90  ? 1.869   9.017   -8.138  1.00 30.94 ? 91  PHE B CG  1 
ATOM   735  C  CD1 . PHE A 1 90  ? 3.188   9.011   -8.613  1.00 31.67 ? 91  PHE B CD1 1 
ATOM   736  C  CD2 . PHE A 1 90  ? 1.493   10.008  -7.236  1.00 31.42 ? 91  PHE B CD2 1 
ATOM   737  C  CE1 . PHE A 1 90  ? 4.102   9.979   -8.194  1.00 32.32 ? 91  PHE B CE1 1 
ATOM   738  C  CE2 . PHE A 1 90  ? 2.399   10.981  -6.811  1.00 31.15 ? 91  PHE B CE2 1 
ATOM   739  C  CZ  . PHE A 1 90  ? 3.704   10.967  -7.292  1.00 31.91 ? 91  PHE B CZ  1 
ATOM   740  N  N   . PHE A 1 91  ? -1.101  5.412   -7.580  1.00 35.96 ? 92  PHE B N   1 
ATOM   741  C  CA  . PHE A 1 91  ? -2.173  4.530   -8.028  1.00 37.10 ? 92  PHE B CA  1 
ATOM   742  C  C   . PHE A 1 91  ? -3.505  5.199   -7.764  1.00 39.30 ? 92  PHE B C   1 
ATOM   743  O  O   . PHE A 1 91  ? -3.662  5.906   -6.764  1.00 41.78 ? 92  PHE B O   1 
ATOM   744  C  CB  . PHE A 1 91  ? -2.127  3.211   -7.274  1.00 37.73 ? 92  PHE B CB  1 
ATOM   745  C  CG  . PHE A 1 91  ? -0.802  2.526   -7.339  1.00 37.82 ? 92  PHE B CG  1 
ATOM   746  C  CD1 . PHE A 1 91  ? -0.446  1.796   -8.454  1.00 38.77 ? 92  PHE B CD1 1 
ATOM   747  C  CD2 . PHE A 1 91  ? 0.092   2.616   -6.284  1.00 39.40 ? 92  PHE B CD2 1 
ATOM   748  C  CE1 . PHE A 1 91  ? 0.783   1.155   -8.515  1.00 38.87 ? 92  PHE B CE1 1 
ATOM   749  C  CE2 . PHE A 1 91  ? 1.321   1.977   -6.336  1.00 38.32 ? 92  PHE B CE2 1 
ATOM   750  C  CZ  . PHE A 1 91  ? 1.664   1.246   -7.454  1.00 38.91 ? 92  PHE B CZ  1 
ATOM   751  N  N   . GLU A 1 92  ? -4.463  4.979   -8.656  1.00 41.36 ? 93  GLU B N   1 
ATOM   752  C  CA  . GLU A 1 92  ? -5.781  5.578   -8.501  1.00 42.68 ? 93  GLU B CA  1 
ATOM   753  C  C   . GLU A 1 92  ? -6.843  4.497   -8.558  1.00 38.02 ? 93  GLU B C   1 
ATOM   754  O  O   . GLU A 1 92  ? -6.842  3.680   -9.466  1.00 34.31 ? 93  GLU B O   1 
ATOM   755  C  CB  . GLU A 1 92  ? -6.044  6.652   -9.558  1.00 47.44 ? 93  GLU B CB  1 
ATOM   756  C  CG  . GLU A 1 92  ? -7.350  7.406   -9.300  1.00 56.88 ? 93  GLU B CG  1 
ATOM   757  C  CD  . GLU A 1 92  ? -7.517  8.668   -10.140 1.00 65.02 ? 93  GLU B CD  1 
ATOM   758  O  OE1 . GLU A 1 92  ? -6.566  9.494   -10.199 1.00 66.89 ? 93  GLU B OE1 1 
ATOM   759  O  OE2 . GLU A 1 92  ? -8.617  8.834   -10.728 1.00 67.62 ? 93  GLU B OE2 1 
ATOM   760  N  N   . PHE A 1 93  ? -7.711  4.469   -7.547  1.00 35.07 ? 94  PHE B N   1 
ATOM   761  C  CA  . PHE A 1 93  ? -8.857  3.576   -7.557  1.00 34.86 ? 94  PHE B CA  1 
ATOM   762  C  C   . PHE A 1 93  ? -10.052 4.262   -8.207  1.00 35.72 ? 94  PHE B C   1 
ATOM   763  O  O   . PHE A 1 93  ? -10.726 3.660   -9.037  1.00 36.18 ? 94  PHE B O   1 
ATOM   764  C  CB  . PHE A 1 93  ? -9.252  3.128   -6.156  1.00 33.29 ? 94  PHE B CB  1 
ATOM   765  C  CG  . PHE A 1 93  ? -10.432 2.197   -6.143  1.00 31.57 ? 94  PHE B CG  1 
ATOM   766  C  CD1 . PHE A 1 93  ? -10.268 0.849   -6.438  1.00 31.41 ? 94  PHE B CD1 1 
ATOM   767  C  CD2 . PHE A 1 93  ? -11.710 2.668   -5.858  1.00 31.44 ? 94  PHE B CD2 1 
ATOM   768  C  CE1 . PHE A 1 93  ? -11.352 -0.028  -6.433  1.00 31.50 ? 94  PHE B CE1 1 
ATOM   769  C  CE2 . PHE A 1 93  ? -12.806 1.795   -5.856  1.00 32.06 ? 94  PHE B CE2 1 
ATOM   770  C  CZ  . PHE A 1 93  ? -12.625 0.445   -6.147  1.00 30.90 ? 94  PHE B CZ  1 
ATOM   771  N  N   . GLY A 1 94  ? -10.313 5.504   -7.806  1.00 35.85 ? 95  GLY B N   1 
ATOM   772  C  CA  . GLY A 1 94  ? -11.468 6.247   -8.276  1.00 37.25 ? 95  GLY B CA  1 
ATOM   773  C  C   . GLY A 1 94  ? -12.579 6.338   -7.242  1.00 38.84 ? 95  GLY B C   1 
ATOM   774  O  O   . GLY A 1 94  ? -12.329 6.538   -6.041  1.00 40.07 ? 95  GLY B O   1 
ATOM   775  N  N   . PHE A 1 95  ? -13.814 6.195   -7.713  1.00 35.98 ? 96  PHE B N   1 
ATOM   776  C  CA  . PHE A 1 95  ? -14.977 6.385   -6.868  1.00 34.33 ? 96  PHE B CA  1 
ATOM   777  C  C   . PHE A 1 95  ? -15.201 5.180   -5.964  1.00 32.26 ? 96  PHE B C   1 
ATOM   778  O  O   . PHE A 1 95  ? -15.110 4.047   -6.417  1.00 31.81 ? 96  PHE B O   1 
ATOM   779  C  CB  . PHE A 1 95  ? -16.226 6.619   -7.727  1.00 34.61 ? 96  PHE B CB  1 
ATOM   780  C  CG  . PHE A 1 95  ? -17.479 6.798   -6.918  1.00 34.11 ? 96  PHE B CG  1 
ATOM   781  C  CD1 . PHE A 1 95  ? -17.719 7.989   -6.252  1.00 33.06 ? 96  PHE B CD1 1 
ATOM   782  C  CD2 . PHE A 1 95  ? -18.408 5.769   -6.808  1.00 34.37 ? 96  PHE B CD2 1 
ATOM   783  C  CE1 . PHE A 1 95  ? -18.864 8.147   -5.494  1.00 33.85 ? 96  PHE B CE1 1 
ATOM   784  C  CE2 . PHE A 1 95  ? -19.557 5.928   -6.059  1.00 33.09 ? 96  PHE B CE2 1 
ATOM   785  C  CZ  . PHE A 1 95  ? -19.783 7.115   -5.396  1.00 32.52 ? 96  PHE B CZ  1 
ATOM   786  N  N   . VAL A 1 96  ? -15.511 5.431   -4.693  1.00 30.31 ? 97  VAL B N   1 
ATOM   787  C  CA  . VAL A 1 96  ? -15.810 4.355   -3.750  1.00 29.62 ? 97  VAL B CA  1 
ATOM   788  C  C   . VAL A 1 96  ? -17.199 4.560   -3.160  1.00 29.95 ? 97  VAL B C   1 
ATOM   789  O  O   . VAL A 1 96  ? -17.496 5.622   -2.604  1.00 29.95 ? 97  VAL B O   1 
ATOM   790  C  CB  . VAL A 1 96  ? -14.810 4.303   -2.561  1.00 29.28 ? 97  VAL B CB  1 
ATOM   791  C  CG1 . VAL A 1 96  ? -15.135 3.120   -1.644  1.00 27.76 ? 97  VAL B CG1 1 
ATOM   792  C  CG2 . VAL A 1 96  ? -13.367 4.233   -3.043  1.00 28.21 ? 97  VAL B CG2 1 
ATOM   793  N  N   . ILE A 1 97  ? -18.019 3.521   -3.270  1.00 29.93 ? 98  ILE B N   1 
ATOM   794  C  CA  . ILE A 1 97  ? -19.411 3.509   -2.815  1.00 30.43 ? 98  ILE B CA  1 
ATOM   795  C  C   . ILE A 1 97  ? -19.432 3.364   -1.283  1.00 30.42 ? 98  ILE B C   1 
ATOM   796  O  O   . ILE A 1 97  ? -18.686 2.555   -0.746  1.00 29.63 ? 98  ILE B O   1 
ATOM   797  C  CB  . ILE A 1 97  ? -20.155 2.313   -3.486  1.00 30.84 ? 98  ILE B CB  1 
ATOM   798  C  CG1 . ILE A 1 97  ? -20.320 2.553   -4.986  1.00 32.60 ? 98  ILE B CG1 1 
ATOM   799  C  CG2 . ILE A 1 97  ? -21.508 2.019   -2.855  1.00 31.23 ? 98  ILE B CG2 1 
ATOM   800  C  CD1 . ILE A 1 97  ? -20.491 1.261   -5.786  1.00 33.82 ? 98  ILE B CD1 1 
ATOM   801  N  N   . PRO A 1 98  ? -20.285 4.137   -0.574  1.00 32.07 ? 99  PRO B N   1 
ATOM   802  C  CA  . PRO A 1 98  ? -20.343 3.946   0.885   1.00 32.20 ? 99  PRO B CA  1 
ATOM   803  C  C   . PRO A 1 98  ? -20.738 2.519   1.257   1.00 33.08 ? 99  PRO B C   1 
ATOM   804  O  O   . PRO A 1 98  ? -21.567 1.920   0.566   1.00 38.20 ? 99  PRO B O   1 
ATOM   805  C  CB  . PRO A 1 98  ? -21.411 4.962   1.354   1.00 32.03 ? 99  PRO B CB  1 
ATOM   806  C  CG  . PRO A 1 98  ? -22.031 5.545   0.129   1.00 31.31 ? 99  PRO B CG  1 
ATOM   807  C  CD  . PRO A 1 98  ? -21.083 5.302   -1.016  1.00 32.60 ? 99  PRO B CD  1 
ATOM   808  N  N   . ASN A 1 99  ? -20.123 1.980   2.312   1.00 32.32 ? 100 ASN B N   1 
ATOM   809  C  CA  . ASN A 1 99  ? -20.355 0.598   2.785   1.00 31.31 ? 100 ASN B CA  1 
ATOM   810  C  C   . ASN A 1 99  ? -20.077 -0.485  1.761   1.00 31.59 ? 100 ASN B C   1 
ATOM   811  O  O   . ASN A 1 99  ? -20.789 -1.493  1.698   1.00 30.63 ? 100 ASN B O   1 
ATOM   812  C  CB  . ASN A 1 99  ? -21.765 0.436   3.320   1.00 30.97 ? 100 ASN B CB  1 
ATOM   813  C  CG  . ASN A 1 99  ? -22.048 1.374   4.463   1.00 33.49 ? 100 ASN B CG  1 
ATOM   814  O  OD1 . ASN A 1 99  ? -22.795 2.339   4.310   1.00 36.35 ? 100 ASN B OD1 1 
ATOM   815  N  ND2 . ASN A 1 99  ? -21.415 1.127   5.609   1.00 33.75 ? 100 ASN B ND2 1 
ATOM   816  N  N   . SER A 1 100 ? -19.024 -0.285  0.979   1.00 31.13 ? 101 SER B N   1 
ATOM   817  C  CA  . SER A 1 100 ? -18.641 -1.235  -0.037  1.00 31.01 ? 101 SER B CA  1 
ATOM   818  C  C   . SER A 1 100 ? -17.330 -1.927  0.323   1.00 33.30 ? 101 SER B C   1 
ATOM   819  O  O   . SER A 1 100 ? -16.544 -1.425  1.129   1.00 33.00 ? 101 SER B O   1 
ATOM   820  C  CB  . SER A 1 100 ? -18.492 -0.520  -1.378  1.00 31.38 ? 101 SER B CB  1 
ATOM   821  O  OG  . SER A 1 100 ? -17.440 0.420   -1.352  1.00 30.02 ? 101 SER B OG  1 
ATOM   822  N  N   . THR A 1 101 ? -17.121 -3.092  -0.289  1.00 34.67 ? 102 THR B N   1 
ATOM   823  C  CA  . THR A 1 101 ? -15.879 -3.832  -0.192  1.00 34.31 ? 102 THR B CA  1 
ATOM   824  C  C   . THR A 1 101 ? -15.359 -4.029  -1.606  1.00 36.20 ? 102 THR B C   1 
ATOM   825  O  O   . THR A 1 101 ? -16.105 -4.442  -2.476  1.00 35.85 ? 102 THR B O   1 
ATOM   826  C  CB  . THR A 1 101 ? -16.103 -5.182  0.497   1.00 34.17 ? 102 THR B CB  1 
ATOM   827  O  OG1 . THR A 1 101 ? -16.525 -4.938  1.845   1.00 33.51 ? 102 THR B OG1 1 
ATOM   828  C  CG2 . THR A 1 101 ? -14.817 -6.032  0.502   1.00 33.09 ? 102 THR B CG2 1 
ATOM   829  N  N   . ASN A 1 102 ? -14.082 -3.728  -1.832  1.00 36.97 ? 103 ASN B N   1 
ATOM   830  C  CA  . ASN A 1 102 ? -13.554 -3.585  -3.184  1.00 37.11 ? 103 ASN B CA  1 
ATOM   831  C  C   . ASN A 1 102 ? -12.192 -4.208  -3.324  1.00 38.22 ? 103 ASN B C   1 
ATOM   832  O  O   . ASN A 1 102 ? -11.354 -4.094  -2.434  1.00 37.56 ? 103 ASN B O   1 
ATOM   833  C  CB  . ASN A 1 102 ? -13.432 -2.110  -3.570  1.00 38.24 ? 103 ASN B CB  1 
ATOM   834  C  CG  . ASN A 1 102 ? -14.670 -1.303  -3.215  1.00 40.70 ? 103 ASN B CG  1 
ATOM   835  O  OD1 . ASN A 1 102 ? -15.519 -1.058  -4.065  1.00 40.23 ? 103 ASN B OD1 1 
ATOM   836  N  ND2 . ASN A 1 102 ? -14.779 -0.887  -1.950  1.00 41.21 ? 103 ASN B ND2 1 
ATOM   837  N  N   . THR A 1 103 ? -11.981 -4.861  -4.461  1.00 39.78 ? 104 THR B N   1 
ATOM   838  C  CA  . THR A 1 103 ? -10.683 -5.359  -4.849  1.00 38.61 ? 104 THR B CA  1 
ATOM   839  C  C   . THR A 1 103 ? -10.074 -4.384  -5.832  1.00 37.24 ? 104 THR B C   1 
ATOM   840  O  O   . THR A 1 103 ? -10.735 -3.968  -6.770  1.00 39.51 ? 104 THR B O   1 
ATOM   841  C  CB  . THR A 1 103 ? -10.800 -6.747  -5.470  1.00 40.08 ? 104 THR B CB  1 
ATOM   842  O  OG1 . THR A 1 103 ? -11.305 -7.644  -4.480  1.00 41.16 ? 104 THR B OG1 1 
ATOM   843  C  CG2 . THR A 1 103 ? -9.447  -7.248  -5.938  1.00 41.93 ? 104 THR B CG2 1 
ATOM   844  N  N   . TRP A 1 104 ? -8.823  -4.005  -5.578  1.00 37.72 ? 105 TRP B N   1 
ATOM   845  C  CA  . TRP A 1 104 ? -8.073  -3.033  -6.367  1.00 35.79 ? 105 TRP B CA  1 
ATOM   846  C  C   . TRP A 1 104 ? -6.811  -3.726  -6.854  1.00 40.18 ? 105 TRP B C   1 
ATOM   847  O  O   . TRP A 1 104 ? -5.997  -4.164  -6.052  1.00 40.46 ? 105 TRP B O   1 
ATOM   848  C  CB  . TRP A 1 104 ? -7.714  -1.847  -5.484  1.00 33.80 ? 105 TRP B CB  1 
ATOM   849  C  CG  . TRP A 1 104 ? -7.012  -0.702  -6.160  1.00 31.57 ? 105 TRP B CG  1 
ATOM   850  C  CD1 . TRP A 1 104 ? -6.705  -0.583  -7.488  1.00 30.44 ? 105 TRP B CD1 1 
ATOM   851  C  CD2 . TRP A 1 104 ? -6.586  0.516   -5.538  1.00 29.02 ? 105 TRP B CD2 1 
ATOM   852  N  NE1 . TRP A 1 104 ? -6.103  0.632   -7.718  1.00 30.42 ? 105 TRP B NE1 1 
ATOM   853  C  CE2 . TRP A 1 104 ? -6.007  1.316   -6.539  1.00 29.07 ? 105 TRP B CE2 1 
ATOM   854  C  CE3 . TRP A 1 104 ? -6.638  1.007   -4.227  1.00 29.99 ? 105 TRP B CE3 1 
ATOM   855  C  CZ2 . TRP A 1 104 ? -5.468  2.580   -6.272  1.00 29.74 ? 105 TRP B CZ2 1 
ATOM   856  C  CZ3 . TRP A 1 104 ? -6.110  2.287   -3.960  1.00 28.08 ? 105 TRP B CZ3 1 
ATOM   857  C  CH2 . TRP A 1 104 ? -5.531  3.047   -4.980  1.00 28.70 ? 105 TRP B CH2 1 
ATOM   858  N  N   . GLN A 1 105 ? -6.677  -3.864  -8.170  1.00 45.72 ? 106 GLN B N   1 
ATOM   859  C  CA  . GLN A 1 105 ? -5.496  -4.464  -8.765  1.00 47.36 ? 106 GLN B CA  1 
ATOM   860  C  C   . GLN A 1 105 ? -4.645  -3.367  -9.366  1.00 45.63 ? 106 GLN B C   1 
ATOM   861  O  O   . GLN A 1 105 ? -5.131  -2.536  -10.134 1.00 47.15 ? 106 GLN B O   1 
ATOM   862  C  CB  . GLN A 1 105 ? -5.872  -5.472  -9.834  1.00 53.79 ? 106 GLN B CB  1 
ATOM   863  C  CG  . GLN A 1 105 ? -4.675  -6.187  -10.447 1.00 61.07 ? 106 GLN B CG  1 
ATOM   864  C  CD  . GLN A 1 105 ? -5.002  -7.626  -10.827 1.00 71.15 ? 106 GLN B CD  1 
ATOM   865  O  OE1 . GLN A 1 105 ? -5.335  -8.446  -9.966  1.00 75.72 ? 106 GLN B OE1 1 
ATOM   866  N  NE2 . GLN A 1 105 ? -4.908  -7.940  -12.120 1.00 73.97 ? 106 GLN B NE2 1 
ATOM   867  N  N   . SER A 1 106 ? -3.378  -3.354  -8.985  1.00 43.15 ? 107 SER B N   1 
ATOM   868  C  CA  . SER A 1 106 ? -2.436  -2.397  -9.505  1.00 42.66 ? 107 SER B CA  1 
ATOM   869  C  C   . SER A 1 106 ? -1.208  -3.171  -9.941  1.00 43.17 ? 107 SER B C   1 
ATOM   870  O  O   . SER A 1 106 ? -0.913  -4.252  -9.422  1.00 43.82 ? 107 SER B O   1 
ATOM   871  C  CB  . SER A 1 106 ? -2.076  -1.338  -8.451  1.00 44.18 ? 107 SER B CB  1 
ATOM   872  O  OG  . SER A 1 106 ? -3.223  -0.774  -7.823  1.00 43.35 ? 107 SER B OG  1 
ATOM   873  N  N   . LEU A 1 107 ? -0.509  -2.621  -10.919 1.00 44.33 ? 108 LEU B N   1 
ATOM   874  C  CA  . LEU A 1 107 ? 0.703   -3.211  -11.418 1.00 46.99 ? 108 LEU B CA  1 
ATOM   875  C  C   . LEU A 1 107 ? 1.859   -2.292  -11.028 1.00 48.61 ? 108 LEU B C   1 
ATOM   876  O  O   . LEU A 1 107 ? 1.770   -1.074  -11.165 1.00 46.54 ? 108 LEU B O   1 
ATOM   877  C  CB  . LEU A 1 107 ? 0.629   -3.360  -12.934 1.00 49.89 ? 108 LEU B CB  1 
ATOM   878  C  CG  . LEU A 1 107 ? 1.717   -4.233  -13.574 1.00 53.73 ? 108 LEU B CG  1 
ATOM   879  C  CD1 . LEU A 1 107 ? 1.318   -5.699  -13.509 1.00 54.78 ? 108 LEU B CD1 1 
ATOM   880  C  CD2 . LEU A 1 107 ? 1.974   -3.809  -15.017 1.00 55.89 ? 108 LEU B CD2 1 
ATOM   881  N  N   . ILE A 1 108 ? 2.936   -2.891  -10.532 1.00 51.26 ? 109 ILE B N   1 
ATOM   882  C  CA  . ILE A 1 108 ? 4.137   -2.166  -10.142 1.00 54.37 ? 109 ILE B CA  1 
ATOM   883  C  C   . ILE A 1 108 ? 5.261   -2.613  -11.086 1.00 55.43 ? 109 ILE B C   1 
ATOM   884  O  O   . ILE A 1 108 ? 5.460   -3.811  -11.296 1.00 49.38 ? 109 ILE B O   1 
ATOM   885  C  CB  . ILE A 1 108 ? 4.476   -2.457  -8.665  1.00 56.57 ? 109 ILE B CB  1 
ATOM   886  C  CG1 . ILE A 1 108 ? 3.188   -2.416  -7.813  1.00 57.74 ? 109 ILE B CG1 1 
ATOM   887  C  CG2 . ILE A 1 108 ? 5.509   -1.466  -8.155  1.00 57.29 ? 109 ILE B CG2 1 
ATOM   888  C  CD1 . ILE A 1 108 ? 3.376   -2.751  -6.348  1.00 57.60 ? 109 ILE B CD1 1 
ATOM   889  N  N   . GLU A 1 109 ? 5.975   -1.654  -11.668 1.00 58.14 ? 110 GLU B N   1 
ATOM   890  C  CA  . GLU A 1 109 ? 6.894   -1.950  -12.762 1.00 62.39 ? 110 GLU B CA  1 
ATOM   891  C  C   . GLU A 1 109 ? 8.323   -1.532  -12.453 1.00 59.36 ? 110 GLU B C   1 
ATOM   892  O  O   . GLU A 1 109 ? 8.550   -0.636  -11.653 1.00 58.52 ? 110 GLU B O   1 
ATOM   893  C  CB  . GLU A 1 109 ? 6.401   -1.271  -14.043 1.00 67.34 ? 110 GLU B CB  1 
ATOM   894  C  CG  . GLU A 1 109 ? 5.074   -1.831  -14.548 1.00 71.63 ? 110 GLU B CG  1 
ATOM   895  C  CD  . GLU A 1 109 ? 4.528   -1.078  -15.754 1.00 75.99 ? 110 GLU B CD  1 
ATOM   896  O  OE1 . GLU A 1 109 ? 3.398   -0.547  -15.665 1.00 77.25 ? 110 GLU B OE1 1 
ATOM   897  O  OE2 . GLU A 1 109 ? 5.227   -1.005  -16.787 1.00 76.43 ? 110 GLU B OE2 1 
ATOM   898  N  N   . MET A 1 116 ? 19.862  -1.735  -9.150  1.00 47.50 ? 117 MET B N   1 
ATOM   899  C  CA  . MET A 1 116 ? 19.170  -2.543  -8.147  1.00 50.77 ? 117 MET B CA  1 
ATOM   900  C  C   . MET A 1 116 ? 20.186  -3.203  -7.194  1.00 47.89 ? 117 MET B C   1 
ATOM   901  O  O   . MET A 1 116 ? 20.989  -4.039  -7.609  1.00 46.75 ? 117 MET B O   1 
ATOM   902  C  CB  . MET A 1 116 ? 18.296  -3.596  -8.835  1.00 54.15 ? 117 MET B CB  1 
ATOM   903  C  CG  . MET A 1 116 ? 17.407  -4.419  -7.903  1.00 60.63 ? 117 MET B CG  1 
ATOM   904  S  SD  . MET A 1 116 ? 16.211  -3.534  -6.861  1.00 71.59 ? 117 MET B SD  1 
ATOM   905  C  CE  . MET A 1 116 ? 15.601  -2.253  -7.965  1.00 73.96 ? 117 MET B CE  1 
ATOM   906  N  N   . MET A 1 117 ? 20.160  -2.798  -5.924  1.00 44.06 ? 118 MET B N   1 
ATOM   907  C  CA  . MET A 1 117 ? 21.030  -3.368  -4.884  1.00 39.17 ? 118 MET B CA  1 
ATOM   908  C  C   . MET A 1 117 ? 20.570  -4.781  -4.497  1.00 36.17 ? 118 MET B C   1 
ATOM   909  O  O   . MET A 1 117 ? 19.409  -5.144  -4.697  1.00 35.25 ? 118 MET B O   1 
ATOM   910  C  CB  . MET A 1 117 ? 21.034  -2.477  -3.634  1.00 40.44 ? 118 MET B CB  1 
ATOM   911  C  CG  . MET A 1 117 ? 21.885  -1.217  -3.752  1.00 40.70 ? 118 MET B CG  1 
ATOM   912  S  SD  . MET A 1 117 ? 21.755  -0.110  -2.318  1.00 43.28 ? 118 MET B SD  1 
ATOM   913  C  CE  . MET A 1 117 ? 20.191  0.716   -2.615  1.00 41.58 ? 118 MET B CE  1 
ATOM   914  N  N   . PRO A 1 118 ? 21.477  -5.594  -3.939  1.00 32.27 ? 119 PRO B N   1 
ATOM   915  C  CA  . PRO A 1 118 ? 21.036  -6.935  -3.586  1.00 29.16 ? 119 PRO B CA  1 
ATOM   916  C  C   . PRO A 1 118 ? 20.180  -6.950  -2.345  1.00 27.36 ? 119 PRO B C   1 
ATOM   917  O  O   . PRO A 1 118 ? 20.252  -6.042  -1.519  1.00 28.05 ? 119 PRO B O   1 
ATOM   918  C  CB  . PRO A 1 118 ? 22.337  -7.695  -3.328  1.00 29.62 ? 119 PRO B CB  1 
ATOM   919  C  CG  . PRO A 1 118 ? 23.452  -6.745  -3.602  1.00 30.79 ? 119 PRO B CG  1 
ATOM   920  C  CD  . PRO A 1 118 ? 22.889  -5.364  -3.596  1.00 31.13 ? 119 PRO B CD  1 
ATOM   921  N  N   . ALA A 1 119 ? 19.389  -8.004  -2.226  1.00 26.76 ? 120 ALA B N   1 
ATOM   922  C  CA  . ALA A 1 119 ? 18.494  -8.224  -1.099  1.00 25.83 ? 120 ALA B CA  1 
ATOM   923  C  C   . ALA A 1 119 ? 19.151  -8.007  0.254   1.00 26.52 ? 120 ALA B C   1 
ATOM   924  O  O   . ALA A 1 119 ? 18.529  -7.443  1.167   1.00 30.16 ? 120 ALA B O   1 
ATOM   925  C  CB  . ALA A 1 119 ? 17.951  -9.635  -1.161  1.00 25.70 ? 120 ALA B CB  1 
ATOM   926  N  N   . SER A 1 120 ? 20.404  -8.452  0.374   1.00 25.30 ? 121 SER B N   1 
ATOM   927  C  CA  . SER A 1 120 ? 21.107  -8.520  1.650   1.00 23.11 ? 121 SER B CA  1 
ATOM   928  C  C   . SER A 1 120 ? 21.411  -7.132  2.177   1.00 22.60 ? 121 SER B C   1 
ATOM   929  O  O   . SER A 1 120 ? 21.406  -6.900  3.370   1.00 22.47 ? 121 SER B O   1 
ATOM   930  C  CB  . SER A 1 120 ? 22.382  -9.340  1.482   1.00 22.65 ? 121 SER B CB  1 
ATOM   931  O  OG  . SER A 1 120 ? 23.275  -8.698  0.589   1.00 25.00 ? 121 SER B OG  1 
ATOM   932  N  N   . VAL A 1 121 ? 21.652  -6.204  1.268   1.00 22.71 ? 122 VAL B N   1 
ATOM   933  C  CA  . VAL A 1 121 ? 21.843  -4.802  1.616   1.00 22.47 ? 122 VAL B CA  1 
ATOM   934  C  C   . VAL A 1 121 ? 20.500  -4.135  1.944   1.00 23.85 ? 122 VAL B C   1 
ATOM   935  O  O   . VAL A 1 121 ? 20.376  -3.369  2.920   1.00 23.10 ? 122 VAL B O   1 
ATOM   936  C  CB  . VAL A 1 121 ? 22.475  -4.056  0.448   1.00 21.72 ? 122 VAL B CB  1 
ATOM   937  C  CG1 . VAL A 1 121 ? 22.566  -2.579  0.746   1.00 22.57 ? 122 VAL B CG1 1 
ATOM   938  C  CG2 . VAL A 1 121 ? 23.845  -4.619  0.138   1.00 22.10 ? 122 VAL B CG2 1 
ATOM   939  N  N   . LEU A 1 122 ? 19.498  -4.424  1.120   1.00 24.14 ? 123 LEU B N   1 
ATOM   940  C  CA  . LEU A 1 122 ? 18.199  -3.786  1.267   1.00 25.43 ? 123 LEU B CA  1 
ATOM   941  C  C   . LEU A 1 122 ? 17.480  -4.216  2.544   1.00 24.98 ? 123 LEU B C   1 
ATOM   942  O  O   . LEU A 1 122 ? 16.790  -3.420  3.187   1.00 25.80 ? 123 LEU B O   1 
ATOM   943  C  CB  . LEU A 1 122 ? 17.312  -4.112  0.058   1.00 25.39 ? 123 LEU B CB  1 
ATOM   944  C  CG  . LEU A 1 122 ? 17.739  -3.459  -1.250  1.00 25.86 ? 123 LEU B CG  1 
ATOM   945  C  CD1 . LEU A 1 122 ? 16.950  -4.022  -2.428  1.00 25.40 ? 123 LEU B CD1 1 
ATOM   946  C  CD2 . LEU A 1 122 ? 17.596  -1.947  -1.147  1.00 25.66 ? 123 LEU B CD2 1 
ATOM   947  N  N   . THR A 1 123 ? 17.614  -5.479  2.897   1.00 23.69 ? 124 THR B N   1 
ATOM   948  C  CA  . THR A 1 123 ? 16.720  -6.039  3.898   1.00 23.99 ? 124 THR B CA  1 
ATOM   949  C  C   . THR A 1 123 ? 16.838  -5.316  5.232   1.00 23.45 ? 124 THR B C   1 
ATOM   950  O  O   . THR A 1 123 ? 17.944  -5.106  5.757   1.00 24.24 ? 124 THR B O   1 
ATOM   951  C  CB  . THR A 1 123 ? 16.920  -7.572  4.059   1.00 23.82 ? 124 THR B CB  1 
ATOM   952  O  OG1 . THR A 1 123 ? 15.835  -8.107  4.837   1.00 24.37 ? 124 THR B OG1 1 
ATOM   953  C  CG2 . THR A 1 123 ? 18.288  -7.909  4.708   1.00 23.16 ? 124 THR B CG2 1 
ATOM   954  N  N   . GLY A 1 124 ? 15.689  -4.911  5.760   1.00 23.57 ? 125 GLY B N   1 
ATOM   955  C  CA  . GLY A 1 124 ? 15.610  -4.157  7.022   1.00 23.42 ? 125 GLY B CA  1 
ATOM   956  C  C   . GLY A 1 124 ? 15.803  -2.657  6.839   1.00 23.92 ? 125 GLY B C   1 
ATOM   957  O  O   . GLY A 1 124 ? 15.494  -1.861  7.738   1.00 23.02 ? 125 GLY B O   1 
ATOM   958  N  N   . ASN A 1 125 ? 16.301  -2.268  5.670   1.00 23.91 ? 126 ASN B N   1 
ATOM   959  C  CA  . ASN A 1 125 ? 16.635  -0.877  5.382   1.00 24.89 ? 126 ASN B CA  1 
ATOM   960  C  C   . ASN A 1 125 ? 15.684  -0.198  4.411   1.00 25.71 ? 126 ASN B C   1 
ATOM   961  O  O   . ASN A 1 125 ? 15.922  0.943   4.021   1.00 25.72 ? 126 ASN B O   1 
ATOM   962  C  CB  . ASN A 1 125 ? 18.047  -0.816  4.816   1.00 24.81 ? 126 ASN B CB  1 
ATOM   963  C  CG  . ASN A 1 125 ? 19.077  -1.138  5.851   1.00 25.64 ? 126 ASN B CG  1 
ATOM   964  O  OD1 . ASN A 1 125 ? 18.987  -0.668  6.986   1.00 26.63 ? 126 ASN B OD1 1 
ATOM   965  N  ND2 . ASN A 1 125 ? 20.058  -1.958  5.485   1.00 26.59 ? 126 ASN B ND2 1 
ATOM   966  N  N   . VAL A 1 126 ? 14.627  -0.909  4.016   1.00 26.29 ? 127 VAL B N   1 
ATOM   967  C  CA  . VAL A 1 126 ? 13.632  -0.394  3.103   1.00 26.95 ? 127 VAL B CA  1 
ATOM   968  C  C   . VAL A 1 126 ? 12.357  -0.084  3.883   1.00 26.74 ? 127 VAL B C   1 
ATOM   969  O  O   . VAL A 1 126 ? 11.816  -0.934  4.550   1.00 25.00 ? 127 VAL B O   1 
ATOM   970  C  CB  . VAL A 1 126 ? 13.327  -1.407  1.977   1.00 28.78 ? 127 VAL B CB  1 
ATOM   971  C  CG1 . VAL A 1 126 ? 12.203  -0.897  1.089   1.00 29.79 ? 127 VAL B CG1 1 
ATOM   972  C  CG2 . VAL A 1 126 ? 14.561  -1.650  1.123   1.00 29.30 ? 127 VAL B CG2 1 
ATOM   973  N  N   . ILE A 1 127 ? 11.893  1.156   3.797   1.00 28.98 ? 128 ILE B N   1 
ATOM   974  C  CA  . ILE A 1 127 ? 10.595  1.543   4.350   1.00 29.12 ? 128 ILE B CA  1 
ATOM   975  C  C   . ILE A 1 127 ? 9.703   1.913   3.182   1.00 28.58 ? 128 ILE B C   1 
ATOM   976  O  O   . ILE A 1 127 ? 10.123  2.670   2.300   1.00 27.94 ? 128 ILE B O   1 
ATOM   977  C  CB  . ILE A 1 127 ? 10.704  2.781   5.246   1.00 28.86 ? 128 ILE B CB  1 
ATOM   978  C  CG1 . ILE A 1 127 ? 11.560  2.486   6.469   1.00 29.73 ? 128 ILE B CG1 1 
ATOM   979  C  CG2 . ILE A 1 127 ? 9.325   3.261   5.657   1.00 28.98 ? 128 ILE B CG2 1 
ATOM   980  C  CD1 . ILE A 1 127 ? 10.864  1.651   7.511   1.00 31.81 ? 128 ILE B CD1 1 
ATOM   981  N  N   . ILE A 1 128 ? 8.485   1.375   3.169   1.00 27.55 ? 129 ILE B N   1 
ATOM   982  C  CA  . ILE A 1 128 ? 7.469   1.843   2.246   1.00 27.36 ? 129 ILE B CA  1 
ATOM   983  C  C   . ILE A 1 128 ? 6.559   2.774   3.028   1.00 28.22 ? 129 ILE B C   1 
ATOM   984  O  O   . ILE A 1 128 ? 5.945   2.350   4.016   1.00 28.31 ? 129 ILE B O   1 
ATOM   985  C  CB  . ILE A 1 128 ? 6.622   0.704   1.656   1.00 27.12 ? 129 ILE B CB  1 
ATOM   986  C  CG1 . ILE A 1 128 ? 7.494   -0.418  1.107   1.00 26.49 ? 129 ILE B CG1 1 
ATOM   987  C  CG2 . ILE A 1 128 ? 5.689   1.250   0.573   1.00 28.12 ? 129 ILE B CG2 1 
ATOM   988  C  CD1 . ILE A 1 128 ? 8.343   -0.041  -0.080  1.00 27.28 ? 129 ILE B CD1 1 
ATOM   989  N  N   . GLU A 1 129 ? 6.492   4.029   2.587   1.00 29.59 ? 130 GLU B N   1 
ATOM   990  C  CA  . GLU A 1 129 ? 5.590   5.025   3.155   1.00 33.44 ? 130 GLU B CA  1 
ATOM   991  C  C   . GLU A 1 129 ? 4.384   5.223   2.220   1.00 33.88 ? 130 GLU B C   1 
ATOM   992  O  O   . GLU A 1 129 ? 4.536   5.711   1.097   1.00 35.67 ? 130 GLU B O   1 
ATOM   993  C  CB  . GLU A 1 129 ? 6.317   6.353   3.375   1.00 35.90 ? 130 GLU B CB  1 
ATOM   994  C  CG  . GLU A 1 129 ? 5.503   7.385   4.151   1.00 40.17 ? 130 GLU B CG  1 
ATOM   995  C  CD  . GLU A 1 129 ? 5.848   8.830   3.786   1.00 45.47 ? 130 GLU B CD  1 
ATOM   996  O  OE1 . GLU A 1 129 ? 5.664   9.245   2.604   1.00 48.81 ? 130 GLU B OE1 1 
ATOM   997  O  OE2 . GLU A 1 129 ? 6.296   9.564   4.689   1.00 45.37 ? 130 GLU B OE2 1 
ATOM   998  N  N   . THR A 1 130 ? 3.197   4.850   2.699   1.00 32.14 ? 131 THR B N   1 
ATOM   999  C  CA  . THR A 1 130 ? 1.972   4.884   1.911   1.00 29.75 ? 131 THR B CA  1 
ATOM   1000 C  C   . THR A 1 130 ? 1.065   5.983   2.427   1.00 30.26 ? 131 THR B C   1 
ATOM   1001 O  O   . THR A 1 130 ? 0.796   6.063   3.626   1.00 31.69 ? 131 THR B O   1 
ATOM   1002 C  CB  . THR A 1 130 ? 1.218   3.555   2.034   1.00 30.01 ? 131 THR B CB  1 
ATOM   1003 O  OG1 . THR A 1 130 ? 2.003   2.510   1.467   1.00 28.90 ? 131 THR B OG1 1 
ATOM   1004 C  CG2 . THR A 1 130 ? -0.112  3.593   1.301   1.00 32.09 ? 131 THR B CG2 1 
ATOM   1005 N  N   . LYS A 1 131 ? 0.583   6.822   1.517   1.00 30.52 ? 132 LYS B N   1 
ATOM   1006 C  CA  . LYS A 1 131 ? -0.377  7.872   1.839   1.00 30.89 ? 132 LYS B CA  1 
ATOM   1007 C  C   . LYS A 1 131 ? -1.710  7.593   1.123   1.00 31.36 ? 132 LYS B C   1 
ATOM   1008 O  O   . LYS A 1 131 ? -1.747  7.461   -0.107  1.00 27.14 ? 132 LYS B O   1 
ATOM   1009 C  CB  . LYS A 1 131 ? 0.138   9.214   1.362   1.00 31.96 ? 132 LYS B CB  1 
ATOM   1010 C  CG  . LYS A 1 131 ? 1.222   9.888   2.178   1.00 32.26 ? 132 LYS B CG  1 
ATOM   1011 C  CD  . LYS A 1 131 ? 1.365   11.308  1.635   1.00 34.92 ? 132 LYS B CD  1 
ATOM   1012 C  CE  . LYS A 1 131 ? 2.716   11.941  1.918   1.00 37.65 ? 132 LYS B CE  1 
ATOM   1013 N  NZ  . LYS A 1 131 ? 3.041   11.848  3.359   1.00 39.38 ? 132 LYS B NZ  1 
ATOM   1014 N  N   . PHE A 1 132 ? -2.792  7.514   1.901   1.00 32.44 ? 133 PHE B N   1 
ATOM   1015 C  CA  . PHE A 1 132 ? -4.137  7.315   1.363   1.00 33.36 ? 133 PHE B CA  1 
ATOM   1016 C  C   . PHE A 1 132 ? -4.791  8.672   1.212   1.00 32.22 ? 133 PHE B C   1 
ATOM   1017 O  O   . PHE A 1 132 ? -4.844  9.436   2.183   1.00 31.70 ? 133 PHE B O   1 
ATOM   1018 C  CB  . PHE A 1 132 ? -4.982  6.449   2.301   1.00 35.59 ? 133 PHE B CB  1 
ATOM   1019 C  CG  . PHE A 1 132 ? -4.475  5.037   2.438   1.00 40.97 ? 133 PHE B CG  1 
ATOM   1020 C  CD1 . PHE A 1 132 ? -3.397  4.747   3.275   1.00 44.30 ? 133 PHE B CD1 1 
ATOM   1021 C  CD2 . PHE A 1 132 ? -5.061  3.995   1.726   1.00 43.31 ? 133 PHE B CD2 1 
ATOM   1022 C  CE1 . PHE A 1 132 ? -2.926  3.452   3.396   1.00 44.55 ? 133 PHE B CE1 1 
ATOM   1023 C  CE2 . PHE A 1 132 ? -4.586  2.698   1.841   1.00 43.90 ? 133 PHE B CE2 1 
ATOM   1024 C  CZ  . PHE A 1 132 ? -3.517  2.431   2.674   1.00 44.75 ? 133 PHE B CZ  1 
ATOM   1025 N  N   . PHE A 1 133 ? -5.281  8.968   0.004   1.00 30.59 ? 134 PHE B N   1 
ATOM   1026 C  CA  . PHE A 1 133 ? -6.024  10.207  -0.256  1.00 30.57 ? 134 PHE B CA  1 
ATOM   1027 C  C   . PHE A 1 133 ? -7.415  9.924   -0.796  1.00 31.17 ? 134 PHE B C   1 
ATOM   1028 O  O   . PHE A 1 133 ? -7.616  8.932   -1.502  1.00 30.16 ? 134 PHE B O   1 
ATOM   1029 C  CB  . PHE A 1 133 ? -5.340  11.079  -1.314  1.00 29.17 ? 134 PHE B CB  1 
ATOM   1030 C  CG  . PHE A 1 133 ? -4.006  11.643  -0.912  1.00 27.87 ? 134 PHE B CG  1 
ATOM   1031 C  CD1 . PHE A 1 133 ? -2.835  10.920  -1.138  1.00 27.24 ? 134 PHE B CD1 1 
ATOM   1032 C  CD2 . PHE A 1 133 ? -3.908  12.933  -0.403  1.00 27.24 ? 134 PHE B CD2 1 
ATOM   1033 C  CE1 . PHE A 1 133 ? -1.601  11.454  -0.805  1.00 27.27 ? 134 PHE B CE1 1 
ATOM   1034 C  CE2 . PHE A 1 133 ? -2.674  13.475  -0.067  1.00 27.02 ? 134 PHE B CE2 1 
ATOM   1035 C  CZ  . PHE A 1 133 ? -1.518  12.733  -0.259  1.00 26.97 ? 134 PHE B CZ  1 
ATOM   1036 N  N   . ASP A 1 134 ? -8.358  10.809  -0.464  1.00 33.38 ? 135 ASP B N   1 
ATOM   1037 C  CA  . ASP A 1 134 ? -9.519  11.074  -1.318  1.00 36.07 ? 135 ASP B CA  1 
ATOM   1038 C  C   . ASP A 1 134 ? -9.190  12.388  -2.028  1.00 38.28 ? 135 ASP B C   1 
ATOM   1039 O  O   . ASP A 1 134 ? -9.190  13.444  -1.398  1.00 39.96 ? 135 ASP B O   1 
ATOM   1040 C  CB  . ASP A 1 134 ? -10.815 11.227  -0.507  1.00 36.70 ? 135 ASP B CB  1 
ATOM   1041 C  CG  . ASP A 1 134 ? -12.053 11.469  -1.402  1.00 37.07 ? 135 ASP B CG  1 
ATOM   1042 O  OD1 . ASP A 1 134 ? -11.891 11.514  -2.641  1.00 37.81 ? 135 ASP B OD1 1 
ATOM   1043 O  OD2 . ASP A 1 134 ? -13.186 11.613  -0.875  1.00 34.95 ? 135 ASP B OD2 1 
ATOM   1044 N  N   . ASP A 1 135 ? -8.876  12.315  -3.316  1.00 39.91 ? 136 ASP B N   1 
ATOM   1045 C  CA  . ASP A 1 135 ? -8.440  13.485  -4.089  1.00 45.95 ? 136 ASP B CA  1 
ATOM   1046 C  C   . ASP A 1 135 ? -7.208  14.168  -3.466  1.00 42.91 ? 136 ASP B C   1 
ATOM   1047 O  O   . ASP A 1 135 ? -6.138  13.588  -3.473  1.00 43.76 ? 136 ASP B O   1 
ATOM   1048 C  CB  . ASP A 1 135 ? -9.610  14.462  -4.322  1.00 51.96 ? 136 ASP B CB  1 
ATOM   1049 C  CG  . ASP A 1 135 ? -9.354  15.418  -5.488  1.00 59.03 ? 136 ASP B CG  1 
ATOM   1050 O  OD1 . ASP A 1 135 ? -9.024  14.929  -6.595  1.00 61.53 ? 136 ASP B OD1 1 
ATOM   1051 O  OD2 . ASP A 1 135 ? -9.486  16.652  -5.303  1.00 64.22 ? 136 ASP B OD2 1 
ATOM   1052 N  N   . ASP A 1 136 ? -7.341  15.378  -2.935  1.00 44.21 ? 137 ASP B N   1 
ATOM   1053 C  CA  . ASP A 1 136 ? -6.217  16.056  -2.285  1.00 45.28 ? 137 ASP B CA  1 
ATOM   1054 C  C   . ASP A 1 136 ? -6.293  15.940  -0.768  1.00 40.56 ? 137 ASP B C   1 
ATOM   1055 O  O   . ASP A 1 136 ? -5.417  16.412  -0.065  1.00 38.46 ? 137 ASP B O   1 
ATOM   1056 C  CB  . ASP A 1 136 ? -6.142  17.530  -2.722  1.00 50.52 ? 137 ASP B CB  1 
ATOM   1057 C  CG  . ASP A 1 136 ? -5.430  17.703  -4.077  1.00 59.48 ? 137 ASP B CG  1 
ATOM   1058 O  OD1 . ASP A 1 136 ? -4.225  17.347  -4.175  1.00 62.63 ? 137 ASP B OD1 1 
ATOM   1059 O  OD2 . ASP A 1 136 ? -6.076  18.179  -5.048  1.00 63.50 ? 137 ASP B OD2 1 
ATOM   1060 N  N   . LEU A 1 137 ? -7.322  15.269  -0.270  1.00 38.38 ? 138 LEU B N   1 
ATOM   1061 C  CA  . LEU A 1 137 ? -7.513  15.105  1.163   1.00 36.19 ? 138 LEU B CA  1 
ATOM   1062 C  C   . LEU A 1 137 ? -6.735  13.905  1.695   1.00 34.38 ? 138 LEU B C   1 
ATOM   1063 O  O   . LEU A 1 137 ? -6.948  12.783  1.259   1.00 30.17 ? 138 LEU B O   1 
ATOM   1064 C  CB  . LEU A 1 137 ? -8.995  14.915  1.454   1.00 36.67 ? 138 LEU B CB  1 
ATOM   1065 C  CG  . LEU A 1 137 ? -9.396  14.975  2.923   1.00 37.33 ? 138 LEU B CG  1 
ATOM   1066 C  CD1 . LEU A 1 137 ? -9.072  16.352  3.499   1.00 36.94 ? 138 LEU B CD1 1 
ATOM   1067 C  CD2 . LEU A 1 137 ? -10.875 14.650  3.042   1.00 36.70 ? 138 LEU B CD2 1 
ATOM   1068 N  N   . LEU A 1 138 ? -5.829  14.156  2.633   1.00 35.58 ? 139 LEU B N   1 
ATOM   1069 C  CA  . LEU A 1 138 ? -4.946  13.110  3.172   1.00 34.63 ? 139 LEU B CA  1 
ATOM   1070 C  C   . LEU A 1 138 ? -5.658  12.352  4.294   1.00 33.08 ? 139 LEU B C   1 
ATOM   1071 O  O   . LEU A 1 138 ? -5.941  12.894  5.354   1.00 32.40 ? 139 LEU B O   1 
ATOM   1072 C  CB  . LEU A 1 138 ? -3.626  13.716  3.679   1.00 32.53 ? 139 LEU B CB  1 
ATOM   1073 C  CG  . LEU A 1 138 ? -2.681  12.786  4.452   1.00 34.05 ? 139 LEU B CG  1 
ATOM   1074 C  CD1 . LEU A 1 138 ? -2.277  11.577  3.632   1.00 33.55 ? 139 LEU B CD1 1 
ATOM   1075 C  CD2 . LEU A 1 138 ? -1.441  13.550  4.896   1.00 35.11 ? 139 LEU B CD2 1 
ATOM   1076 N  N   . VAL A 1 139 ? -5.938  11.086  4.057   1.00 33.47 ? 140 VAL B N   1 
ATOM   1077 C  CA  . VAL A 1 139 ? -6.691  10.291  5.010   1.00 33.68 ? 140 VAL B CA  1 
ATOM   1078 C  C   . VAL A 1 139 ? -5.782  9.660   6.048   1.00 35.20 ? 140 VAL B C   1 
ATOM   1079 O  O   . VAL A 1 139 ? -6.108  9.621   7.227   1.00 37.55 ? 140 VAL B O   1 
ATOM   1080 C  CB  . VAL A 1 139 ? -7.466  9.193   4.275   1.00 32.90 ? 140 VAL B CB  1 
ATOM   1081 C  CG1 . VAL A 1 139 ? -8.139  8.249   5.265   1.00 33.46 ? 140 VAL B CG1 1 
ATOM   1082 C  CG2 . VAL A 1 139 ? -8.479  9.831   3.325   1.00 31.56 ? 140 VAL B CG2 1 
ATOM   1083 N  N   . SER A 1 140 ? -4.634  9.166   5.605   1.00 35.92 ? 141 SER B N   1 
ATOM   1084 C  CA  . SER A 1 140 ? -3.835  8.301   6.425   1.00 35.76 ? 141 SER B CA  1 
ATOM   1085 C  C   . SER A 1 140 ? -2.442  8.242   5.862   1.00 36.17 ? 141 SER B C   1 
ATOM   1086 O  O   . SER A 1 140 ? -2.264  8.383   4.652   1.00 36.61 ? 141 SER B O   1 
ATOM   1087 C  CB  . SER A 1 140 ? -4.451  6.898   6.426   1.00 37.94 ? 141 SER B CB  1 
ATOM   1088 O  OG  . SER A 1 140 ? -3.551  5.927   6.948   1.00 43.24 ? 141 SER B OG  1 
ATOM   1089 N  N   . THR A 1 141 ? -1.470  8.023   6.753   1.00 36.34 ? 142 THR B N   1 
ATOM   1090 C  CA  . THR A 1 141 ? -0.063  7.799   6.402   1.00 35.06 ? 142 THR B CA  1 
ATOM   1091 C  C   . THR A 1 141 ? 0.475   6.602   7.179   1.00 33.25 ? 142 THR B C   1 
ATOM   1092 O  O   . THR A 1 141 ? 0.393   6.580   8.414   1.00 29.99 ? 142 THR B O   1 
ATOM   1093 C  CB  . THR A 1 141 ? 0.801   9.016   6.763   1.00 35.86 ? 142 THR B CB  1 
ATOM   1094 O  OG1 . THR A 1 141 ? 0.268   10.176  6.125   1.00 38.98 ? 142 THR B OG1 1 
ATOM   1095 C  CG2 . THR A 1 141 ? 2.226   8.821   6.313   1.00 36.45 ? 142 THR B CG2 1 
ATOM   1096 N  N   . SER A 1 142 ? 1.037   5.626   6.462   1.00 31.14 ? 143 SER B N   1 
ATOM   1097 C  CA  . SER A 1 142 ? 1.480   4.391   7.080   1.00 31.25 ? 143 SER B CA  1 
ATOM   1098 C  C   . SER A 1 142 ? 2.872   3.968   6.588   1.00 33.29 ? 143 SER B C   1 
ATOM   1099 O  O   . SER A 1 142 ? 3.277   4.325   5.468   1.00 32.30 ? 143 SER B O   1 
ATOM   1100 C  CB  . SER A 1 142 ? 0.437   3.296   6.842   1.00 31.79 ? 143 SER B CB  1 
ATOM   1101 O  OG  . SER A 1 142 ? 0.640   2.590   5.630   1.00 31.48 ? 143 SER B OG  1 
ATOM   1102 N  N   . ARG A 1 143 ? 3.592   3.217   7.436   1.00 33.67 ? 144 ARG B N   1 
ATOM   1103 C  CA  . ARG A 1 143 ? 4.960   2.757   7.152   1.00 35.37 ? 144 ARG B CA  1 
ATOM   1104 C  C   . ARG A 1 143 ? 5.106   1.237   7.246   1.00 33.07 ? 144 ARG B C   1 
ATOM   1105 O  O   . ARG A 1 143 ? 4.595   0.620   8.169   1.00 32.79 ? 144 ARG B O   1 
ATOM   1106 C  CB  . ARG A 1 143 ? 5.934   3.425   8.114   1.00 39.79 ? 144 ARG B CB  1 
ATOM   1107 C  CG  . ARG A 1 143 ? 6.169   4.897   7.784   1.00 46.04 ? 144 ARG B CG  1 
ATOM   1108 C  CD  . ARG A 1 143 ? 6.650   5.714   8.976   1.00 50.91 ? 144 ARG B CD  1 
ATOM   1109 N  NE  . ARG A 1 143 ? 8.110   5.744   9.088   1.00 58.73 ? 144 ARG B NE  1 
ATOM   1110 C  CZ  . ARG A 1 143 ? 8.873   4.847   9.731   1.00 65.20 ? 144 ARG B CZ  1 
ATOM   1111 N  NH1 . ARG A 1 143 ? 8.346   3.785   10.350  1.00 67.55 ? 144 ARG B NH1 1 
ATOM   1112 N  NH2 . ARG A 1 143 ? 10.196  5.014   9.753   1.00 64.93 ? 144 ARG B NH2 1 
ATOM   1113 N  N   . VAL A 1 144 ? 5.802   0.630   6.292   1.00 30.67 ? 145 VAL B N   1 
ATOM   1114 C  CA  . VAL A 1 144 ? 6.120   -0.811  6.371   1.00 30.43 ? 145 VAL B CA  1 
ATOM   1115 C  C   . VAL A 1 144 ? 7.609   -1.045  6.121   1.00 29.37 ? 145 VAL B C   1 
ATOM   1116 O  O   . VAL A 1 144 ? 8.139   -0.674  5.072   1.00 29.93 ? 145 VAL B O   1 
ATOM   1117 C  CB  . VAL A 1 144 ? 5.317   -1.662  5.349   1.00 29.84 ? 145 VAL B CB  1 
ATOM   1118 C  CG1 . VAL A 1 144 ? 5.592   -3.141  5.560   1.00 30.66 ? 145 VAL B CG1 1 
ATOM   1119 C  CG2 . VAL A 1 144 ? 3.822   -1.425  5.498   1.00 29.79 ? 145 VAL B CG2 1 
ATOM   1120 N  N   . ARG A 1 145 ? 8.281   -1.677  7.076   1.00 29.39 ? 146 ARG B N   1 
ATOM   1121 C  CA  . ARG A 1 145 ? 9.675   -2.060  6.892   1.00 28.12 ? 146 ARG B CA  1 
ATOM   1122 C  C   . ARG A 1 145 ? 9.703   -3.407  6.211   1.00 27.15 ? 146 ARG B C   1 
ATOM   1123 O  O   . ARG A 1 145 ? 8.998   -4.334  6.637   1.00 26.95 ? 146 ARG B O   1 
ATOM   1124 C  CB  . ARG A 1 145 ? 10.409  -2.123  8.224   1.00 29.74 ? 146 ARG B CB  1 
ATOM   1125 C  CG  . ARG A 1 145 ? 11.914  -2.314  8.058   1.00 31.67 ? 146 ARG B CG  1 
ATOM   1126 C  CD  . ARG A 1 145 ? 12.663  -2.322  9.373   1.00 32.04 ? 146 ARG B CD  1 
ATOM   1127 N  NE  . ARG A 1 145 ? 12.518  -1.043  10.055  1.00 36.15 ? 146 ARG B NE  1 
ATOM   1128 C  CZ  . ARG A 1 145 ? 13.199  0.076   9.774   1.00 39.61 ? 146 ARG B CZ  1 
ATOM   1129 N  NH1 . ARG A 1 145 ? 14.107  0.123   8.786   1.00 39.27 ? 146 ARG B NH1 1 
ATOM   1130 N  NH2 . ARG A 1 145 ? 12.957  1.174   10.488  1.00 40.31 ? 146 ARG B NH2 1 
ATOM   1131 N  N   . LEU A 1 146 ? 10.485  -3.516  5.140   1.00 26.74 ? 147 LEU B N   1 
ATOM   1132 C  CA  . LEU A 1 146 ? 10.596  -4.786  4.414   1.00 27.90 ? 147 LEU B CA  1 
ATOM   1133 C  C   . LEU A 1 146 ? 11.869  -5.538  4.742   1.00 28.06 ? 147 LEU B C   1 
ATOM   1134 O  O   . LEU A 1 146 ? 12.948  -4.960  4.803   1.00 26.33 ? 147 LEU B O   1 
ATOM   1135 C  CB  . LEU A 1 146 ? 10.527  -4.584  2.902   1.00 27.96 ? 147 LEU B CB  1 
ATOM   1136 C  CG  . LEU A 1 146 ? 9.273   -3.865  2.418   1.00 29.62 ? 147 LEU B CG  1 
ATOM   1137 C  CD1 . LEU A 1 146 ? 9.173   -3.959  0.903   1.00 29.60 ? 147 LEU B CD1 1 
ATOM   1138 C  CD2 . LEU A 1 146 ? 8.026   -4.421  3.098   1.00 29.72 ? 147 LEU B CD2 1 
ATOM   1139 N  N   . PHE A 1 147 ? 11.703  -6.840  4.954   1.00 28.50 ? 148 PHE B N   1 
ATOM   1140 C  CA  . PHE A 1 147 ? 12.793  -7.786  5.050   1.00 28.89 ? 148 PHE B CA  1 
ATOM   1141 C  C   . PHE A 1 147 ? 12.665  -8.679  3.849   1.00 28.25 ? 148 PHE B C   1 
ATOM   1142 O  O   . PHE A 1 147 ? 11.559  -9.027  3.460   1.00 27.16 ? 148 PHE B O   1 
ATOM   1143 C  CB  . PHE A 1 147 ? 12.677  -8.566  6.357   1.00 29.13 ? 148 PHE B CB  1 
ATOM   1144 C  CG  . PHE A 1 147 ? 12.597  -7.663  7.551   1.00 30.58 ? 148 PHE B CG  1 
ATOM   1145 C  CD1 . PHE A 1 147 ? 13.747  -7.048  8.046   1.00 29.15 ? 148 PHE B CD1 1 
ATOM   1146 C  CD2 . PHE A 1 147 ? 11.372  -7.352  8.132   1.00 33.22 ? 148 PHE B CD2 1 
ATOM   1147 C  CE1 . PHE A 1 147 ? 13.687  -6.189  9.124   1.00 28.62 ? 148 PHE B CE1 1 
ATOM   1148 C  CE2 . PHE A 1 147 ? 11.307  -6.469  9.216   1.00 33.87 ? 148 PHE B CE2 1 
ATOM   1149 C  CZ  . PHE A 1 147 ? 12.472  -5.888  9.706   1.00 30.87 ? 148 PHE B CZ  1 
ATOM   1150 N  N   . TYR A 1 148 ? 13.794  -9.007  3.244   1.00 28.83 ? 149 TYR B N   1 
ATOM   1151 C  CA  . TYR A 1 148 ? 13.816  -9.861  2.076   1.00 31.06 ? 149 TYR B CA  1 
ATOM   1152 C  C   . TYR A 1 148 ? 14.440  -11.194 2.463   1.00 32.65 ? 149 TYR B C   1 
ATOM   1153 O  O   . TYR A 1 148 ? 15.581  -11.226 2.917   1.00 33.57 ? 149 TYR B O   1 
ATOM   1154 C  CB  . TYR A 1 148 ? 14.612  -9.194  0.962   1.00 31.93 ? 149 TYR B CB  1 
ATOM   1155 C  CG  . TYR A 1 148 ? 14.048  -7.863  0.529   1.00 31.01 ? 149 TYR B CG  1 
ATOM   1156 C  CD1 . TYR A 1 148 ? 13.012  -7.795  -0.409  1.00 31.22 ? 149 TYR B CD1 1 
ATOM   1157 C  CD2 . TYR A 1 148 ? 14.551  -6.666  1.052   1.00 30.97 ? 149 TYR B CD2 1 
ATOM   1158 C  CE1 . TYR A 1 148 ? 12.485  -6.570  -0.810  1.00 31.08 ? 149 TYR B CE1 1 
ATOM   1159 C  CE2 . TYR A 1 148 ? 14.034  -5.437  0.658   1.00 30.08 ? 149 TYR B CE2 1 
ATOM   1160 C  CZ  . TYR A 1 148 ? 13.008  -5.393  -0.275  1.00 29.82 ? 149 TYR B CZ  1 
ATOM   1161 O  OH  . TYR A 1 148 ? 12.498  -4.184  -0.675  1.00 30.21 ? 149 TYR B OH  1 
ATOM   1162 N  N   . VAL A 1 149 ? 13.692  -12.281 2.281   1.00 35.22 ? 150 VAL B N   1 
ATOM   1163 C  CA  . VAL A 1 149 ? 14.043  -13.586 2.849   1.00 39.33 ? 150 VAL B CA  1 
ATOM   1164 C  C   . VAL A 1 149 ? 14.136  -14.730 1.829   1.00 42.77 ? 150 VAL B C   1 
ATOM   1165 O  O   . VAL A 1 149 ? 13.740  -14.590 0.660   1.00 48.57 ? 150 VAL B O   1 
ATOM   1166 C  CB  . VAL A 1 149 ? 13.038  -13.975 3.953   1.00 40.65 ? 150 VAL B CB  1 
ATOM   1167 C  CG1 . VAL A 1 149 ? 12.915  -12.839 4.956   1.00 39.78 ? 150 VAL B CG1 1 
ATOM   1168 C  CG2 . VAL A 1 149 ? 11.670  -14.319 3.369   1.00 40.29 ? 150 VAL B CG2 1 
HETATM 1169 C  CAK . V98 B 2 .   ? 9.019   -4.389  -8.406  1.00 73.35 ? 201 V98 B CAK 1 
HETATM 1170 C  CAL . V98 B 2 .   ? 9.620   -4.395  -9.800  1.00 75.73 ? 201 V98 B CAL 1 
HETATM 1171 N  NAM . V98 B 2 .   ? 10.946  -5.056  -9.698  1.00 76.53 ? 201 V98 B NAM 1 
HETATM 1172 C  CAN . V98 B 2 .   ? 11.887  -4.345  -8.805  1.00 74.69 ? 201 V98 B CAN 1 
HETATM 1173 C  CAO . V98 B 2 .   ? 11.324  -4.290  -7.384  1.00 75.46 ? 201 V98 B CAO 1 
HETATM 1174 C  CAJ . V98 B 2 .   ? 9.926   -3.637  -7.412  1.00 71.98 ? 201 V98 B CAJ 1 
HETATM 1175 C  CAI . V98 B 2 .   ? 9.234   -3.677  -6.068  1.00 66.51 ? 201 V98 B CAI 1 
HETATM 1176 N  NAH . V98 B 2 .   ? 10.189  -3.475  -4.936  1.00 58.88 ? 201 V98 B NAH 1 
HETATM 1177 C  CAA . V98 B 2 .   ? 10.302  -2.068  -4.504  1.00 57.93 ? 201 V98 B CAA 1 
HETATM 1178 C  CAB . V98 B 2 .   ? 11.622  -1.594  -4.598  1.00 58.22 ? 201 V98 B CAB 1 
HETATM 1179 C  CAC . V98 B 2 .   ? 11.982  -0.634  -5.556  1.00 59.73 ? 201 V98 B CAC 1 
HETATM 1180 C  CAD . V98 B 2 .   ? 13.297  -0.152  -5.633  1.00 57.21 ? 201 V98 B CAD 1 
HETATM 1181 C  CAE . V98 B 2 .   ? 14.256  -0.616  -4.748  1.00 57.28 ? 201 V98 B CAE 1 
HETATM 1182 C  CAF . V98 B 2 .   ? 13.897  -1.555  -3.788  1.00 57.57 ? 201 V98 B CAF 1 
HETATM 1183 C  CAG . V98 B 2 .   ? 12.592  -2.036  -3.704  1.00 57.14 ? 201 V98 B CAG 1 
HETATM 1184 S  SAP . V98 B 2 .   ? 9.628   -4.505  -3.629  1.00 48.61 ? 201 V98 B SAP 1 
HETATM 1185 O  OAQ . V98 B 2 .   ? 10.518  -4.361  -2.393  1.00 49.74 ? 201 V98 B OAQ 1 
HETATM 1186 O  OAR . V98 B 2 .   ? 9.621   -5.948  -4.095  1.00 50.38 ? 201 V98 B OAR 1 
HETATM 1187 C  CAS . V98 B 2 .   ? 7.960   -4.054  -3.147  1.00 47.90 ? 201 V98 B CAS 1 
HETATM 1188 C  CAX . V98 B 2 .   ? 6.863   -4.799  -3.591  1.00 47.62 ? 201 V98 B CAX 1 
HETATM 1189 C  CAW . V98 B 2 .   ? 5.569   -4.435  -3.210  1.00 45.68 ? 201 V98 B CAW 1 
HETATM 1190 C  CAT . V98 B 2 .   ? 7.749   -2.948  -2.320  1.00 43.55 ? 201 V98 B CAT 1 
HETATM 1191 C  CAU . V98 B 2 .   ? 6.464   -2.587  -1.939  1.00 43.88 ? 201 V98 B CAU 1 
HETATM 1192 C  CAV . V98 B 2 .   ? 5.373   -3.332  -2.377  1.00 45.15 ? 201 V98 B CAV 1 
HETATM 1193 S  SAY . V98 B 2 .   ? 3.782   -2.895  -1.876  1.00 43.37 ? 201 V98 B SAY 1 
HETATM 1194 O  OAZ . V98 B 2 .   ? 2.782   -3.597  -2.782  1.00 44.49 ? 201 V98 B OAZ 1 
HETATM 1195 O  OBA . V98 B 2 .   ? 3.602   -1.393  -2.058  1.00 40.93 ? 201 V98 B OBA 1 
HETATM 1196 N  NBB . V98 B 2 .   ? 3.372   -3.367  -0.130  1.00 43.51 ? 201 V98 B NBB 1 
HETATM 1197 C  CBE . V98 B 2 .   ? 4.071   -4.439  0.620   1.00 46.80 ? 201 V98 B CBE 1 
HETATM 1198 C  CBF . V98 B 2 .   ? 5.087   -5.215  -0.130  1.00 46.73 ? 201 V98 B CBF 1 
HETATM 1199 C  CBG . V98 B 2 .   ? 5.258   -6.374  0.880   1.00 44.86 ? 201 V98 B CBG 1 
HETATM 1200 C  CBH . V98 B 2 .   ? 3.949   -6.505  1.649   1.00 45.30 ? 201 V98 B CBH 1 
HETATM 1201 C  CBI . V98 B 2 .   ? 3.058   -5.482  1.026   1.00 46.21 ? 201 V98 B CBI 1 
HETATM 1202 C  CBC . V98 B 2 .   ? 3.343   -2.204  0.784   1.00 45.71 ? 201 V98 B CBC 1 
HETATM 1203 C  CBD . V98 B 2 .   ? 2.050   -1.797  1.034   1.00 45.34 ? 201 V98 B CBD 1 
HETATM 1204 C  CBJ . V98 B 2 .   ? 1.826   -0.987  2.136   1.00 47.01 ? 201 V98 B CBJ 1 
HETATM 1205 C  CBK . V98 B 2 .   ? 0.548   -0.534  2.416   1.00 48.52 ? 201 V98 B CBK 1 
HETATM 1206 C  CBL . V98 B 2 .   ? -0.486  -0.904  1.576   1.00 51.23 ? 201 V98 B CBL 1 
HETATM 1207 CL CL  . V98 B 2 .   ? -2.012  -0.387  1.892   1.00 66.55 ? 201 V98 B CL  1 
HETATM 1208 C  CBM . V98 B 2 .   ? -0.271  -1.706  0.469   1.00 49.41 ? 201 V98 B CBM 1 
HETATM 1209 C  CBN . V98 B 2 .   ? 1.001   -2.161  0.193   1.00 45.79 ? 201 V98 B CBN 1 
HETATM 1210 O  O   . HOH C 3 .   ? 2.021   2.842   10.004  1.00 53.82 ? 301 HOH B O   1 
HETATM 1211 O  O   . HOH C 3 .   ? 16.698  -10.693 -5.266  1.00 42.54 ? 302 HOH B O   1 
HETATM 1212 O  O   . HOH C 3 .   ? 24.011  1.188   2.328   1.00 43.80 ? 303 HOH B O   1 
HETATM 1213 O  O   . HOH C 3 .   ? -14.901 -0.708  6.927   1.00 64.44 ? 304 HOH B O   1 
HETATM 1214 O  O   . HOH C 3 .   ? -19.811 8.880   3.173   1.00 20.65 ? 305 HOH B O   1 
HETATM 1215 O  O   . HOH C 3 .   ? 4.239   8.506   0.291   1.00 42.30 ? 306 HOH B O   1 
HETATM 1216 O  O   . HOH C 3 .   ? -2.000  9.051   -6.465  1.00 34.44 ? 307 HOH B O   1 
HETATM 1217 O  O   . HOH C 3 .   ? 22.135  -1.883  7.557   1.00 35.23 ? 308 HOH B O   1 
HETATM 1218 O  O   . HOH C 3 .   ? -11.076 0.866   -9.911  1.00 42.24 ? 309 HOH B O   1 
HETATM 1219 O  O   . HOH C 3 .   ? -15.203 -6.343  -4.571  1.00 47.47 ? 310 HOH B O   1 
HETATM 1220 O  O   . HOH C 3 .   ? 3.135   -14.431 2.258   1.00 62.31 ? 311 HOH B O   1 
HETATM 1221 O  O   . HOH C 3 .   ? 5.037   -11.005 6.035   1.00 67.26 ? 312 HOH B O   1 
HETATM 1222 O  O   . HOH C 3 .   ? -16.775 5.880   9.858   1.00 37.52 ? 313 HOH B O   1 
HETATM 1223 O  O   . HOH C 3 .   ? -19.710 -4.478  -1.527  1.00 37.57 ? 314 HOH B O   1 
HETATM 1224 O  O   . HOH C 3 .   ? 15.298  2.741   7.339   1.00 66.07 ? 315 HOH B O   1 
HETATM 1225 O  O   . HOH C 3 .   ? -14.354 6.468   -10.932 1.00 30.13 ? 316 HOH B O   1 
HETATM 1226 O  O   . HOH C 3 .   ? -2.698  8.990   9.653   1.00 74.67 ? 317 HOH B O   1 
HETATM 1227 O  O   . HOH C 3 .   ? 15.285  -3.439  10.814  1.00 75.54 ? 318 HOH B O   1 
HETATM 1228 O  O   . HOH C 3 .   ? -3.511  1.989   -10.757 1.00 27.75 ? 319 HOH B O   1 
HETATM 1229 O  O   . HOH C 3 .   ? 11.719  9.497   -5.680  1.00 38.89 ? 320 HOH B O   1 
HETATM 1230 O  O   . HOH C 3 .   ? -17.471 13.184  9.638   0.50 31.30 ? 321 HOH B O   1 
HETATM 1231 O  O   . HOH C 3 .   ? 4.306   2.079   -11.069 1.00 42.25 ? 322 HOH B O   1 
# 
